data_3BF3
#
_entry.id   3BF3
#
_cell.length_a   75.091
_cell.length_b   137.256
_cell.length_c   75.248
_cell.angle_alpha   90.00
_cell.angle_beta   110.44
_cell.angle_gamma   90.00
#
_symmetry.space_group_name_H-M   'P 1 21 1'
#
loop_
_entity.id
_entity.type
_entity.pdbx_description
1 polymer 'Type III pantothenate kinase'
2 non-polymer 'MAGNESIUM ION'
3 non-polymer N-[(2R)-2-hydroxy-3,3-dimethyl-4-(phosphonooxy)butanoyl]-beta-alanine
4 water water
#
_entity_poly.entity_id   1
_entity_poly.type   'polypeptide(L)'
_entity_poly.pdbx_seq_one_letter_code
;MDPMYLLVDVGNTHSVFSITEDGKTFRRWRLSTGVFQTEDELFSHLHPLLGDAMREIKGIGVASVVPTQNTVIERFSQKY
FHISPIWVKAKNGCVKWNVKNPSEVGADRVANVVAFVKEYGKNGIIIDMGTATTVDLVVNGSYEGGAILPGFFMMVHSLF
RGTAKLPLVEVKPADFVVGKDTEENIRLGVVNGSVYALEGIIGRIKEVYGDLPVVLTGGQSKIVKDMIKHEIFDEDLTIK
GVYHFCFGD
;
_entity_poly.pdbx_strand_id   A,B,C,D,E,F
#
loop_
_chem_comp.id
_chem_comp.type
_chem_comp.name
_chem_comp.formula
MG non-polymer 'MAGNESIUM ION' 'Mg 2'
PAZ non-polymer N-[(2R)-2-hydroxy-3,3-dimethyl-4-(phosphonooxy)butanoyl]-beta-alanine 'C9 H18 N O8 P'
#
# COMPACT_ATOMS: atom_id res chain seq x y z
N MET A 1 33.59 6.44 -38.39
CA MET A 1 34.64 7.08 -37.54
C MET A 1 34.11 7.73 -36.27
N ASP A 2 32.80 7.97 -36.24
CA ASP A 2 32.16 8.57 -35.06
C ASP A 2 30.99 7.70 -34.63
N PRO A 3 31.28 6.49 -34.10
CA PRO A 3 30.19 5.58 -33.77
C PRO A 3 29.30 6.12 -32.65
N MET A 4 28.01 5.77 -32.72
CA MET A 4 27.03 6.20 -31.73
C MET A 4 26.98 5.28 -30.52
N TYR A 5 26.93 5.90 -29.34
CA TYR A 5 26.81 5.16 -28.08
C TYR A 5 25.53 5.56 -27.37
N LEU A 6 24.88 4.58 -26.74
CA LEU A 6 23.70 4.83 -25.93
C LEU A 6 24.11 4.76 -24.47
N LEU A 7 23.76 5.80 -23.74
CA LEU A 7 24.10 5.88 -22.32
C LEU A 7 22.79 5.86 -21.55
N VAL A 8 22.73 5.04 -20.49
CA VAL A 8 21.51 4.88 -19.70
C VAL A 8 21.81 5.14 -18.24
N ASP A 9 20.95 5.95 -17.59
CA ASP A 9 20.99 6.20 -16.17
C ASP A 9 19.65 5.75 -15.60
N VAL A 10 19.62 4.57 -14.99
CA VAL A 10 18.39 4.00 -14.43
C VAL A 10 18.22 4.48 -12.99
N GLY A 11 17.27 5.42 -12.82
CA GLY A 11 16.96 5.96 -11.51
C GLY A 11 15.71 5.33 -10.92
N ASN A 12 15.46 5.62 -9.64
CA ASN A 12 14.33 5.00 -8.96
C ASN A 12 12.96 5.38 -9.52
N THR A 13 12.85 6.59 -10.03
CA THR A 13 11.60 7.09 -10.57
C THR A 13 11.67 7.17 -12.11
N HIS A 14 12.77 7.74 -12.61
CA HIS A 14 12.97 7.85 -14.07
C HIS A 14 14.31 7.29 -14.56
N SER A 15 14.33 6.95 -15.84
CA SER A 15 15.54 6.49 -16.50
C SER A 15 15.84 7.47 -17.63
N VAL A 16 17.11 7.84 -17.74
CA VAL A 16 17.58 8.78 -18.76
C VAL A 16 18.28 7.97 -19.85
N PHE A 17 17.93 8.24 -21.10
CA PHE A 17 18.57 7.59 -22.24
C PHE A 17 19.18 8.68 -23.09
N SER A 18 20.46 8.54 -23.41
CA SER A 18 21.15 9.60 -24.15
C SER A 18 22.01 8.98 -25.23
N ILE A 19 22.10 9.67 -26.37
CA ILE A 19 23.01 9.19 -27.42
C ILE A 19 24.09 10.24 -27.66
N THR A 20 25.30 9.75 -27.99
CA THR A 20 26.42 10.63 -28.35
C THR A 20 27.27 9.94 -29.40
N GLU A 21 27.87 10.75 -30.26
CA GLU A 21 28.75 10.26 -31.32
C GLU A 21 30.18 10.67 -31.06
N ASP A 22 30.41 11.36 -29.94
CA ASP A 22 31.72 11.92 -29.62
C ASP A 22 32.04 12.02 -28.13
N GLY A 23 31.05 11.75 -27.29
CA GLY A 23 31.19 11.98 -25.85
C GLY A 23 31.35 13.44 -25.44
N LYS A 24 30.95 14.35 -26.33
CA LYS A 24 31.01 15.78 -26.02
C LYS A 24 29.63 16.44 -26.12
N THR A 25 28.86 16.04 -27.14
CA THR A 25 27.48 16.50 -27.25
C THR A 25 26.57 15.29 -27.08
N PHE A 26 25.46 15.53 -26.37
CA PHE A 26 24.51 14.46 -26.01
C PHE A 26 23.09 14.87 -26.36
N ARG A 27 22.32 13.94 -26.93
CA ARG A 27 20.87 14.11 -27.08
C ARG A 27 20.25 13.26 -25.98
N ARG A 28 19.26 13.81 -25.24
CA ARG A 28 18.71 13.11 -24.06
C ARG A 28 17.20 12.93 -24.14
N TRP A 29 16.74 11.79 -23.63
CA TRP A 29 15.31 11.57 -23.36
C TRP A 29 15.17 10.98 -21.97
N ARG A 30 13.97 11.00 -21.42
CA ARG A 30 13.72 10.46 -20.09
C ARG A 30 12.42 9.69 -20.16
N LEU A 31 12.37 8.56 -19.46
CA LEU A 31 11.16 7.73 -19.36
C LEU A 31 10.94 7.34 -17.90
N SER A 32 9.71 6.96 -17.55
CA SER A 32 9.50 6.36 -16.23
C SER A 32 10.27 5.05 -16.15
N THR A 33 10.75 4.72 -14.95
CA THR A 33 11.44 3.45 -14.75
C THR A 33 10.45 2.26 -14.81
N GLY A 34 9.29 2.35 -14.18
CA GLY A 34 8.27 1.32 -14.46
C GLY A 34 8.63 -0.12 -14.10
N VAL A 35 7.86 -0.63 -13.13
CA VAL A 35 8.23 -1.82 -12.36
C VAL A 35 8.42 -3.11 -13.17
N PHE A 36 7.40 -3.47 -13.92
CA PHE A 36 7.37 -4.74 -14.63
C PHE A 36 7.61 -4.55 -16.12
N GLN A 37 8.31 -3.49 -16.50
CA GLN A 37 8.52 -3.26 -17.92
C GLN A 37 9.43 -4.31 -18.53
N THR A 38 9.30 -4.49 -19.83
CA THR A 38 10.07 -5.52 -20.55
C THR A 38 10.99 -4.87 -21.57
N GLU A 39 11.84 -5.70 -22.18
CA GLU A 39 12.76 -5.22 -23.22
C GLU A 39 12.00 -4.70 -24.43
N ASP A 40 10.88 -5.34 -24.77
CA ASP A 40 10.07 -4.93 -25.92
C ASP A 40 9.35 -3.62 -25.65
N GLU A 41 8.91 -3.45 -24.41
CA GLU A 41 8.27 -2.22 -23.99
C GLU A 41 9.25 -1.03 -24.04
N LEU A 42 10.48 -1.25 -23.59
CA LEU A 42 11.54 -0.25 -23.67
C LEU A 42 11.82 0.14 -25.13
N PHE A 43 11.99 -0.86 -25.99
CA PHE A 43 12.18 -0.58 -27.42
C PHE A 43 11.01 0.21 -27.99
N SER A 44 9.80 -0.20 -27.64
CA SER A 44 8.59 0.47 -28.12
C SER A 44 8.57 1.93 -27.70
N HIS A 45 8.97 2.21 -26.46
CA HIS A 45 9.02 3.60 -26.01
C HIS A 45 10.11 4.39 -26.74
N LEU A 46 11.27 3.77 -26.94
CA LEU A 46 12.42 4.49 -27.52
C LEU A 46 12.35 4.68 -29.02
N HIS A 47 11.63 3.78 -29.69
CA HIS A 47 11.57 3.79 -31.16
C HIS A 47 11.20 5.14 -31.79
N PRO A 48 10.08 5.78 -31.37
CA PRO A 48 9.74 7.12 -31.91
C PRO A 48 10.63 8.25 -31.46
N LEU A 49 11.40 8.02 -30.39
CA LEU A 49 12.29 9.05 -29.86
C LEU A 49 13.66 9.05 -30.54
N LEU A 50 14.32 7.89 -30.60
CA LEU A 50 15.63 7.78 -31.22
C LEU A 50 15.54 7.78 -32.74
N GLY A 51 14.43 7.28 -33.27
CA GLY A 51 14.20 7.20 -34.71
C GLY A 51 15.32 6.44 -35.40
N ASP A 52 15.85 7.04 -36.47
CA ASP A 52 16.95 6.45 -37.26
C ASP A 52 18.18 6.09 -36.43
N ALA A 53 18.48 6.93 -35.43
CA ALA A 53 19.64 6.71 -34.56
C ALA A 53 19.67 5.32 -33.91
N MET A 54 18.49 4.70 -33.78
CA MET A 54 18.39 3.38 -33.16
C MET A 54 19.40 2.41 -33.77
N ARG A 55 19.36 2.24 -35.09
CA ARG A 55 20.20 1.27 -35.76
C ARG A 55 21.68 1.68 -35.94
N GLU A 56 22.06 2.82 -35.37
CA GLU A 56 23.46 3.27 -35.41
C GLU A 56 24.21 2.97 -34.11
N ILE A 57 23.49 2.55 -33.08
CA ILE A 57 24.10 2.34 -31.76
C ILE A 57 25.07 1.16 -31.78
N LYS A 58 26.32 1.44 -31.38
CA LYS A 58 27.39 0.45 -31.42
C LYS A 58 27.83 -0.04 -30.02
N GLY A 59 27.41 0.66 -28.98
CA GLY A 59 27.74 0.27 -27.60
C GLY A 59 26.73 0.86 -26.65
N ILE A 60 26.47 0.17 -25.55
CA ILE A 60 25.50 0.63 -24.55
C ILE A 60 26.15 0.64 -23.18
N GLY A 61 26.10 1.78 -22.50
CA GLY A 61 26.69 1.91 -21.17
C GLY A 61 25.59 2.27 -20.20
N VAL A 62 25.64 1.69 -19.00
CA VAL A 62 24.54 1.87 -18.04
C VAL A 62 25.01 2.11 -16.62
N ALA A 63 24.44 3.11 -15.97
CA ALA A 63 24.53 3.23 -14.52
C ALA A 63 23.13 2.95 -14.00
N SER A 64 22.99 2.01 -13.08
CA SER A 64 21.66 1.69 -12.54
C SER A 64 21.65 1.62 -11.04
N VAL A 65 20.64 2.24 -10.41
CA VAL A 65 20.46 2.05 -8.96
C VAL A 65 19.19 1.26 -8.63
N VAL A 66 18.69 0.53 -9.62
CA VAL A 66 17.49 -0.29 -9.43
C VAL A 66 17.80 -1.69 -9.94
N PRO A 67 18.35 -2.55 -9.08
CA PRO A 67 18.77 -3.89 -9.52
C PRO A 67 17.73 -4.70 -10.29
N THR A 68 16.45 -4.61 -9.92
CA THR A 68 15.42 -5.39 -10.62
C THR A 68 15.30 -5.03 -12.10
N GLN A 69 15.71 -3.80 -12.45
CA GLN A 69 15.58 -3.32 -13.84
C GLN A 69 16.73 -3.83 -14.71
N ASN A 70 17.78 -4.35 -14.08
CA ASN A 70 18.99 -4.62 -14.86
C ASN A 70 18.83 -5.71 -15.90
N THR A 71 18.09 -6.76 -15.59
CA THR A 71 17.85 -7.81 -16.59
C THR A 71 17.09 -7.28 -17.80
N VAL A 72 16.20 -6.31 -17.61
CA VAL A 72 15.47 -5.68 -18.74
C VAL A 72 16.45 -4.97 -19.65
N ILE A 73 17.34 -4.18 -19.06
CA ILE A 73 18.34 -3.47 -19.86
C ILE A 73 19.24 -4.47 -20.59
N GLU A 74 19.63 -5.53 -19.89
CA GLU A 74 20.49 -6.56 -20.50
C GLU A 74 19.79 -7.18 -21.70
N ARG A 75 18.53 -7.58 -21.51
CA ARG A 75 17.76 -8.25 -22.57
C ARG A 75 17.49 -7.35 -23.77
N PHE A 76 17.19 -6.08 -23.48
CA PHE A 76 17.05 -5.04 -24.50
C PHE A 76 18.31 -4.91 -25.35
N SER A 77 19.47 -4.79 -24.69
CA SER A 77 20.73 -4.64 -25.41
C SER A 77 21.02 -5.84 -26.31
N GLN A 78 20.83 -7.03 -25.76
CA GLN A 78 21.10 -8.27 -26.49
C GLN A 78 20.12 -8.47 -27.64
N LYS A 79 18.84 -8.25 -27.37
CA LYS A 79 17.82 -8.50 -28.40
C LYS A 79 17.89 -7.50 -29.56
N TYR A 80 18.04 -6.23 -29.23
CA TYR A 80 17.88 -5.21 -30.25
C TYR A 80 19.20 -4.75 -30.86
N PHE A 81 20.31 -5.06 -30.16
CA PHE A 81 21.63 -4.60 -30.60
C PHE A 81 22.70 -5.69 -30.62
N HIS A 82 22.37 -6.88 -30.13
CA HIS A 82 23.28 -8.04 -30.16
C HIS A 82 24.59 -7.76 -29.40
N ILE A 83 24.47 -6.97 -28.35
CA ILE A 83 25.60 -6.64 -27.48
C ILE A 83 25.14 -6.71 -26.04
N SER A 84 26.10 -6.84 -25.12
CA SER A 84 25.83 -6.71 -23.70
C SER A 84 26.23 -5.30 -23.27
N PRO A 85 25.46 -4.71 -22.34
CA PRO A 85 25.82 -3.38 -21.88
C PRO A 85 27.01 -3.43 -20.97
N ILE A 86 27.67 -2.28 -20.81
CA ILE A 86 28.78 -2.14 -19.89
C ILE A 86 28.24 -1.46 -18.64
N TRP A 87 28.49 -2.05 -17.48
CA TRP A 87 27.83 -1.59 -16.25
C TRP A 87 28.80 -0.74 -15.42
N VAL A 88 28.39 0.48 -15.12
CA VAL A 88 29.19 1.34 -14.24
C VAL A 88 29.23 0.76 -12.81
N LYS A 89 30.44 0.70 -12.25
CA LYS A 89 30.69 0.14 -10.95
C LYS A 89 31.94 0.83 -10.37
N ALA A 90 32.06 0.86 -9.05
CA ALA A 90 33.27 1.41 -8.43
C ALA A 90 34.40 0.41 -8.68
N LYS A 91 35.49 0.88 -9.27
CA LYS A 91 36.68 0.03 -9.44
C LYS A 91 37.93 0.88 -9.41
N ASN A 92 39.07 0.23 -9.15
CA ASN A 92 40.32 0.96 -9.10
C ASN A 92 40.79 1.45 -10.47
N GLY A 93 41.60 2.49 -10.45
CA GLY A 93 42.09 3.12 -11.67
C GLY A 93 42.12 4.63 -11.48
N CYS A 94 41.25 5.32 -12.22
CA CYS A 94 41.28 6.79 -12.27
C CYS A 94 40.78 7.45 -10.98
N VAL A 95 40.02 6.71 -10.18
CA VAL A 95 39.51 7.20 -8.89
C VAL A 95 39.90 6.24 -7.77
N LYS A 96 40.33 6.80 -6.64
CA LYS A 96 40.58 6.00 -5.44
C LYS A 96 39.35 6.09 -4.55
N TRP A 97 38.84 4.95 -4.11
CA TRP A 97 37.57 4.91 -3.39
C TRP A 97 37.79 4.74 -1.89
N ASN A 98 37.95 5.88 -1.21
CA ASN A 98 38.30 5.91 0.22
C ASN A 98 37.09 5.83 1.13
N VAL A 99 36.32 4.77 0.96
CA VAL A 99 35.16 4.51 1.78
C VAL A 99 35.15 3.05 2.19
N LYS A 100 34.30 2.72 3.15
CA LYS A 100 34.26 1.39 3.74
C LYS A 100 33.89 0.28 2.77
N ASN A 101 32.87 0.51 1.95
CA ASN A 101 32.35 -0.50 1.03
C ASN A 101 32.13 0.14 -0.34
N PRO A 102 33.21 0.33 -1.12
CA PRO A 102 33.00 0.96 -2.43
C PRO A 102 31.94 0.29 -3.30
N SER A 103 31.78 -1.02 -3.17
CA SER A 103 30.80 -1.73 -4.00
C SER A 103 29.36 -1.30 -3.71
N GLU A 104 29.14 -0.66 -2.56
CA GLU A 104 27.78 -0.26 -2.19
C GLU A 104 27.43 1.17 -2.64
N VAL A 105 28.41 1.88 -3.19
CA VAL A 105 28.17 3.23 -3.67
C VAL A 105 27.29 3.15 -4.91
N GLY A 106 26.23 3.95 -4.93
CA GLY A 106 25.30 3.91 -6.07
C GLY A 106 26.01 4.22 -7.38
N ALA A 107 25.65 3.50 -8.44
CA ALA A 107 26.28 3.67 -9.77
C ALA A 107 26.18 5.09 -10.29
N ASP A 108 25.08 5.79 -9.97
CA ASP A 108 24.96 7.19 -10.41
C ASP A 108 26.01 8.07 -9.77
N ARG A 109 26.25 7.83 -8.49
CA ARG A 109 27.30 8.54 -7.74
C ARG A 109 28.69 8.26 -8.31
N VAL A 110 28.96 6.98 -8.55
CA VAL A 110 30.22 6.59 -9.21
C VAL A 110 30.38 7.33 -10.55
N ALA A 111 29.33 7.31 -11.38
CA ALA A 111 29.36 8.01 -12.67
C ALA A 111 29.66 9.50 -12.49
N ASN A 112 29.00 10.13 -11.52
CA ASN A 112 29.24 11.55 -11.22
C ASN A 112 30.70 11.84 -10.88
N VAL A 113 31.30 10.98 -10.05
CA VAL A 113 32.68 11.15 -9.61
C VAL A 113 33.65 10.98 -10.78
N VAL A 114 33.42 9.95 -11.59
CA VAL A 114 34.23 9.70 -12.79
C VAL A 114 34.16 10.90 -13.74
N ALA A 115 32.94 11.37 -14.02
CA ALA A 115 32.79 12.55 -14.88
C ALA A 115 33.52 13.74 -14.29
N PHE A 116 33.43 13.91 -12.97
CA PHE A 116 34.06 15.06 -12.34
C PHE A 116 35.58 15.03 -12.52
N VAL A 117 36.17 13.88 -12.20
CA VAL A 117 37.62 13.72 -12.24
C VAL A 117 38.11 13.85 -13.70
N LYS A 118 37.32 13.35 -14.64
CA LYS A 118 37.74 13.41 -16.04
C LYS A 118 37.66 14.83 -16.59
N GLU A 119 36.60 15.55 -16.25
CA GLU A 119 36.31 16.83 -16.93
C GLU A 119 36.57 18.09 -16.13
N TYR A 120 36.50 18.00 -14.81
CA TYR A 120 36.55 19.21 -14.00
C TYR A 120 37.82 19.38 -13.17
N GLY A 121 38.27 18.32 -12.50
CA GLY A 121 39.44 18.40 -11.62
C GLY A 121 39.46 17.32 -10.57
N LYS A 122 40.49 17.34 -9.72
CA LYS A 122 40.74 16.31 -8.71
C LYS A 122 40.05 16.62 -7.38
N ASN A 123 39.45 17.79 -7.30
CA ASN A 123 38.89 18.31 -6.04
C ASN A 123 37.51 18.94 -6.25
N GLY A 124 36.51 18.47 -5.54
CA GLY A 124 35.20 19.07 -5.70
C GLY A 124 34.11 18.41 -4.87
N ILE A 125 32.95 19.05 -4.88
CA ILE A 125 31.79 18.56 -4.16
C ILE A 125 30.66 18.52 -5.19
N ILE A 126 30.04 17.35 -5.31
CA ILE A 126 28.98 17.14 -6.30
C ILE A 126 27.64 17.06 -5.58
N ILE A 127 26.69 17.90 -5.96
CA ILE A 127 25.31 17.84 -5.44
C ILE A 127 24.41 17.34 -6.56
N ASP A 128 23.75 16.22 -6.33
CA ASP A 128 22.88 15.63 -7.34
C ASP A 128 21.48 15.53 -6.76
N MET A 129 20.58 16.39 -7.26
CA MET A 129 19.22 16.45 -6.76
C MET A 129 18.27 15.61 -7.61
N GLY A 130 18.00 14.40 -7.14
CA GLY A 130 17.08 13.51 -7.82
C GLY A 130 16.09 12.91 -6.84
N THR A 131 15.81 11.61 -7.01
CA THR A 131 14.82 10.95 -6.11
C THR A 131 15.30 11.13 -4.68
N ALA A 132 16.59 10.86 -4.47
CA ALA A 132 17.28 11.34 -3.27
C ALA A 132 18.22 12.43 -3.73
N THR A 133 18.66 13.24 -2.79
CA THR A 133 19.67 14.25 -3.10
C THR A 133 20.95 13.76 -2.48
N THR A 134 22.01 13.69 -3.29
CA THR A 134 23.28 13.21 -2.75
C THR A 134 24.33 14.31 -2.75
N VAL A 135 25.24 14.23 -1.80
CA VAL A 135 26.45 15.03 -1.78
C VAL A 135 27.61 14.04 -1.92
N ASP A 136 28.55 14.33 -2.81
CA ASP A 136 29.73 13.47 -3.00
C ASP A 136 30.98 14.31 -2.93
N LEU A 137 31.97 13.84 -2.17
CA LEU A 137 33.21 14.58 -1.98
C LEU A 137 34.38 13.89 -2.66
N VAL A 138 35.14 14.66 -3.45
CA VAL A 138 36.34 14.17 -4.13
C VAL A 138 37.49 15.07 -3.70
N VAL A 139 38.54 14.47 -3.15
CA VAL A 139 39.73 15.23 -2.70
C VAL A 139 40.98 14.57 -3.28
N ASN A 140 41.75 15.34 -4.04
CA ASN A 140 42.99 14.84 -4.67
C ASN A 140 42.74 13.54 -5.46
N GLY A 141 41.57 13.46 -6.12
CA GLY A 141 41.22 12.29 -6.93
C GLY A 141 40.73 11.07 -6.16
N SER A 142 40.50 11.23 -4.86
CA SER A 142 39.96 10.16 -4.03
C SER A 142 38.51 10.48 -3.65
N TYR A 143 37.63 9.51 -3.85
CA TYR A 143 36.28 9.67 -3.34
C TYR A 143 36.28 9.47 -1.83
N GLU A 144 35.76 10.46 -1.10
CA GLU A 144 35.83 10.45 0.34
C GLU A 144 34.51 10.08 1.03
N GLY A 145 33.43 10.04 0.26
CA GLY A 145 32.11 9.72 0.80
C GLY A 145 31.17 10.88 0.59
N GLY A 146 30.12 10.95 1.40
CA GLY A 146 29.18 12.05 1.25
C GLY A 146 27.97 11.95 2.15
N ALA A 147 26.84 12.42 1.61
CA ALA A 147 25.57 12.46 2.35
C ALA A 147 24.43 12.07 1.42
N ILE A 148 23.35 11.56 1.99
CA ILE A 148 22.12 11.24 1.26
C ILE A 148 20.97 11.89 2.02
N LEU A 149 20.15 12.65 1.30
CA LEU A 149 18.97 13.33 1.85
C LEU A 149 17.78 12.86 1.01
N PRO A 150 16.56 12.88 1.57
CA PRO A 150 15.41 12.65 0.70
C PRO A 150 15.33 13.81 -0.32
N GLY A 151 14.93 13.51 -1.55
CA GLY A 151 14.77 14.56 -2.57
C GLY A 151 13.54 15.43 -2.31
N PHE A 152 13.43 16.54 -3.04
CA PHE A 152 12.31 17.44 -2.76
C PHE A 152 10.96 16.76 -2.88
N PHE A 153 10.73 16.03 -3.97
CA PHE A 153 9.41 15.42 -4.12
C PHE A 153 9.20 14.35 -3.05
N MET A 154 10.24 13.57 -2.78
CA MET A 154 10.16 12.56 -1.72
C MET A 154 9.69 13.20 -0.42
N MET A 155 10.23 14.38 -0.12
CA MET A 155 9.87 15.07 1.10
C MET A 155 8.40 15.50 1.11
N VAL A 156 7.95 16.20 0.07
CA VAL A 156 6.53 16.66 0.11
C VAL A 156 5.60 15.45 0.09
N HIS A 157 5.98 14.41 -0.65
CA HIS A 157 5.16 13.19 -0.70
C HIS A 157 5.10 12.51 0.68
N SER A 158 6.24 12.49 1.37
CA SER A 158 6.28 11.86 2.71
C SER A 158 5.35 12.59 3.69
N LEU A 159 5.27 13.92 3.55
CA LEU A 159 4.45 14.71 4.48
C LEU A 159 2.98 14.47 4.20
N PHE A 160 2.66 14.31 2.93
CA PHE A 160 1.30 14.02 2.47
C PHE A 160 0.87 12.66 2.95
N ARG A 161 1.61 11.62 2.57
CA ARG A 161 1.21 10.26 2.93
C ARG A 161 1.30 9.95 4.42
N GLY A 162 2.14 10.69 5.13
CA GLY A 162 2.51 10.37 6.51
C GLY A 162 1.76 11.13 7.58
N THR A 163 0.81 11.97 7.15
CA THR A 163 -0.02 12.75 8.08
C THR A 163 -1.48 12.77 7.63
N ALA A 164 -2.39 13.00 8.55
CA ALA A 164 -3.79 13.04 8.20
C ALA A 164 -4.11 14.35 7.45
N LYS A 165 -3.54 15.47 7.93
CA LYS A 165 -4.03 16.78 7.49
C LYS A 165 -3.29 17.45 6.36
N LEU A 166 -2.06 17.03 6.07
CA LEU A 166 -1.22 17.76 5.12
C LEU A 166 -1.50 17.35 3.68
N PRO A 167 -1.62 18.35 2.79
CA PRO A 167 -1.82 18.07 1.39
C PRO A 167 -0.48 17.81 0.69
N LEU A 168 -0.56 17.33 -0.56
CA LEU A 168 0.63 17.19 -1.41
C LEU A 168 0.92 18.55 -2.03
N VAL A 169 2.06 19.13 -1.69
CA VAL A 169 2.40 20.49 -2.13
C VAL A 169 3.36 20.49 -3.32
N GLU A 170 3.18 21.47 -4.21
CA GLU A 170 4.11 21.65 -5.33
C GLU A 170 5.49 22.10 -4.86
N VAL A 171 6.52 21.53 -5.49
CA VAL A 171 7.89 21.90 -5.16
C VAL A 171 8.24 23.24 -5.82
N LYS A 172 8.27 24.29 -5.00
CA LYS A 172 8.53 25.65 -5.45
C LYS A 172 9.15 26.42 -4.26
N PRO A 173 10.27 27.14 -4.50
CA PRO A 173 10.93 27.81 -3.37
C PRO A 173 10.01 28.82 -2.73
N ALA A 174 10.22 29.05 -1.45
CA ALA A 174 9.53 30.08 -0.70
C ALA A 174 10.24 31.41 -0.90
N ASP A 175 9.47 32.42 -1.27
CA ASP A 175 9.98 33.80 -1.34
C ASP A 175 9.44 34.61 -0.15
N PHE A 176 9.59 34.04 1.04
CA PHE A 176 9.08 34.60 2.30
C PHE A 176 9.84 33.93 3.45
N VAL A 177 9.83 34.57 4.61
CA VAL A 177 10.64 34.13 5.74
C VAL A 177 9.87 33.20 6.68
N VAL A 178 8.54 33.37 6.71
CA VAL A 178 7.63 32.46 7.42
C VAL A 178 6.42 32.20 6.56
N GLY A 179 5.96 30.95 6.56
CA GLY A 179 4.78 30.60 5.76
C GLY A 179 3.49 31.04 6.43
N LYS A 180 2.53 31.53 5.63
CA LYS A 180 1.26 32.06 6.16
C LYS A 180 0.07 31.13 5.90
N ASP A 181 0.33 30.01 5.25
CA ASP A 181 -0.64 28.94 5.16
C ASP A 181 0.10 27.61 5.06
N THR A 182 -0.63 26.51 5.09
CA THR A 182 0.02 25.20 5.12
C THR A 182 0.96 24.98 3.93
N GLU A 183 0.50 25.26 2.71
CA GLU A 183 1.35 25.06 1.55
C GLU A 183 2.66 25.84 1.63
N GLU A 184 2.56 27.09 2.07
CA GLU A 184 3.74 27.94 2.22
C GLU A 184 4.67 27.38 3.30
N ASN A 185 4.10 26.89 4.39
CA ASN A 185 4.91 26.29 5.46
C ASN A 185 5.74 25.14 4.91
N ILE A 186 5.11 24.30 4.09
CA ILE A 186 5.79 23.12 3.55
C ILE A 186 6.85 23.51 2.52
N ARG A 187 6.55 24.49 1.67
CA ARG A 187 7.54 24.94 0.68
C ARG A 187 8.78 25.47 1.40
N LEU A 188 8.58 26.28 2.43
CA LEU A 188 9.70 26.81 3.19
C LEU A 188 10.51 25.67 3.83
N GLY A 189 9.81 24.73 4.48
CA GLY A 189 10.52 23.68 5.23
C GLY A 189 11.25 22.73 4.30
N VAL A 190 10.58 22.34 3.22
CA VAL A 190 11.16 21.36 2.30
C VAL A 190 12.14 21.95 1.32
N VAL A 191 11.74 23.01 0.61
CA VAL A 191 12.59 23.50 -0.46
C VAL A 191 13.74 24.35 0.10
N ASN A 192 13.40 25.49 0.70
CA ASN A 192 14.42 26.33 1.32
C ASN A 192 15.18 25.54 2.39
N GLY A 193 14.47 24.71 3.14
CA GLY A 193 15.09 23.95 4.21
C GLY A 193 16.15 23.01 3.66
N SER A 194 15.84 22.31 2.57
CA SER A 194 16.80 21.35 1.99
C SER A 194 18.01 22.11 1.45
N VAL A 195 17.76 23.27 0.85
CA VAL A 195 18.87 24.11 0.42
C VAL A 195 19.79 24.45 1.61
N TYR A 196 19.22 24.89 2.72
CA TYR A 196 20.02 25.19 3.94
C TYR A 196 20.74 23.95 4.44
N ALA A 197 20.07 22.80 4.37
CA ALA A 197 20.67 21.54 4.78
C ALA A 197 21.94 21.33 3.96
N LEU A 198 21.82 21.49 2.65
CA LEU A 198 22.96 21.24 1.75
C LEU A 198 24.09 22.23 2.01
N GLU A 199 23.72 23.49 2.21
CA GLU A 199 24.73 24.52 2.46
C GLU A 199 25.47 24.28 3.77
N GLY A 200 24.79 23.72 4.79
CA GLY A 200 25.44 23.39 6.05
C GLY A 200 26.40 22.23 5.91
N ILE A 201 25.99 21.20 5.17
CA ILE A 201 26.88 20.06 4.93
C ILE A 201 28.11 20.51 4.14
N ILE A 202 27.88 21.31 3.09
CA ILE A 202 28.94 21.79 2.22
C ILE A 202 29.88 22.67 3.07
N GLY A 203 29.29 23.55 3.89
CA GLY A 203 30.10 24.44 4.72
C GLY A 203 31.03 23.71 5.65
N ARG A 204 30.53 22.66 6.30
CA ARG A 204 31.33 21.87 7.21
C ARG A 204 32.43 21.10 6.47
N ILE A 205 32.11 20.62 5.26
CA ILE A 205 33.12 19.99 4.41
C ILE A 205 34.25 20.98 4.10
N LYS A 206 33.89 22.19 3.70
CA LYS A 206 34.87 23.20 3.29
C LYS A 206 35.76 23.66 4.46
N GLU A 207 35.23 23.60 5.67
CA GLU A 207 36.03 23.88 6.87
C GLU A 207 37.17 22.88 7.00
N VAL A 208 36.88 21.61 6.74
CA VAL A 208 37.88 20.55 6.85
C VAL A 208 38.80 20.51 5.61
N TYR A 209 38.22 20.62 4.42
CA TYR A 209 38.95 20.37 3.17
C TYR A 209 39.29 21.59 2.30
N GLY A 210 38.88 22.77 2.74
CA GLY A 210 39.09 24.00 1.95
C GLY A 210 38.01 24.29 0.93
N ASP A 211 38.19 25.38 0.18
CA ASP A 211 37.15 25.93 -0.72
C ASP A 211 37.00 25.21 -2.07
N LEU A 212 36.56 23.97 -2.01
CA LEU A 212 36.37 23.16 -3.21
C LEU A 212 35.26 23.66 -4.12
N PRO A 213 35.42 23.49 -5.46
CA PRO A 213 34.31 23.85 -6.35
C PRO A 213 33.12 22.93 -6.11
N VAL A 214 31.93 23.49 -6.29
CA VAL A 214 30.68 22.77 -6.14
C VAL A 214 30.01 22.64 -7.50
N VAL A 215 29.69 21.41 -7.88
CA VAL A 215 28.91 21.17 -9.09
C VAL A 215 27.50 20.68 -8.75
N LEU A 216 26.51 21.28 -9.40
CA LEU A 216 25.11 20.91 -9.23
C LEU A 216 24.59 20.17 -10.45
N THR A 217 23.87 19.09 -10.21
CA THR A 217 23.23 18.31 -11.29
C THR A 217 21.96 17.66 -10.76
N GLY A 218 21.25 16.92 -11.62
CA GLY A 218 20.04 16.19 -11.22
C GLY A 218 18.74 16.77 -11.74
N GLY A 219 17.73 15.91 -11.83
CA GLY A 219 16.44 16.26 -12.41
C GLY A 219 15.67 17.33 -11.67
N GLN A 220 15.97 17.49 -10.38
CA GLN A 220 15.28 18.45 -9.52
C GLN A 220 16.16 19.67 -9.19
N SER A 221 17.33 19.79 -9.82
CA SER A 221 18.26 20.87 -9.52
C SER A 221 17.92 22.25 -10.10
N LYS A 222 17.27 22.29 -11.25
CA LYS A 222 17.03 23.59 -11.92
C LYS A 222 16.19 24.53 -11.06
N ILE A 223 15.26 23.96 -10.28
CA ILE A 223 14.34 24.74 -9.46
C ILE A 223 15.04 25.60 -8.40
N VAL A 224 16.20 25.13 -7.93
CA VAL A 224 16.94 25.80 -6.84
C VAL A 224 18.35 26.21 -7.26
N LYS A 225 18.60 26.17 -8.56
CA LYS A 225 19.90 26.56 -9.14
C LYS A 225 20.38 27.89 -8.58
N ASP A 226 19.49 28.86 -8.49
CA ASP A 226 19.88 30.20 -8.08
C ASP A 226 19.87 30.43 -6.57
N MET A 227 19.67 29.35 -5.81
CA MET A 227 19.65 29.40 -4.34
C MET A 227 20.84 28.72 -3.67
N ILE A 228 21.55 27.87 -4.42
CA ILE A 228 22.75 27.22 -3.89
C ILE A 228 23.99 27.72 -4.62
N LYS A 229 24.98 28.14 -3.85
CA LYS A 229 26.27 28.57 -4.39
C LYS A 229 26.94 27.38 -5.10
N HIS A 230 27.23 27.55 -6.39
CA HIS A 230 27.88 26.51 -7.17
C HIS A 230 28.80 27.12 -8.22
N GLU A 231 29.88 26.43 -8.57
CA GLU A 231 30.78 26.85 -9.64
C GLU A 231 30.37 26.28 -11.01
N ILE A 232 29.70 25.13 -10.99
CA ILE A 232 29.31 24.45 -12.21
C ILE A 232 27.88 23.93 -12.09
N PHE A 233 27.08 24.14 -13.13
CA PHE A 233 25.77 23.52 -13.29
C PHE A 233 25.82 22.64 -14.54
N ASP A 234 25.78 21.33 -14.33
CA ASP A 234 25.97 20.39 -15.42
C ASP A 234 24.93 19.28 -15.33
N GLU A 235 23.83 19.42 -16.06
CA GLU A 235 22.73 18.47 -15.99
C GLU A 235 23.12 17.12 -16.60
N ASP A 236 24.17 17.11 -17.40
CA ASP A 236 24.62 15.89 -18.08
C ASP A 236 25.70 15.11 -17.32
N LEU A 237 26.00 15.53 -16.10
CA LEU A 237 27.15 14.96 -15.38
C LEU A 237 27.11 13.42 -15.30
N THR A 238 25.97 12.87 -14.92
CA THR A 238 25.88 11.42 -14.75
C THR A 238 26.08 10.70 -16.07
N ILE A 239 25.42 11.20 -17.12
CA ILE A 239 25.54 10.57 -18.44
C ILE A 239 26.98 10.65 -18.97
N LYS A 240 27.63 11.80 -18.77
CA LYS A 240 29.05 11.94 -19.13
C LYS A 240 29.91 10.92 -18.41
N GLY A 241 29.61 10.67 -17.13
CA GLY A 241 30.36 9.68 -16.38
C GLY A 241 30.15 8.27 -16.91
N VAL A 242 28.92 8.00 -17.34
CA VAL A 242 28.63 6.68 -17.92
C VAL A 242 29.48 6.56 -19.18
N TYR A 243 29.46 7.62 -20.00
CA TYR A 243 30.26 7.63 -21.22
C TYR A 243 31.74 7.39 -20.92
N HIS A 244 32.32 8.18 -20.01
CA HIS A 244 33.75 8.04 -19.72
C HIS A 244 34.10 6.67 -19.17
N PHE A 245 33.28 6.15 -18.27
CA PHE A 245 33.54 4.84 -17.69
C PHE A 245 33.55 3.72 -18.73
N CYS A 246 32.54 3.73 -19.59
CA CYS A 246 32.31 2.64 -20.53
C CYS A 246 33.14 2.76 -21.79
N PHE A 247 33.36 4.00 -22.24
CA PHE A 247 33.89 4.22 -23.59
C PHE A 247 35.07 5.18 -23.66
N GLY A 248 35.51 5.66 -22.49
CA GLY A 248 36.75 6.42 -22.33
C GLY A 248 36.80 7.77 -23.00
N MET B 1 -10.17 22.81 45.67
CA MET B 1 -9.30 21.61 45.72
C MET B 1 -8.30 21.66 44.57
N ASP B 2 -7.73 20.50 44.23
CA ASP B 2 -6.80 20.37 43.12
C ASP B 2 -7.31 19.27 42.18
N PRO B 3 -8.37 19.55 41.42
CA PRO B 3 -8.95 18.49 40.61
C PRO B 3 -7.99 18.02 39.54
N MET B 4 -8.11 16.74 39.20
CA MET B 4 -7.27 16.12 38.19
C MET B 4 -7.87 16.31 36.78
N TYR B 5 -6.99 16.65 35.85
CA TYR B 5 -7.40 16.81 34.45
C TYR B 5 -6.61 15.85 33.59
N LEU B 6 -7.25 15.32 32.55
CA LEU B 6 -6.57 14.50 31.55
C LEU B 6 -6.33 15.33 30.30
N LEU B 7 -5.09 15.35 29.82
CA LEU B 7 -4.76 16.11 28.62
C LEU B 7 -4.33 15.12 27.58
N VAL B 8 -4.84 15.29 26.36
CA VAL B 8 -4.54 14.35 25.27
C VAL B 8 -3.95 15.13 24.10
N ASP B 9 -2.87 14.57 23.54
CA ASP B 9 -2.25 15.13 22.34
C ASP B 9 -2.24 14.01 21.30
N VAL B 10 -3.22 14.03 20.40
CA VAL B 10 -3.35 12.98 19.39
C VAL B 10 -2.50 13.31 18.18
N GLY B 11 -1.39 12.58 18.03
CA GLY B 11 -0.50 12.77 16.88
C GLY B 11 -0.69 11.70 15.83
N ASN B 12 0.00 11.86 14.70
CA ASN B 12 -0.16 10.94 13.60
C ASN B 12 0.35 9.53 13.88
N THR B 13 1.40 9.41 14.68
CA THR B 13 1.93 8.07 15.01
C THR B 13 1.59 7.69 16.45
N HIS B 14 1.72 8.63 17.37
CA HIS B 14 1.45 8.34 18.79
C HIS B 14 0.50 9.36 19.37
N SER B 15 -0.15 8.97 20.47
CA SER B 15 -0.98 9.87 21.26
C SER B 15 -0.42 9.92 22.67
N VAL B 16 -0.34 11.13 23.22
CA VAL B 16 0.14 11.35 24.58
C VAL B 16 -1.06 11.57 25.48
N PHE B 17 -1.07 10.90 26.62
CA PHE B 17 -2.11 11.06 27.62
C PHE B 17 -1.43 11.50 28.90
N SER B 18 -1.89 12.59 29.49
CA SER B 18 -1.18 13.11 30.64
C SER B 18 -2.17 13.54 31.69
N ILE B 19 -1.80 13.39 32.96
CA ILE B 19 -2.65 13.93 34.03
C ILE B 19 -1.90 14.96 34.85
N THR B 20 -2.66 15.92 35.37
CA THR B 20 -2.10 16.97 36.23
C THR B 20 -3.17 17.40 37.22
N GLU B 21 -2.72 17.82 38.40
CA GLU B 21 -3.62 18.35 39.42
C GLU B 21 -3.32 19.82 39.66
N ASP B 22 -2.36 20.39 38.93
CA ASP B 22 -1.99 21.79 39.15
C ASP B 22 -1.59 22.57 37.91
N GLY B 23 -1.47 21.86 36.78
CA GLY B 23 -1.03 22.45 35.53
C GLY B 23 0.44 22.80 35.49
N LYS B 24 1.23 22.22 36.41
CA LYS B 24 2.67 22.50 36.46
C LYS B 24 3.51 21.23 36.34
N THR B 25 3.14 20.19 37.08
CA THR B 25 3.76 18.88 36.95
C THR B 25 2.78 17.93 36.27
N PHE B 26 3.31 17.12 35.37
CA PHE B 26 2.49 16.23 34.56
C PHE B 26 3.02 14.81 34.67
N ARG B 27 2.10 13.85 34.79
CA ARG B 27 2.45 12.44 34.63
C ARG B 27 1.99 12.09 33.22
N ARG B 28 2.86 11.45 32.45
CA ARG B 28 2.52 11.21 31.07
C ARG B 28 2.74 9.78 30.63
N TRP B 29 1.90 9.37 29.67
CA TRP B 29 2.01 8.08 28.98
C TRP B 29 1.87 8.30 27.50
N ARG B 30 2.36 7.35 26.71
CA ARG B 30 2.26 7.46 25.26
C ARG B 30 1.76 6.13 24.71
N LEU B 31 0.86 6.19 23.74
CA LEU B 31 0.37 5.00 23.05
C LEU B 31 0.40 5.21 21.55
N SER B 32 0.44 4.14 20.77
CA SER B 32 0.24 4.30 19.32
C SER B 32 -1.15 4.90 19.06
N THR B 33 -1.26 5.69 18.00
CA THR B 33 -2.57 6.23 17.61
C THR B 33 -3.48 5.14 16.99
N GLY B 34 -2.98 4.34 16.07
CA GLY B 34 -3.80 3.15 15.73
C GLY B 34 -5.16 3.45 15.10
N VAL B 35 -5.28 3.01 13.85
CA VAL B 35 -6.28 3.49 12.92
C VAL B 35 -7.74 3.20 13.33
N PHE B 36 -7.98 1.98 13.76
CA PHE B 36 -9.33 1.45 13.92
C PHE B 36 -9.75 1.32 15.37
N GLN B 37 -9.02 1.97 16.26
CA GLN B 37 -9.25 1.78 17.70
C GLN B 37 -10.61 2.30 18.16
N THR B 38 -11.12 1.76 19.24
CA THR B 38 -12.41 2.15 19.78
C THR B 38 -12.26 2.77 21.18
N GLU B 39 -13.35 3.33 21.68
CA GLU B 39 -13.35 3.91 23.03
C GLU B 39 -13.02 2.84 24.08
N ASP B 40 -13.54 1.62 23.89
CA ASP B 40 -13.28 0.54 24.85
C ASP B 40 -11.84 0.08 24.81
N GLU B 41 -11.27 0.08 23.60
CA GLU B 41 -9.87 -0.25 23.42
C GLU B 41 -8.94 0.75 24.14
N LEU B 42 -9.23 2.04 23.96
CA LEU B 42 -8.49 3.08 24.64
C LEU B 42 -8.56 2.94 26.16
N PHE B 43 -9.77 2.69 26.67
CA PHE B 43 -9.94 2.48 28.10
C PHE B 43 -9.12 1.28 28.55
N SER B 44 -9.14 0.19 27.77
CA SER B 44 -8.38 -1.01 28.11
C SER B 44 -6.87 -0.72 28.19
N HIS B 45 -6.36 0.09 27.26
CA HIS B 45 -4.96 0.48 27.28
C HIS B 45 -4.62 1.36 28.47
N LEU B 46 -5.51 2.29 28.80
CA LEU B 46 -5.21 3.29 29.83
C LEU B 46 -5.42 2.79 31.25
N HIS B 47 -6.27 1.76 31.39
CA HIS B 47 -6.65 1.24 32.72
C HIS B 47 -5.46 0.87 33.61
N PRO B 48 -4.55 0.00 33.12
CA PRO B 48 -3.39 -0.39 33.95
C PRO B 48 -2.36 0.71 34.10
N LEU B 49 -2.45 1.74 33.26
CA LEU B 49 -1.49 2.83 33.32
C LEU B 49 -1.88 3.92 34.32
N LEU B 50 -3.13 4.39 34.21
CA LEU B 50 -3.62 5.46 35.09
C LEU B 50 -4.04 4.93 36.45
N GLY B 51 -4.49 3.67 36.47
CA GLY B 51 -4.91 3.01 37.70
C GLY B 51 -5.99 3.80 38.41
N ASP B 52 -5.75 4.12 39.68
CA ASP B 52 -6.75 4.84 40.50
C ASP B 52 -7.10 6.24 39.97
N ALA B 53 -6.15 6.86 39.28
CA ALA B 53 -6.35 8.20 38.70
C ALA B 53 -7.56 8.30 37.77
N MET B 54 -7.94 7.17 37.16
CA MET B 54 -9.08 7.11 36.26
C MET B 54 -10.34 7.62 36.95
N ARG B 55 -10.49 7.26 38.23
CA ARG B 55 -11.65 7.64 39.03
C ARG B 55 -11.70 9.13 39.36
N GLU B 56 -10.56 9.82 39.19
CA GLU B 56 -10.37 11.16 39.72
C GLU B 56 -10.43 12.26 38.65
N ILE B 57 -10.40 11.88 37.38
CA ILE B 57 -10.39 12.87 36.28
C ILE B 57 -11.72 13.63 36.22
N LYS B 58 -11.62 14.97 36.22
CA LYS B 58 -12.79 15.85 36.23
C LYS B 58 -12.99 16.63 34.94
N GLY B 59 -12.01 16.53 34.04
CA GLY B 59 -12.06 17.31 32.81
C GLY B 59 -11.09 16.69 31.84
N ILE B 60 -11.44 16.71 30.54
CA ILE B 60 -10.58 16.15 29.51
C ILE B 60 -10.35 17.21 28.42
N GLY B 61 -9.09 17.50 28.13
CA GLY B 61 -8.75 18.48 27.09
C GLY B 61 -7.94 17.76 26.01
N VAL B 62 -8.15 18.14 24.75
CA VAL B 62 -7.53 17.42 23.64
C VAL B 62 -7.04 18.32 22.52
N ALA B 63 -5.79 18.09 22.08
CA ALA B 63 -5.32 18.63 20.79
C ALA B 63 -5.20 17.43 19.87
N SER B 64 -5.81 17.49 18.70
CA SER B 64 -5.70 16.38 17.75
C SER B 64 -5.40 16.87 16.33
N VAL B 65 -4.48 16.17 15.68
CA VAL B 65 -4.19 16.42 14.26
C VAL B 65 -4.59 15.21 13.40
N VAL B 66 -5.45 14.36 13.97
CA VAL B 66 -5.95 13.18 13.26
C VAL B 66 -7.46 13.15 13.39
N PRO B 67 -8.17 13.87 12.49
CA PRO B 67 -9.62 13.99 12.62
C PRO B 67 -10.38 12.67 12.78
N THR B 68 -9.93 11.59 12.15
CA THR B 68 -10.68 10.32 12.24
C THR B 68 -10.71 9.79 13.64
N GLN B 69 -9.72 10.19 14.44
CA GLN B 69 -9.59 9.72 15.83
C GLN B 69 -10.53 10.45 16.77
N ASN B 70 -11.08 11.58 16.33
CA ASN B 70 -11.77 12.47 17.25
C ASN B 70 -13.06 11.86 17.83
N THR B 71 -13.76 11.06 17.03
CA THR B 71 -14.97 10.41 17.51
C THR B 71 -14.65 9.37 18.61
N VAL B 72 -13.51 8.69 18.49
CA VAL B 72 -13.06 7.74 19.53
C VAL B 72 -12.82 8.47 20.85
N ILE B 73 -12.12 9.60 20.79
CA ILE B 73 -11.85 10.39 21.99
C ILE B 73 -13.16 10.91 22.58
N GLU B 74 -14.07 11.38 21.71
CA GLU B 74 -15.36 11.88 22.20
C GLU B 74 -16.14 10.79 22.94
N ARG B 75 -16.24 9.62 22.31
CA ARG B 75 -16.98 8.49 22.90
C ARG B 75 -16.33 7.98 24.18
N PHE B 76 -15.00 7.95 24.22
CA PHE B 76 -14.26 7.53 25.40
C PHE B 76 -14.61 8.48 26.58
N SER B 77 -14.55 9.77 26.30
CA SER B 77 -14.85 10.78 27.32
C SER B 77 -16.28 10.65 27.83
N GLN B 78 -17.23 10.51 26.91
CA GLN B 78 -18.62 10.43 27.32
C GLN B 78 -18.94 9.13 28.05
N LYS B 79 -18.44 8.01 27.55
CA LYS B 79 -18.78 6.71 28.14
C LYS B 79 -18.14 6.50 29.50
N TYR B 80 -16.84 6.84 29.61
CA TYR B 80 -16.09 6.54 30.82
C TYR B 80 -16.03 7.67 31.85
N PHE B 81 -16.37 8.89 31.42
CA PHE B 81 -16.31 10.04 32.30
C PHE B 81 -17.57 10.93 32.30
N HIS B 82 -18.53 10.61 31.43
CA HIS B 82 -19.80 11.32 31.33
C HIS B 82 -19.59 12.81 31.08
N ILE B 83 -18.54 13.12 30.31
CA ILE B 83 -18.27 14.50 29.93
C ILE B 83 -17.83 14.55 28.48
N SER B 84 -17.95 15.72 27.87
CA SER B 84 -17.39 15.93 26.53
C SER B 84 -16.00 16.54 26.70
N PRO B 85 -15.07 16.17 25.80
CA PRO B 85 -13.74 16.75 25.91
C PRO B 85 -13.79 18.18 25.37
N ILE B 86 -12.81 18.98 25.76
CA ILE B 86 -12.67 20.35 25.25
C ILE B 86 -11.59 20.28 24.16
N TRP B 87 -11.89 20.85 22.98
CA TRP B 87 -11.00 20.71 21.82
C TRP B 87 -10.17 21.96 21.57
N VAL B 88 -8.87 21.80 21.54
CA VAL B 88 -7.98 22.91 21.22
C VAL B 88 -8.15 23.29 19.73
N LYS B 89 -8.36 24.57 19.49
CA LYS B 89 -8.43 25.10 18.13
C LYS B 89 -7.97 26.55 18.18
N ALA B 90 -7.60 27.11 17.04
CA ALA B 90 -7.27 28.52 16.96
C ALA B 90 -8.55 29.33 17.16
N LYS B 91 -8.49 30.27 18.09
CA LYS B 91 -9.59 31.21 18.29
C LYS B 91 -9.00 32.49 18.83
N ASN B 92 -9.71 33.60 18.63
CA ASN B 92 -9.24 34.89 19.13
C ASN B 92 -9.30 34.94 20.65
N GLY B 93 -8.41 35.73 21.24
CA GLY B 93 -8.31 35.85 22.69
C GLY B 93 -6.89 36.20 23.12
N CYS B 94 -6.24 35.27 23.82
CA CYS B 94 -4.88 35.52 24.32
C CYS B 94 -3.79 35.45 23.24
N VAL B 95 -4.15 34.89 22.08
CA VAL B 95 -3.25 34.84 20.94
C VAL B 95 -3.98 35.48 19.75
N LYS B 96 -3.30 36.37 19.04
CA LYS B 96 -3.79 36.86 17.74
C LYS B 96 -3.21 35.97 16.65
N TRP B 97 -3.99 35.72 15.59
CA TRP B 97 -3.61 34.71 14.58
C TRP B 97 -3.37 35.37 13.22
N ASN B 98 -2.15 35.90 13.03
CA ASN B 98 -1.78 36.64 11.83
C ASN B 98 -1.33 35.72 10.68
N VAL B 99 -2.23 34.82 10.29
CA VAL B 99 -2.03 33.94 9.14
C VAL B 99 -3.32 33.90 8.31
N LYS B 100 -3.23 33.35 7.10
CA LYS B 100 -4.34 33.41 6.14
C LYS B 100 -5.58 32.63 6.58
N ASN B 101 -5.37 31.44 7.12
CA ASN B 101 -6.49 30.60 7.57
C ASN B 101 -6.21 29.93 8.90
N PRO B 102 -6.41 30.66 10.00
CA PRO B 102 -6.05 30.16 11.33
C PRO B 102 -6.70 28.83 11.66
N SER B 103 -7.88 28.57 11.11
CA SER B 103 -8.58 27.32 11.42
C SER B 103 -7.84 26.08 10.89
N GLU B 104 -6.89 26.28 9.99
CA GLU B 104 -6.14 25.15 9.42
C GLU B 104 -4.87 24.82 10.18
N VAL B 105 -4.48 25.70 11.11
CA VAL B 105 -3.27 25.47 11.89
C VAL B 105 -3.50 24.24 12.76
N GLY B 106 -2.51 23.35 12.77
CA GLY B 106 -2.64 22.12 13.56
C GLY B 106 -2.84 22.40 15.04
N ALA B 107 -3.69 21.60 15.69
CA ALA B 107 -4.03 21.84 17.09
C ALA B 107 -2.82 21.72 18.02
N ASP B 108 -1.85 20.89 17.63
CA ASP B 108 -0.62 20.78 18.41
C ASP B 108 0.16 22.11 18.37
N ARG B 109 0.18 22.72 17.20
CA ARG B 109 0.89 24.00 17.03
C ARG B 109 0.18 25.09 17.83
N VAL B 110 -1.15 25.07 17.76
CA VAL B 110 -1.96 25.99 18.56
C VAL B 110 -1.65 25.83 20.04
N ALA B 111 -1.66 24.59 20.52
CA ALA B 111 -1.31 24.34 21.90
C ALA B 111 0.10 24.85 22.26
N ASN B 112 1.08 24.60 21.41
CA ASN B 112 2.45 25.09 21.65
C ASN B 112 2.49 26.61 21.80
N VAL B 113 1.76 27.30 20.94
CA VAL B 113 1.75 28.77 20.99
C VAL B 113 1.09 29.29 22.26
N VAL B 114 -0.05 28.69 22.59
CA VAL B 114 -0.76 29.05 23.83
C VAL B 114 0.14 28.84 25.06
N ALA B 115 0.80 27.67 25.12
CA ALA B 115 1.70 27.40 26.24
C ALA B 115 2.83 28.43 26.27
N PHE B 116 3.37 28.75 25.10
CA PHE B 116 4.49 29.68 25.05
C PHE B 116 4.08 31.06 25.60
N VAL B 117 2.96 31.59 25.11
CA VAL B 117 2.53 32.93 25.52
C VAL B 117 2.15 32.96 27.02
N LYS B 118 1.67 31.84 27.56
CA LYS B 118 1.34 31.81 28.97
C LYS B 118 2.58 31.73 29.88
N GLU B 119 3.57 30.93 29.49
CA GLU B 119 4.69 30.67 30.39
C GLU B 119 5.98 31.39 30.03
N TYR B 120 6.20 31.65 28.75
CA TYR B 120 7.52 32.09 28.32
C TYR B 120 7.59 33.47 27.69
N GLY B 121 6.45 34.13 27.56
CA GLY B 121 6.46 35.52 27.06
C GLY B 121 5.85 35.71 25.69
N LYS B 122 5.95 36.93 25.17
CA LYS B 122 5.22 37.30 23.96
C LYS B 122 5.95 37.05 22.63
N ASN B 123 7.22 36.69 22.74
CA ASN B 123 8.07 36.58 21.57
C ASN B 123 8.89 35.31 21.60
N GLY B 124 8.75 34.49 20.57
CA GLY B 124 9.59 33.32 20.52
C GLY B 124 9.47 32.52 19.25
N ILE B 125 10.37 31.54 19.14
CA ILE B 125 10.39 30.61 18.01
C ILE B 125 10.31 29.22 18.59
N ILE B 126 9.32 28.42 18.15
CA ILE B 126 9.08 27.09 18.74
C ILE B 126 9.43 26.03 17.70
N ILE B 127 10.26 25.08 18.10
CA ILE B 127 10.65 23.98 17.21
C ILE B 127 10.07 22.74 17.84
N ASP B 128 9.20 22.05 17.09
CA ASP B 128 8.58 20.83 17.62
C ASP B 128 8.96 19.67 16.69
N MET B 129 9.79 18.77 17.20
CA MET B 129 10.25 17.67 16.37
C MET B 129 9.42 16.42 16.63
N GLY B 130 8.43 16.22 15.77
CA GLY B 130 7.50 15.08 15.88
C GLY B 130 7.45 14.33 14.56
N THR B 131 6.29 13.79 14.23
CA THR B 131 6.09 13.09 12.96
C THR B 131 6.56 14.02 11.83
N ALA B 132 6.04 15.25 11.85
CA ALA B 132 6.66 16.38 11.12
C ALA B 132 7.42 17.25 12.11
N THR B 133 8.37 18.03 11.61
CA THR B 133 9.05 19.00 12.44
C THR B 133 8.49 20.34 12.08
N THR B 134 8.00 21.08 13.07
CA THR B 134 7.42 22.38 12.79
C THR B 134 8.25 23.49 13.41
N VAL B 135 8.22 24.65 12.75
CA VAL B 135 8.72 25.90 13.33
C VAL B 135 7.51 26.82 13.44
N ASP B 136 7.33 27.45 14.59
CA ASP B 136 6.23 28.40 14.83
C ASP B 136 6.81 29.70 15.35
N LEU B 137 6.38 30.81 14.77
CA LEU B 137 6.83 32.15 15.17
C LEU B 137 5.72 32.91 15.89
N VAL B 138 6.08 33.46 17.05
CA VAL B 138 5.19 34.26 17.89
C VAL B 138 5.89 35.61 18.10
N VAL B 139 5.21 36.70 17.70
CA VAL B 139 5.75 38.06 17.81
C VAL B 139 4.69 38.95 18.50
N ASN B 140 5.09 39.57 19.61
CA ASN B 140 4.21 40.42 20.39
C ASN B 140 2.85 39.78 20.63
N GLY B 141 2.87 38.50 21.01
CA GLY B 141 1.66 37.76 21.30
C GLY B 141 0.84 37.35 20.09
N SER B 142 1.38 37.52 18.88
CA SER B 142 0.68 37.12 17.64
C SER B 142 1.40 35.97 16.94
N TYR B 143 0.65 34.93 16.61
CA TYR B 143 1.18 33.86 15.75
C TYR B 143 1.38 34.36 14.32
N GLU B 144 2.61 34.24 13.82
CA GLU B 144 2.96 34.78 12.51
C GLU B 144 3.08 33.74 11.38
N GLY B 145 3.01 32.47 11.72
CA GLY B 145 3.21 31.39 10.75
C GLY B 145 4.43 30.56 11.07
N GLY B 146 4.93 29.82 10.08
CA GLY B 146 6.09 28.97 10.35
C GLY B 146 6.49 28.12 9.17
N ALA B 147 7.03 26.95 9.48
CA ALA B 147 7.51 26.03 8.45
C ALA B 147 7.19 24.61 8.90
N ILE B 148 7.08 23.72 7.93
CA ILE B 148 6.84 22.32 8.21
C ILE B 148 7.85 21.52 7.39
N LEU B 149 8.55 20.60 8.06
CA LEU B 149 9.55 19.73 7.44
C LEU B 149 9.19 18.29 7.81
N PRO B 150 9.60 17.33 6.97
CA PRO B 150 9.43 15.95 7.38
C PRO B 150 10.23 15.72 8.66
N GLY B 151 9.69 14.91 9.57
CA GLY B 151 10.44 14.52 10.78
C GLY B 151 11.56 13.54 10.48
N PHE B 152 12.43 13.30 11.47
CA PHE B 152 13.58 12.43 11.24
C PHE B 152 13.16 11.03 10.79
N PHE B 153 12.24 10.40 11.52
CA PHE B 153 11.88 9.04 11.12
C PHE B 153 11.21 9.05 9.76
N MET B 154 10.38 10.07 9.52
CA MET B 154 9.69 10.20 8.22
C MET B 154 10.71 10.22 7.09
N MET B 155 11.80 10.95 7.31
CA MET B 155 12.85 11.04 6.28
C MET B 155 13.53 9.71 6.03
N VAL B 156 14.00 9.04 7.10
CA VAL B 156 14.73 7.80 6.86
C VAL B 156 13.79 6.76 6.27
N HIS B 157 12.54 6.74 6.72
CA HIS B 157 11.58 5.79 6.15
C HIS B 157 11.30 6.09 4.67
N SER B 158 11.24 7.38 4.33
CA SER B 158 10.96 7.76 2.94
C SER B 158 12.09 7.32 2.03
N LEU B 159 13.32 7.39 2.54
CA LEU B 159 14.48 6.94 1.73
C LEU B 159 14.47 5.44 1.54
N PHE B 160 14.10 4.72 2.59
CA PHE B 160 13.98 3.26 2.55
C PHE B 160 12.90 2.83 1.56
N ARG B 161 11.69 3.37 1.71
CA ARG B 161 10.57 2.95 0.87
C ARG B 161 10.62 3.47 -0.56
N GLY B 162 11.33 4.57 -0.75
CA GLY B 162 11.35 5.31 -2.01
C GLY B 162 12.48 4.92 -2.95
N THR B 163 13.37 4.03 -2.50
CA THR B 163 14.49 3.61 -3.32
C THR B 163 14.66 2.11 -3.27
N ALA B 164 15.34 1.58 -4.28
CA ALA B 164 15.59 0.15 -4.29
C ALA B 164 16.69 -0.28 -3.31
N LYS B 165 17.79 0.49 -3.24
CA LYS B 165 19.00 0.08 -2.57
C LYS B 165 19.17 0.53 -1.12
N LEU B 166 18.46 1.55 -0.68
CA LEU B 166 18.73 2.11 0.66
C LEU B 166 18.03 1.33 1.76
N PRO B 167 18.75 1.02 2.85
CA PRO B 167 18.14 0.35 4.00
C PRO B 167 17.40 1.36 4.90
N LEU B 168 16.65 0.84 5.86
CA LEU B 168 16.05 1.68 6.89
C LEU B 168 17.11 1.91 7.96
N VAL B 169 17.47 3.17 8.16
CA VAL B 169 18.56 3.53 9.05
C VAL B 169 18.05 4.06 10.40
N GLU B 170 18.78 3.72 11.47
CA GLU B 170 18.50 4.26 12.82
C GLU B 170 18.78 5.77 12.88
N VAL B 171 17.89 6.52 13.52
CA VAL B 171 18.08 7.96 13.62
C VAL B 171 19.09 8.31 14.70
N LYS B 172 20.26 8.77 14.27
CA LYS B 172 21.35 9.18 15.16
C LYS B 172 22.20 10.19 14.39
N PRO B 173 22.72 11.22 15.07
CA PRO B 173 23.54 12.22 14.38
C PRO B 173 24.79 11.59 13.79
N ALA B 174 25.31 12.21 12.74
CA ALA B 174 26.60 11.83 12.18
C ALA B 174 27.67 12.52 13.02
N ASP B 175 28.75 11.81 13.25
CA ASP B 175 29.85 12.31 14.07
C ASP B 175 31.07 12.54 13.19
N PHE B 176 30.82 12.98 11.95
CA PHE B 176 31.83 13.04 10.89
C PHE B 176 31.34 13.97 9.78
N VAL B 177 32.28 14.53 9.04
CA VAL B 177 31.99 15.58 8.07
C VAL B 177 31.43 15.02 6.75
N VAL B 178 31.86 13.82 6.38
CA VAL B 178 31.22 13.04 5.31
C VAL B 178 31.04 11.59 5.76
N GLY B 179 29.99 10.94 5.27
CA GLY B 179 29.73 9.53 5.61
C GLY B 179 30.58 8.59 4.77
N LYS B 180 31.10 7.55 5.43
CA LYS B 180 31.99 6.57 4.78
C LYS B 180 31.28 5.26 4.45
N ASP B 181 30.00 5.19 4.77
CA ASP B 181 29.13 4.12 4.30
C ASP B 181 27.70 4.62 4.19
N THR B 182 26.84 3.78 3.64
CA THR B 182 25.47 4.21 3.35
C THR B 182 24.77 4.75 4.58
N GLU B 183 24.83 3.99 5.67
CA GLU B 183 24.15 4.40 6.91
C GLU B 183 24.60 5.79 7.36
N GLU B 184 25.92 6.00 7.34
CA GLU B 184 26.50 7.26 7.77
C GLU B 184 26.08 8.38 6.83
N ASN B 185 26.04 8.09 5.52
CA ASN B 185 25.54 9.06 4.53
C ASN B 185 24.13 9.57 4.87
N ILE B 186 23.25 8.62 5.18
CA ILE B 186 21.86 8.97 5.49
C ILE B 186 21.72 9.69 6.82
N ARG B 187 22.49 9.28 7.83
CA ARG B 187 22.46 10.02 9.10
C ARG B 187 22.89 11.48 8.91
N LEU B 188 23.97 11.68 8.16
CA LEU B 188 24.44 13.03 7.89
C LEU B 188 23.41 13.86 7.15
N GLY B 189 22.79 13.28 6.13
CA GLY B 189 21.84 14.03 5.31
C GLY B 189 20.56 14.34 6.06
N VAL B 190 20.06 13.36 6.79
CA VAL B 190 18.78 13.48 7.48
C VAL B 190 18.87 14.18 8.83
N VAL B 191 19.79 13.73 9.68
CA VAL B 191 19.83 14.27 11.03
C VAL B 191 20.57 15.61 11.07
N ASN B 192 21.86 15.59 10.77
CA ASN B 192 22.62 16.84 10.70
C ASN B 192 21.98 17.80 9.69
N GLY B 193 21.58 17.26 8.53
CA GLY B 193 20.92 18.08 7.49
C GLY B 193 19.70 18.82 8.00
N SER B 194 18.81 18.11 8.70
CA SER B 194 17.59 18.73 9.22
C SER B 194 17.93 19.79 10.27
N VAL B 195 18.96 19.54 11.08
CA VAL B 195 19.42 20.54 12.04
C VAL B 195 19.86 21.81 11.28
N TYR B 196 20.69 21.65 10.24
CA TYR B 196 21.10 22.79 9.41
C TYR B 196 19.88 23.48 8.76
N ALA B 197 18.90 22.69 8.32
CA ALA B 197 17.70 23.26 7.69
C ALA B 197 17.00 24.16 8.70
N LEU B 198 16.82 23.64 9.90
CA LEU B 198 16.14 24.42 10.95
C LEU B 198 16.92 25.70 11.27
N GLU B 199 18.24 25.58 11.40
CA GLU B 199 19.05 26.73 11.79
C GLU B 199 19.02 27.80 10.70
N GLY B 200 18.94 27.39 9.43
CA GLY B 200 18.82 28.37 8.33
C GLY B 200 17.48 29.09 8.33
N ILE B 201 16.39 28.35 8.53
CA ILE B 201 15.07 28.94 8.58
C ILE B 201 14.98 29.90 9.76
N ILE B 202 15.46 29.46 10.90
CA ILE B 202 15.42 30.26 12.13
C ILE B 202 16.34 31.49 11.98
N GLY B 203 17.52 31.29 11.40
CA GLY B 203 18.47 32.40 11.18
C GLY B 203 17.80 33.50 10.39
N ARG B 204 17.09 33.13 9.32
CA ARG B 204 16.45 34.11 8.45
C ARG B 204 15.27 34.79 9.15
N ILE B 205 14.52 34.03 9.95
CA ILE B 205 13.49 34.63 10.79
C ILE B 205 14.08 35.69 11.71
N LYS B 206 15.20 35.36 12.36
CA LYS B 206 15.85 36.27 13.31
C LYS B 206 16.36 37.55 12.64
N GLU B 207 16.82 37.44 11.40
CA GLU B 207 17.24 38.63 10.63
C GLU B 207 16.10 39.62 10.52
N VAL B 208 14.87 39.12 10.35
CA VAL B 208 13.69 39.97 10.17
C VAL B 208 13.04 40.41 11.48
N TYR B 209 12.93 39.49 12.44
CA TYR B 209 12.14 39.74 13.65
C TYR B 209 12.97 39.96 14.92
N GLY B 210 14.27 39.78 14.81
CA GLY B 210 15.19 39.91 15.95
C GLY B 210 15.49 38.56 16.55
N ASP B 211 16.44 38.54 17.48
CA ASP B 211 16.92 37.31 18.10
C ASP B 211 15.99 36.84 19.23
N LEU B 212 14.87 36.24 18.83
CA LEU B 212 13.85 35.80 19.77
C LEU B 212 14.27 34.46 20.36
N PRO B 213 13.83 34.17 21.60
CA PRO B 213 14.18 32.93 22.27
C PRO B 213 13.62 31.75 21.50
N VAL B 214 14.41 30.69 21.44
CA VAL B 214 14.00 29.45 20.81
C VAL B 214 13.66 28.41 21.87
N VAL B 215 12.48 27.79 21.73
CA VAL B 215 12.09 26.65 22.58
C VAL B 215 12.05 25.39 21.73
N LEU B 216 12.62 24.32 22.26
CA LEU B 216 12.69 23.03 21.58
C LEU B 216 11.79 22.05 22.31
N THR B 217 11.01 21.27 21.55
CA THR B 217 10.13 20.25 22.13
C THR B 217 9.91 19.14 21.11
N GLY B 218 9.20 18.10 21.52
CA GLY B 218 8.79 17.06 20.57
C GLY B 218 9.43 15.71 20.86
N GLY B 219 8.75 14.67 20.40
CA GLY B 219 9.09 13.28 20.68
C GLY B 219 10.40 12.84 20.09
N GLN B 220 10.88 13.58 19.08
CA GLN B 220 12.16 13.24 18.43
C GLN B 220 13.25 14.30 18.70
N SER B 221 13.04 15.19 19.68
CA SER B 221 13.96 16.31 19.93
C SER B 221 15.19 15.98 20.78
N LYS B 222 15.07 14.99 21.66
CA LYS B 222 16.15 14.70 22.60
C LYS B 222 17.45 14.36 21.89
N ILE B 223 17.36 13.62 20.78
CA ILE B 223 18.58 13.13 20.14
C ILE B 223 19.43 14.24 19.52
N VAL B 224 18.84 15.41 19.33
CA VAL B 224 19.57 16.51 18.71
C VAL B 224 19.61 17.76 19.59
N LYS B 225 19.22 17.63 20.86
CA LYS B 225 19.16 18.83 21.67
C LYS B 225 20.52 19.50 21.90
N ASP B 226 21.61 18.73 21.88
CA ASP B 226 22.94 19.35 22.00
C ASP B 226 23.48 19.92 20.67
N MET B 227 22.68 19.83 19.62
CA MET B 227 23.07 20.30 18.28
C MET B 227 22.29 21.52 17.79
N ILE B 228 21.09 21.73 18.31
CA ILE B 228 20.33 22.92 17.96
C ILE B 228 20.40 23.90 19.11
N LYS B 229 20.73 25.15 18.80
CA LYS B 229 20.80 26.23 19.78
C LYS B 229 19.39 26.54 20.27
N HIS B 230 19.19 26.56 21.59
CA HIS B 230 17.87 26.85 22.17
C HIS B 230 18.00 27.46 23.56
N GLU B 231 17.04 28.29 23.91
CA GLU B 231 17.02 28.91 25.21
C GLU B 231 16.24 28.06 26.21
N ILE B 232 15.26 27.33 25.69
CA ILE B 232 14.37 26.53 26.51
C ILE B 232 14.18 25.16 25.87
N PHE B 233 14.22 24.12 26.71
CA PHE B 233 13.85 22.78 26.29
C PHE B 233 12.69 22.34 27.16
N ASP B 234 11.53 22.08 26.55
CA ASP B 234 10.36 21.79 27.35
C ASP B 234 9.56 20.70 26.67
N GLU B 235 9.76 19.46 27.12
CA GLU B 235 9.11 18.30 26.51
C GLU B 235 7.60 18.32 26.71
N ASP B 236 7.14 19.09 27.69
CA ASP B 236 5.70 19.13 27.99
C ASP B 236 4.98 20.30 27.33
N LEU B 237 5.63 20.98 26.39
CA LEU B 237 5.02 22.21 25.88
C LEU B 237 3.60 22.01 25.33
N THR B 238 3.42 20.98 24.50
CA THR B 238 2.10 20.80 23.88
C THR B 238 1.03 20.52 24.92
N ILE B 239 1.33 19.58 25.82
CA ILE B 239 0.39 19.22 26.87
C ILE B 239 0.07 20.41 27.78
N LYS B 240 1.09 21.23 28.07
CA LYS B 240 0.87 22.48 28.82
C LYS B 240 -0.14 23.38 28.11
N GLY B 241 -0.01 23.50 26.79
CA GLY B 241 -0.94 24.30 26.01
C GLY B 241 -2.36 23.76 26.03
N VAL B 242 -2.49 22.44 25.98
CA VAL B 242 -3.80 21.83 26.08
C VAL B 242 -4.42 22.21 27.42
N TYR B 243 -3.62 22.10 28.48
CA TYR B 243 -4.10 22.44 29.82
C TYR B 243 -4.54 23.91 29.88
N HIS B 244 -3.68 24.82 29.44
CA HIS B 244 -3.99 26.26 29.54
C HIS B 244 -5.19 26.62 28.67
N PHE B 245 -5.25 26.08 27.47
CA PHE B 245 -6.38 26.38 26.60
C PHE B 245 -7.71 25.92 27.22
N CYS B 246 -7.71 24.72 27.78
CA CYS B 246 -8.93 24.07 28.25
C CYS B 246 -9.35 24.46 29.67
N PHE B 247 -8.36 24.64 30.53
CA PHE B 247 -8.60 24.75 31.97
C PHE B 247 -7.93 25.96 32.61
N GLY B 248 -7.32 26.82 31.79
CA GLY B 248 -6.63 28.02 32.24
C GLY B 248 -5.43 27.64 33.06
N MET C 4 12.64 -14.40 38.77
CA MET C 4 12.00 -14.63 37.45
C MET C 4 12.76 -13.90 36.34
N TYR C 5 13.02 -14.62 35.25
CA TYR C 5 13.62 -14.02 34.06
C TYR C 5 12.52 -13.84 33.04
N LEU C 6 12.51 -12.68 32.38
CA LEU C 6 11.60 -12.43 31.24
C LEU C 6 12.38 -12.60 29.96
N LEU C 7 11.88 -13.44 29.07
CA LEU C 7 12.53 -13.72 27.79
C LEU C 7 11.61 -13.19 26.70
N VAL C 8 12.19 -12.45 25.77
CA VAL C 8 11.40 -11.84 24.67
C VAL C 8 11.95 -12.31 23.33
N ASP C 9 11.05 -12.74 22.44
CA ASP C 9 11.42 -13.08 21.07
C ASP C 9 10.59 -12.19 20.15
N VAL C 10 11.19 -11.14 19.60
CA VAL C 10 10.49 -10.17 18.76
C VAL C 10 10.58 -10.61 17.31
N GLY C 11 9.45 -11.10 16.81
CA GLY C 11 9.35 -11.55 15.43
C GLY C 11 8.66 -10.52 14.55
N ASN C 12 8.67 -10.77 13.25
CA ASN C 12 8.09 -9.80 12.33
C ASN C 12 6.59 -9.59 12.47
N THR C 13 5.88 -10.63 12.87
CA THR C 13 4.42 -10.52 13.02
C THR C 13 4.00 -10.60 14.50
N HIS C 14 4.63 -11.52 15.24
CA HIS C 14 4.36 -11.64 16.68
C HIS C 14 5.61 -11.58 17.54
N SER C 15 5.39 -11.22 18.80
CA SER C 15 6.45 -11.26 19.79
C SER C 15 6.01 -12.18 20.90
N VAL C 16 6.93 -13.06 21.31
CA VAL C 16 6.68 -14.02 22.39
C VAL C 16 7.33 -13.47 23.67
N PHE C 17 6.59 -13.54 24.78
CA PHE C 17 7.09 -13.12 26.09
C PHE C 17 6.95 -14.31 27.02
N SER C 18 8.04 -14.68 27.69
CA SER C 18 8.00 -15.88 28.52
C SER C 18 8.69 -15.62 29.84
N ILE C 19 8.19 -16.23 30.91
CA ILE C 19 8.89 -16.10 32.19
C ILE C 19 9.37 -17.46 32.64
N THR C 20 10.54 -17.47 33.27
CA THR C 20 11.10 -18.71 33.82
C THR C 20 11.90 -18.41 35.06
N GLU C 21 11.90 -19.35 36.00
CA GLU C 21 12.65 -19.19 37.24
C GLU C 21 14.06 -19.72 37.04
N ASP C 22 14.15 -20.76 36.23
CA ASP C 22 15.33 -21.63 36.22
C ASP C 22 15.82 -21.98 34.83
N GLY C 23 15.09 -21.54 33.81
CA GLY C 23 15.36 -21.95 32.44
C GLY C 23 14.97 -23.37 32.12
N LYS C 24 14.13 -23.97 32.96
CA LYS C 24 13.66 -25.34 32.75
C LYS C 24 12.17 -25.43 32.43
N THR C 25 11.37 -24.62 33.12
CA THR C 25 9.94 -24.53 32.83
C THR C 25 9.61 -23.09 32.45
N PHE C 26 8.73 -22.95 31.47
CA PHE C 26 8.44 -21.66 30.89
C PHE C 26 6.94 -21.43 30.88
N ARG C 27 6.53 -20.22 31.18
CA ARG C 27 5.17 -19.80 30.91
C ARG C 27 5.30 -18.77 29.79
N ARG C 28 4.41 -18.83 28.82
CA ARG C 28 4.56 -17.93 27.67
C ARG C 28 3.28 -17.34 27.17
N TRP C 29 3.43 -16.19 26.53
CA TRP C 29 2.33 -15.46 25.93
C TRP C 29 2.84 -14.95 24.58
N ARG C 30 1.90 -14.56 23.72
CA ARG C 30 2.26 -14.05 22.39
C ARG C 30 1.39 -12.82 22.17
N LEU C 31 1.97 -11.78 21.57
CA LEU C 31 1.24 -10.56 21.21
C LEU C 31 1.62 -10.20 19.77
N SER C 32 0.82 -9.39 19.09
CA SER C 32 1.27 -8.86 17.80
C SER C 32 2.48 -7.94 18.01
N THR C 33 3.38 -7.91 17.04
CA THR C 33 4.51 -6.98 17.13
C THR C 33 3.99 -5.57 16.80
N GLY C 34 3.22 -5.46 15.73
CA GLY C 34 2.53 -4.21 15.43
C GLY C 34 3.50 -3.16 14.91
N VAL C 35 3.04 -1.91 14.84
CA VAL C 35 3.92 -0.82 14.47
C VAL C 35 3.62 0.38 15.35
N PHE C 36 4.66 1.13 15.66
CA PHE C 36 4.55 2.32 16.50
C PHE C 36 4.06 2.04 17.92
N GLN C 37 4.11 0.78 18.36
CA GLN C 37 3.79 0.50 19.75
C GLN C 37 4.84 1.12 20.66
N THR C 38 4.40 1.52 21.86
CA THR C 38 5.26 2.20 22.84
C THR C 38 5.51 1.32 24.06
N GLU C 39 6.44 1.75 24.91
CA GLU C 39 6.71 1.02 26.16
C GLU C 39 5.48 0.92 27.06
N ASP C 40 4.69 1.99 27.15
CA ASP C 40 3.49 1.98 27.99
C ASP C 40 2.45 1.02 27.42
N GLU C 41 2.38 0.95 26.09
CA GLU C 41 1.44 0.07 25.42
C GLU C 41 1.78 -1.39 25.69
N LEU C 42 3.08 -1.68 25.64
CA LEU C 42 3.53 -3.03 25.91
C LEU C 42 3.22 -3.40 27.35
N PHE C 43 3.51 -2.51 28.29
CA PHE C 43 3.20 -2.79 29.70
C PHE C 43 1.71 -3.04 29.85
N SER C 44 0.90 -2.22 29.19
CA SER C 44 -0.53 -2.33 29.31
C SER C 44 -1.02 -3.69 28.80
N HIS C 45 -0.44 -4.18 27.71
CA HIS C 45 -0.86 -5.49 27.18
C HIS C 45 -0.40 -6.61 28.09
N LEU C 46 0.78 -6.45 28.67
CA LEU C 46 1.39 -7.53 29.46
C LEU C 46 0.81 -7.63 30.87
N HIS C 47 0.33 -6.51 31.38
CA HIS C 47 -0.09 -6.44 32.78
C HIS C 47 -1.10 -7.52 33.19
N PRO C 48 -2.20 -7.68 32.43
CA PRO C 48 -3.20 -8.69 32.82
C PRO C 48 -2.75 -10.12 32.57
N LEU C 49 -1.67 -10.27 31.80
CA LEU C 49 -1.16 -11.59 31.43
C LEU C 49 -0.19 -12.10 32.48
N LEU C 50 0.83 -11.31 32.77
CA LEU C 50 1.84 -11.70 33.76
C LEU C 50 1.33 -11.57 35.20
N GLY C 51 0.41 -10.63 35.42
CA GLY C 51 -0.14 -10.39 36.75
C GLY C 51 0.95 -10.15 37.77
N ASP C 52 0.86 -10.84 38.90
CA ASP C 52 1.80 -10.67 40.01
C ASP C 52 3.26 -10.91 39.63
N ALA C 53 3.47 -11.70 38.57
CA ALA C 53 4.81 -12.03 38.09
C ALA C 53 5.62 -10.82 37.61
N MET C 54 4.89 -9.77 37.19
CA MET C 54 5.51 -8.51 36.78
C MET C 54 6.44 -7.93 37.84
N ARG C 55 6.10 -8.18 39.12
CA ARG C 55 6.85 -7.64 40.25
C ARG C 55 8.11 -8.43 40.52
N GLU C 56 8.13 -9.68 40.06
CA GLU C 56 9.19 -10.63 40.38
C GLU C 56 10.29 -10.69 39.31
N ILE C 57 10.09 -9.99 38.20
CA ILE C 57 11.09 -10.02 37.11
C ILE C 57 12.36 -9.26 37.48
N LYS C 58 13.50 -9.96 37.45
CA LYS C 58 14.80 -9.39 37.80
C LYS C 58 15.89 -9.52 36.71
N GLY C 59 15.55 -10.10 35.56
CA GLY C 59 16.44 -10.11 34.39
C GLY C 59 15.60 -10.17 33.13
N ILE C 60 16.04 -9.52 32.05
CA ILE C 60 15.34 -9.53 30.74
C ILE C 60 16.32 -9.87 29.62
N GLY C 61 15.98 -10.88 28.82
CA GLY C 61 16.77 -11.27 27.66
C GLY C 61 15.92 -11.15 26.41
N VAL C 62 16.52 -10.71 25.30
CA VAL C 62 15.77 -10.42 24.09
C VAL C 62 16.47 -10.91 22.82
N ALA C 63 15.70 -11.62 21.99
CA ALA C 63 16.10 -11.91 20.62
C ALA C 63 15.14 -11.07 19.79
N SER C 64 15.67 -10.19 18.94
CA SER C 64 14.80 -9.39 18.06
C SER C 64 15.30 -9.42 16.62
N VAL C 65 14.35 -9.62 15.70
CA VAL C 65 14.66 -9.47 14.26
C VAL C 65 13.94 -8.28 13.66
N VAL C 66 13.50 -7.36 14.52
CA VAL C 66 12.82 -6.14 14.07
C VAL C 66 13.50 -4.95 14.73
N PRO C 67 14.58 -4.44 14.12
CA PRO C 67 15.37 -3.38 14.72
C PRO C 67 14.58 -2.16 15.24
N THR C 68 13.53 -1.76 14.53
CA THR C 68 12.73 -0.59 14.98
C THR C 68 12.07 -0.78 16.34
N GLN C 69 11.87 -2.04 16.73
CA GLN C 69 11.20 -2.34 18.01
C GLN C 69 12.15 -2.29 19.19
N ASN C 70 13.46 -2.29 18.92
CA ASN C 70 14.42 -2.48 20.01
C ASN C 70 14.42 -1.35 21.03
N THR C 71 14.31 -0.10 20.57
CA THR C 71 14.28 1.04 21.49
C THR C 71 13.08 0.91 22.44
N VAL C 72 11.94 0.48 21.93
CA VAL C 72 10.73 0.27 22.75
C VAL C 72 10.97 -0.76 23.85
N ILE C 73 11.54 -1.90 23.49
CA ILE C 73 11.85 -2.96 24.46
C ILE C 73 12.86 -2.45 25.50
N GLU C 74 13.83 -1.67 25.05
CA GLU C 74 14.83 -1.08 25.96
C GLU C 74 14.15 -0.17 26.96
N ARG C 75 13.30 0.72 26.46
CA ARG C 75 12.60 1.68 27.31
C ARG C 75 11.60 1.00 28.24
N PHE C 76 10.90 0.00 27.73
CA PHE C 76 10.02 -0.84 28.55
C PHE C 76 10.79 -1.46 29.73
N SER C 77 11.92 -2.08 29.42
CA SER C 77 12.73 -2.75 30.44
C SER C 77 13.20 -1.76 31.51
N GLN C 78 13.66 -0.59 31.08
CA GLN C 78 14.18 0.40 32.01
C GLN C 78 13.07 1.07 32.84
N LYS C 79 11.97 1.43 32.18
CA LYS C 79 10.91 2.16 32.86
C LYS C 79 10.21 1.30 33.91
N TYR C 80 9.89 0.06 33.54
CA TYR C 80 9.00 -0.76 34.35
C TYR C 80 9.73 -1.74 35.25
N PHE C 81 11.04 -1.89 35.03
CA PHE C 81 11.83 -2.84 35.80
C PHE C 81 13.19 -2.30 36.25
N HIS C 82 13.60 -1.14 35.74
CA HIS C 82 14.96 -0.62 35.95
C HIS C 82 15.98 -1.71 35.60
N ILE C 83 15.71 -2.41 34.50
CA ILE C 83 16.57 -3.47 33.98
C ILE C 83 17.14 -3.08 32.62
N SER C 84 18.43 -3.36 32.45
CA SER C 84 19.07 -3.25 31.17
C SER C 84 18.99 -4.61 30.48
N PRO C 85 18.23 -4.72 29.38
CA PRO C 85 18.12 -6.06 28.80
C PRO C 85 19.38 -6.53 28.10
N ILE C 86 19.50 -7.84 27.97
CA ILE C 86 20.61 -8.49 27.29
C ILE C 86 20.14 -8.95 25.92
N TRP C 87 20.92 -8.63 24.90
CA TRP C 87 20.50 -8.84 23.52
C TRP C 87 21.20 -10.03 22.90
N VAL C 88 20.43 -10.96 22.34
CA VAL C 88 21.01 -12.13 21.69
C VAL C 88 21.67 -11.73 20.37
N LYS C 89 22.90 -12.22 20.18
CA LYS C 89 23.64 -12.01 18.94
C LYS C 89 24.70 -13.10 18.82
N ALA C 90 25.21 -13.31 17.61
CA ALA C 90 26.21 -14.35 17.38
C ALA C 90 27.54 -13.92 17.99
N LYS C 91 28.03 -14.72 18.93
CA LYS C 91 29.33 -14.46 19.51
C LYS C 91 30.08 -15.76 19.84
N ASN C 92 31.40 -15.62 19.95
CA ASN C 92 32.30 -16.68 20.37
C ASN C 92 31.84 -17.36 21.64
N GLY C 93 31.87 -18.69 21.64
CA GLY C 93 31.44 -19.47 22.81
C GLY C 93 31.21 -20.93 22.49
N CYS C 94 30.11 -21.48 23.00
CA CYS C 94 29.77 -22.87 22.75
C CYS C 94 29.49 -23.13 21.27
N VAL C 95 29.18 -22.05 20.54
CA VAL C 95 28.97 -22.14 19.10
C VAL C 95 30.06 -21.38 18.33
N LYS C 96 30.61 -22.03 17.31
CA LYS C 96 31.46 -21.35 16.33
C LYS C 96 30.64 -21.00 15.10
N TRP C 97 30.70 -19.74 14.70
CA TRP C 97 29.81 -19.24 13.65
C TRP C 97 30.51 -19.22 12.29
N ASN C 98 30.44 -20.35 11.60
CA ASN C 98 31.18 -20.56 10.37
C ASN C 98 30.40 -20.06 9.15
N VAL C 99 30.09 -18.78 9.16
CA VAL C 99 29.43 -18.13 8.02
C VAL C 99 30.15 -16.81 7.78
N LYS C 100 29.82 -16.14 6.68
CA LYS C 100 30.57 -14.98 6.23
C LYS C 100 30.45 -13.80 7.19
N ASN C 101 29.25 -13.55 7.70
CA ASN C 101 29.01 -12.39 8.55
C ASN C 101 28.08 -12.77 9.69
N PRO C 102 28.63 -13.32 10.80
CA PRO C 102 27.81 -13.76 11.95
C PRO C 102 26.86 -12.69 12.45
N SER C 103 27.24 -11.42 12.32
CA SER C 103 26.40 -10.34 12.86
C SER C 103 25.08 -10.16 12.08
N GLU C 104 25.00 -10.77 10.90
CA GLU C 104 23.80 -10.70 10.05
C GLU C 104 22.83 -11.87 10.27
N VAL C 105 23.27 -12.89 11.02
CA VAL C 105 22.37 -14.00 11.36
C VAL C 105 21.27 -13.49 12.29
N GLY C 106 20.02 -13.83 11.97
CA GLY C 106 18.89 -13.32 12.77
C GLY C 106 19.01 -13.84 14.19
N ALA C 107 18.67 -12.99 15.16
CA ALA C 107 18.82 -13.35 16.59
C ALA C 107 17.96 -14.57 16.96
N ASP C 108 16.80 -14.72 16.33
CA ASP C 108 15.99 -15.93 16.56
C ASP C 108 16.75 -17.21 16.19
N ARG C 109 17.44 -17.15 15.06
CA ARG C 109 18.22 -18.29 14.55
C ARG C 109 19.40 -18.57 15.48
N VAL C 110 20.05 -17.50 15.92
CA VAL C 110 21.15 -17.60 16.89
C VAL C 110 20.65 -18.30 18.16
N ALA C 111 19.52 -17.83 18.69
CA ALA C 111 18.91 -18.45 19.87
C ALA C 111 18.59 -19.93 19.65
N ASN C 112 18.02 -20.26 18.50
CA ASN C 112 17.75 -21.67 18.14
C ASN C 112 19.00 -22.56 18.20
N VAL C 113 20.09 -22.04 17.65
CA VAL C 113 21.34 -22.77 17.58
C VAL C 113 21.96 -22.93 18.98
N VAL C 114 21.94 -21.86 19.75
CA VAL C 114 22.46 -21.89 21.13
C VAL C 114 21.70 -22.92 21.95
N ALA C 115 20.36 -22.88 21.86
CA ALA C 115 19.52 -23.84 22.57
C ALA C 115 19.81 -25.27 22.12
N PHE C 116 19.99 -25.46 20.80
CA PHE C 116 20.21 -26.80 20.30
C PHE C 116 21.48 -27.40 20.87
N VAL C 117 22.55 -26.62 20.82
CA VAL C 117 23.87 -27.07 21.30
C VAL C 117 23.84 -27.34 22.81
N LYS C 118 23.18 -26.49 23.57
CA LYS C 118 23.09 -26.66 25.02
C LYS C 118 22.28 -27.87 25.44
N GLU C 119 21.15 -28.11 24.78
CA GLU C 119 20.19 -29.10 25.28
C GLU C 119 20.20 -30.42 24.52
N TYR C 120 20.50 -30.36 23.22
CA TYR C 120 20.32 -31.50 22.34
C TYR C 120 21.61 -32.16 21.85
N GLY C 121 22.59 -31.37 21.41
CA GLY C 121 23.86 -31.92 20.95
C GLY C 121 24.62 -31.03 19.99
N LYS C 122 25.70 -31.57 19.42
CA LYS C 122 26.61 -30.77 18.61
C LYS C 122 26.33 -30.86 17.11
N ASN C 123 25.37 -31.69 16.75
CA ASN C 123 25.02 -31.96 15.34
C ASN C 123 23.53 -31.99 15.17
N GLY C 124 23.00 -31.20 14.23
CA GLY C 124 21.58 -31.21 14.01
C GLY C 124 21.11 -30.22 12.98
N ILE C 125 19.84 -30.34 12.64
CA ILE C 125 19.20 -29.45 11.66
C ILE C 125 17.98 -28.88 12.34
N ILE C 126 17.86 -27.55 12.32
CA ILE C 126 16.75 -26.90 12.99
C ILE C 126 15.86 -26.28 11.94
N ILE C 127 14.57 -26.62 12.01
CA ILE C 127 13.58 -26.06 11.11
C ILE C 127 12.66 -25.19 11.95
N ASP C 128 12.60 -23.90 11.65
CA ASP C 128 11.77 -22.98 12.42
C ASP C 128 10.73 -22.37 11.49
N MET C 129 9.46 -22.72 11.71
CA MET C 129 8.38 -22.29 10.82
C MET C 129 7.63 -21.12 11.41
N GLY C 130 7.99 -19.92 10.96
CA GLY C 130 7.40 -18.68 11.45
C GLY C 130 7.07 -17.78 10.27
N THR C 131 7.30 -16.48 10.42
CA THR C 131 6.98 -15.54 9.34
C THR C 131 7.70 -16.01 8.07
N ALA C 132 9.00 -16.26 8.20
CA ALA C 132 9.77 -17.04 7.24
C ALA C 132 10.00 -18.42 7.85
N THR C 133 10.34 -19.39 7.01
CA THR C 133 10.76 -20.69 7.54
C THR C 133 12.26 -20.76 7.36
N THR C 134 12.98 -21.10 8.42
CA THR C 134 14.43 -21.16 8.36
C THR C 134 14.91 -22.58 8.54
N VAL C 135 16.04 -22.87 7.89
CA VAL C 135 16.76 -24.12 8.12
C VAL C 135 18.13 -23.71 8.63
N ASP C 136 18.57 -24.33 9.74
CA ASP C 136 19.85 -23.99 10.33
C ASP C 136 20.61 -25.27 10.55
N LEU C 137 21.88 -25.27 10.13
CA LEU C 137 22.76 -26.44 10.24
C LEU C 137 23.84 -26.21 11.29
N VAL C 138 23.97 -27.17 12.22
CA VAL C 138 25.02 -27.22 13.24
C VAL C 138 25.77 -28.56 13.09
N VAL C 139 27.09 -28.46 12.92
CA VAL C 139 27.95 -29.62 12.72
C VAL C 139 29.13 -29.47 13.66
N ASN C 140 29.28 -30.46 14.54
CA ASN C 140 30.33 -30.49 15.55
C ASN C 140 30.45 -29.17 16.31
N GLY C 141 29.30 -28.57 16.60
CA GLY C 141 29.24 -27.34 17.37
C GLY C 141 29.47 -26.07 16.57
N SER C 142 29.57 -26.22 15.25
CA SER C 142 29.76 -25.07 14.36
C SER C 142 28.48 -24.82 13.56
N TYR C 143 28.00 -23.58 13.62
CA TYR C 143 26.91 -23.17 12.76
C TYR C 143 27.46 -23.06 11.35
N GLU C 144 26.83 -23.76 10.40
CA GLU C 144 27.35 -23.82 9.04
C GLU C 144 26.57 -22.94 8.08
N GLY C 145 25.41 -22.47 8.52
CA GLY C 145 24.53 -21.66 7.66
C GLY C 145 23.20 -22.35 7.51
N GLY C 146 22.50 -22.05 6.42
CA GLY C 146 21.20 -22.67 6.19
C GLY C 146 20.42 -22.12 5.02
N ALA C 147 19.10 -22.05 5.19
CA ALA C 147 18.19 -21.63 4.12
C ALA C 147 17.07 -20.81 4.71
N ILE C 148 16.51 -19.91 3.90
CA ILE C 148 15.36 -19.09 4.28
C ILE C 148 14.30 -19.25 3.18
N LEU C 149 13.07 -19.57 3.60
CA LEU C 149 11.94 -19.75 2.68
C LEU C 149 10.80 -18.85 3.16
N PRO C 150 9.90 -18.43 2.27
CA PRO C 150 8.72 -17.74 2.81
C PRO C 150 7.95 -18.71 3.69
N GLY C 151 7.35 -18.20 4.76
CA GLY C 151 6.51 -19.04 5.64
C GLY C 151 5.18 -19.37 4.99
N PHE C 152 4.40 -20.26 5.62
CA PHE C 152 3.17 -20.74 4.99
C PHE C 152 2.21 -19.59 4.73
N PHE C 153 1.98 -18.77 5.74
CA PHE C 153 1.03 -17.68 5.56
C PHE C 153 1.56 -16.66 4.57
N MET C 154 2.85 -16.38 4.65
CA MET C 154 3.46 -15.45 3.68
C MET C 154 3.19 -15.94 2.27
N MET C 155 3.25 -17.26 2.08
CA MET C 155 3.01 -17.80 0.73
C MET C 155 1.57 -17.60 0.29
N VAL C 156 0.60 -18.02 1.12
CA VAL C 156 -0.79 -17.92 0.64
C VAL C 156 -1.19 -16.47 0.49
N HIS C 157 -0.64 -15.62 1.35
CA HIS C 157 -0.95 -14.18 1.25
C HIS C 157 -0.33 -13.60 -0.02
N SER C 158 0.86 -14.05 -0.38
CA SER C 158 1.51 -13.56 -1.61
C SER C 158 0.71 -13.91 -2.87
N LEU C 159 0.14 -15.10 -2.90
CA LEU C 159 -0.66 -15.54 -4.06
C LEU C 159 -1.94 -14.74 -4.16
N PHE C 160 -2.55 -14.48 -3.01
CA PHE C 160 -3.77 -13.67 -2.94
C PHE C 160 -3.50 -12.24 -3.41
N ARG C 161 -2.50 -11.58 -2.83
CA ARG C 161 -2.24 -10.17 -3.17
C ARG C 161 -1.61 -9.97 -4.54
N GLY C 162 -0.92 -10.99 -5.01
CA GLY C 162 -0.15 -10.88 -6.26
C GLY C 162 -0.84 -11.36 -7.51
N THR C 163 -2.09 -11.77 -7.40
CA THR C 163 -2.87 -12.20 -8.57
C THR C 163 -4.27 -11.67 -8.54
N ALA C 164 -4.92 -11.63 -9.69
CA ALA C 164 -6.29 -11.16 -9.78
C ALA C 164 -7.30 -12.18 -9.23
N LYS C 165 -7.10 -13.44 -9.60
CA LYS C 165 -8.13 -14.47 -9.41
C LYS C 165 -8.02 -15.31 -8.15
N LEU C 166 -6.85 -15.36 -7.52
CA LEU C 166 -6.64 -16.29 -6.39
C LEU C 166 -7.17 -15.74 -5.08
N PRO C 167 -7.90 -16.58 -4.32
CA PRO C 167 -8.37 -16.20 -2.98
C PRO C 167 -7.29 -16.40 -1.92
N LEU C 168 -7.55 -15.89 -0.72
CA LEU C 168 -6.68 -16.14 0.41
C LEU C 168 -7.13 -17.46 1.02
N VAL C 169 -6.23 -18.43 1.00
CA VAL C 169 -6.55 -19.80 1.40
C VAL C 169 -6.05 -20.09 2.81
N GLU C 170 -6.82 -20.92 3.52
CA GLU C 170 -6.44 -21.39 4.85
C GLU C 170 -5.24 -22.33 4.73
N VAL C 171 -4.32 -22.19 5.67
CA VAL C 171 -3.15 -23.05 5.70
C VAL C 171 -3.51 -24.38 6.35
N LYS C 172 -3.66 -25.40 5.50
CA LYS C 172 -4.08 -26.73 5.94
C LYS C 172 -3.54 -27.74 4.91
N PRO C 173 -2.88 -28.82 5.38
CA PRO C 173 -2.27 -29.76 4.43
C PRO C 173 -3.28 -30.37 3.47
N ALA C 174 -2.80 -30.77 2.28
CA ALA C 174 -3.60 -31.51 1.32
C ALA C 174 -3.51 -32.99 1.63
N ASP C 175 -4.67 -33.66 1.58
CA ASP C 175 -4.75 -35.12 1.71
C ASP C 175 -5.07 -35.78 0.36
N PHE C 176 -4.69 -35.10 -0.72
CA PHE C 176 -4.94 -35.57 -2.08
C PHE C 176 -3.68 -35.37 -2.94
N VAL C 177 -3.65 -36.04 -4.08
CA VAL C 177 -2.48 -36.06 -4.94
C VAL C 177 -2.45 -34.86 -5.91
N VAL C 178 -3.63 -34.49 -6.39
CA VAL C 178 -3.81 -33.23 -7.13
C VAL C 178 -5.07 -32.53 -6.63
N GLY C 179 -5.02 -31.20 -6.60
CA GLY C 179 -6.19 -30.40 -6.21
C GLY C 179 -7.28 -30.35 -7.26
N LYS C 180 -8.53 -30.34 -6.81
CA LYS C 180 -9.71 -30.38 -7.68
C LYS C 180 -10.45 -29.05 -7.77
N ASP C 181 -9.99 -28.05 -7.01
CA ASP C 181 -10.47 -26.68 -7.11
C ASP C 181 -9.35 -25.76 -6.68
N THR C 182 -9.55 -24.46 -6.80
CA THR C 182 -8.48 -23.52 -6.58
C THR C 182 -7.85 -23.63 -5.17
N GLU C 183 -8.69 -23.67 -4.15
CA GLU C 183 -8.20 -23.74 -2.77
C GLU C 183 -7.36 -24.98 -2.53
N GLU C 184 -7.84 -26.11 -3.03
CA GLU C 184 -7.08 -27.36 -2.96
C GLU C 184 -5.75 -27.25 -3.69
N ASN C 185 -5.73 -26.57 -4.83
CA ASN C 185 -4.48 -26.42 -5.58
C ASN C 185 -3.45 -25.67 -4.75
N ILE C 186 -3.92 -24.63 -4.06
CA ILE C 186 -3.02 -23.78 -3.30
C ILE C 186 -2.54 -24.51 -2.05
N ARG C 187 -3.42 -25.24 -1.38
CA ARG C 187 -2.98 -25.98 -0.17
C ARG C 187 -1.88 -26.98 -0.57
N LEU C 188 -2.09 -27.69 -1.67
CA LEU C 188 -1.08 -28.66 -2.13
C LEU C 188 0.26 -27.98 -2.46
N GLY C 189 0.20 -26.88 -3.21
CA GLY C 189 1.45 -26.22 -3.64
C GLY C 189 2.22 -25.60 -2.47
N VAL C 190 1.49 -24.92 -1.59
CA VAL C 190 2.11 -24.17 -0.51
C VAL C 190 2.45 -25.02 0.69
N VAL C 191 1.48 -25.78 1.17
CA VAL C 191 1.71 -26.52 2.41
C VAL C 191 2.53 -27.80 2.16
N ASN C 192 1.98 -28.72 1.37
CA ASN C 192 2.69 -29.95 1.04
C ASN C 192 3.96 -29.62 0.29
N GLY C 193 3.88 -28.65 -0.62
CA GLY C 193 5.06 -28.25 -1.40
C GLY C 193 6.19 -27.73 -0.53
N SER C 194 5.87 -26.89 0.47
CA SER C 194 6.92 -26.37 1.37
C SER C 194 7.53 -27.49 2.19
N VAL C 195 6.70 -28.45 2.59
CA VAL C 195 7.23 -29.64 3.27
C VAL C 195 8.22 -30.38 2.39
N TYR C 196 7.84 -30.62 1.14
CA TYR C 196 8.76 -31.23 0.18
C TYR C 196 10.04 -30.42 0.00
N ALA C 197 9.89 -29.09 0.00
CA ALA C 197 11.04 -28.21 -0.18
C ALA C 197 12.03 -28.39 0.95
N LEU C 198 11.53 -28.36 2.18
CA LEU C 198 12.34 -28.59 3.37
C LEU C 198 12.97 -29.99 3.36
N GLU C 199 12.17 -31.00 3.03
CA GLU C 199 12.67 -32.36 2.91
C GLU C 199 13.81 -32.50 1.92
N GLY C 200 13.74 -31.78 0.80
CA GLY C 200 14.80 -31.82 -0.19
C GLY C 200 16.07 -31.16 0.33
N ILE C 201 15.90 -30.02 1.00
CA ILE C 201 17.02 -29.30 1.57
C ILE C 201 17.69 -30.15 2.64
N ILE C 202 16.87 -30.76 3.50
CA ILE C 202 17.36 -31.64 4.57
C ILE C 202 18.09 -32.81 3.93
N GLY C 203 17.44 -33.42 2.95
CA GLY C 203 18.00 -34.57 2.24
C GLY C 203 19.39 -34.31 1.71
N ARG C 204 19.56 -33.17 1.05
CA ARG C 204 20.86 -32.82 0.48
C ARG C 204 21.91 -32.54 1.55
N ILE C 205 21.50 -31.92 2.66
CA ILE C 205 22.40 -31.73 3.80
C ILE C 205 22.89 -33.09 4.33
N LYS C 206 21.96 -34.02 4.48
CA LYS C 206 22.27 -35.36 4.97
C LYS C 206 23.22 -36.15 4.06
N GLU C 207 23.20 -35.83 2.77
CA GLU C 207 24.08 -36.47 1.78
C GLU C 207 25.54 -36.09 2.01
N VAL C 208 25.75 -34.89 2.54
CA VAL C 208 27.08 -34.37 2.82
C VAL C 208 27.54 -34.70 4.25
N TYR C 209 26.62 -34.55 5.21
CA TYR C 209 26.98 -34.61 6.62
C TYR C 209 26.47 -35.83 7.39
N GLY C 210 25.66 -36.67 6.75
CA GLY C 210 25.08 -37.85 7.40
C GLY C 210 23.74 -37.59 8.05
N ASP C 211 23.21 -38.60 8.72
CA ASP C 211 21.87 -38.58 9.32
C ASP C 211 21.74 -37.79 10.64
N LEU C 212 21.69 -36.47 10.53
CA LEU C 212 21.58 -35.59 11.68
C LEU C 212 20.15 -35.51 12.22
N PRO C 213 19.99 -35.35 13.56
CA PRO C 213 18.66 -35.12 14.14
C PRO C 213 18.04 -33.83 13.60
N VAL C 214 16.75 -33.87 13.34
CA VAL C 214 15.98 -32.69 12.92
C VAL C 214 15.08 -32.24 14.07
N VAL C 215 15.19 -30.97 14.46
CA VAL C 215 14.31 -30.40 15.46
C VAL C 215 13.38 -29.42 14.76
N LEU C 216 12.10 -29.52 15.09
CA LEU C 216 11.09 -28.65 14.54
C LEU C 216 10.61 -27.65 15.59
N THR C 217 10.48 -26.39 15.17
CA THR C 217 9.93 -25.35 16.05
C THR C 217 9.20 -24.28 15.24
N GLY C 218 8.60 -23.31 15.93
CA GLY C 218 7.97 -22.17 15.24
C GLY C 218 6.46 -22.13 15.35
N GLY C 219 5.94 -20.91 15.24
CA GLY C 219 4.50 -20.65 15.40
C GLY C 219 3.61 -21.34 14.41
N GLN C 220 4.15 -21.69 13.24
CA GLN C 220 3.38 -22.39 12.20
C GLN C 220 3.74 -23.87 12.04
N SER C 221 4.53 -24.42 12.97
CA SER C 221 5.06 -25.79 12.82
C SER C 221 4.07 -26.91 13.21
N LYS C 222 3.17 -26.63 14.15
CA LYS C 222 2.29 -27.69 14.68
C LYS C 222 1.48 -28.34 13.56
N ILE C 223 1.04 -27.53 12.60
CA ILE C 223 0.15 -28.00 11.53
C ILE C 223 0.75 -29.07 10.62
N VAL C 224 2.08 -29.07 10.49
CA VAL C 224 2.77 -30.02 9.63
C VAL C 224 3.69 -30.97 10.38
N LYS C 225 3.62 -30.99 11.71
CA LYS C 225 4.61 -31.77 12.46
C LYS C 225 4.61 -33.26 12.10
N ASP C 226 3.45 -33.80 11.73
CA ASP C 226 3.37 -35.20 11.32
C ASP C 226 3.80 -35.45 9.87
N MET C 227 4.09 -34.37 9.15
CA MET C 227 4.48 -34.46 7.74
C MET C 227 5.98 -34.43 7.54
N ILE C 228 6.70 -33.85 8.50
CA ILE C 228 8.16 -33.80 8.41
C ILE C 228 8.76 -34.79 9.40
N LYS C 229 9.72 -35.59 8.94
CA LYS C 229 10.47 -36.45 9.85
C LYS C 229 11.37 -35.60 10.73
N HIS C 230 11.27 -35.84 12.03
CA HIS C 230 12.02 -35.06 12.99
C HIS C 230 12.23 -35.90 14.23
N GLU C 231 13.26 -35.58 15.00
CA GLU C 231 13.54 -36.28 16.24
C GLU C 231 13.10 -35.48 17.46
N ILE C 232 12.99 -34.16 17.31
CA ILE C 232 12.55 -33.29 18.39
C ILE C 232 11.50 -32.28 17.88
N PHE C 233 10.37 -32.20 18.58
CA PHE C 233 9.43 -31.09 18.37
C PHE C 233 9.52 -30.23 19.62
N ASP C 234 9.99 -29.00 19.47
CA ASP C 234 10.24 -28.17 20.61
C ASP C 234 9.79 -26.74 20.34
N GLU C 235 8.54 -26.45 20.70
CA GLU C 235 8.00 -25.09 20.51
C GLU C 235 8.72 -24.03 21.30
N ASP C 236 9.43 -24.41 22.35
CA ASP C 236 10.12 -23.44 23.20
C ASP C 236 11.55 -23.14 22.79
N LEU C 237 12.01 -23.70 21.68
CA LEU C 237 13.44 -23.66 21.37
C LEU C 237 14.03 -22.25 21.38
N THR C 238 13.38 -21.31 20.70
CA THR C 238 13.94 -19.97 20.63
C THR C 238 14.04 -19.28 22.01
N ILE C 239 12.97 -19.37 22.79
CA ILE C 239 12.94 -18.77 24.10
C ILE C 239 13.98 -19.44 25.01
N LYS C 240 14.11 -20.76 24.91
CA LYS C 240 15.18 -21.48 25.64
C LYS C 240 16.54 -20.92 25.26
N GLY C 241 16.75 -20.64 23.97
CA GLY C 241 18.02 -20.09 23.49
C GLY C 241 18.27 -18.71 24.05
N VAL C 242 17.21 -17.92 24.16
CA VAL C 242 17.33 -16.61 24.75
C VAL C 242 17.79 -16.77 26.20
N TYR C 243 17.18 -17.71 26.92
CA TYR C 243 17.59 -17.98 28.29
C TYR C 243 19.05 -18.43 28.38
N HIS C 244 19.43 -19.43 27.59
CA HIS C 244 20.79 -19.98 27.66
C HIS C 244 21.82 -18.91 27.32
N PHE C 245 21.56 -18.14 26.26
CA PHE C 245 22.50 -17.14 25.84
C PHE C 245 22.71 -16.06 26.90
N CYS C 246 21.61 -15.56 27.46
CA CYS C 246 21.64 -14.44 28.38
C CYS C 246 22.01 -14.82 29.81
N PHE C 247 21.51 -15.95 30.29
CA PHE C 247 21.58 -16.29 31.73
C PHE C 247 22.09 -17.69 32.04
N GLY C 248 22.47 -18.42 31.00
CA GLY C 248 23.01 -19.77 31.16
C GLY C 248 24.39 -19.89 30.55
N MET D 4 -2.89 -14.90 -40.48
CA MET D 4 -2.01 -14.28 -39.45
C MET D 4 -2.79 -13.94 -38.19
N TYR D 5 -2.63 -14.80 -37.22
CA TYR D 5 -3.39 -14.72 -35.99
C TYR D 5 -2.57 -13.97 -34.96
N LEU D 6 -3.23 -13.12 -34.18
CA LEU D 6 -2.63 -12.53 -32.99
C LEU D 6 -3.09 -13.36 -31.81
N LEU D 7 -2.12 -13.82 -31.02
CA LEU D 7 -2.42 -14.62 -29.85
C LEU D 7 -1.95 -13.86 -28.62
N VAL D 8 -2.80 -13.79 -27.59
CA VAL D 8 -2.53 -12.96 -26.41
C VAL D 8 -2.65 -13.83 -25.16
N ASP D 9 -1.65 -13.73 -24.30
CA ASP D 9 -1.65 -14.40 -23.00
C ASP D 9 -1.52 -13.32 -21.93
N VAL D 10 -2.64 -12.93 -21.33
CA VAL D 10 -2.64 -11.84 -20.34
C VAL D 10 -2.39 -12.43 -18.96
N GLY D 11 -1.18 -12.17 -18.44
CA GLY D 11 -0.79 -12.62 -17.12
C GLY D 11 -0.83 -11.48 -16.12
N ASN D 12 -0.65 -11.82 -14.85
CA ASN D 12 -0.77 -10.83 -13.79
C ASN D 12 0.30 -9.74 -13.83
N THR D 13 1.49 -10.07 -14.31
CA THR D 13 2.56 -9.07 -14.35
C THR D 13 2.89 -8.72 -15.79
N HIS D 14 2.87 -9.72 -16.66
CA HIS D 14 3.15 -9.48 -18.08
C HIS D 14 2.12 -10.08 -18.98
N SER D 15 2.04 -9.52 -20.19
CA SER D 15 1.21 -10.07 -21.25
C SER D 15 2.07 -10.40 -22.45
N VAL D 16 1.87 -11.60 -22.99
CA VAL D 16 2.61 -12.05 -24.17
C VAL D 16 1.74 -11.85 -25.41
N PHE D 17 2.35 -11.33 -26.47
CA PHE D 17 1.65 -11.17 -27.73
C PHE D 17 2.45 -11.88 -28.79
N SER D 18 1.78 -12.69 -29.60
CA SER D 18 2.48 -13.49 -30.58
C SER D 18 1.70 -13.55 -31.88
N ILE D 19 2.42 -13.55 -33.00
CA ILE D 19 1.77 -13.72 -34.29
C ILE D 19 2.22 -15.03 -34.92
N THR D 20 1.28 -15.69 -35.60
CA THR D 20 1.57 -16.91 -36.33
C THR D 20 0.68 -16.95 -37.55
N GLU D 21 1.20 -17.51 -38.65
CA GLU D 21 0.39 -17.65 -39.85
C GLU D 21 -0.45 -18.91 -39.75
N ASP D 22 0.15 -19.93 -39.14
CA ASP D 22 -0.30 -21.30 -39.31
C ASP D 22 -0.41 -22.09 -38.01
N GLY D 23 0.00 -21.48 -36.90
CA GLY D 23 0.08 -22.19 -35.63
C GLY D 23 1.28 -23.12 -35.52
N LYS D 24 2.28 -22.93 -36.38
CA LYS D 24 3.45 -23.80 -36.40
C LYS D 24 4.73 -23.06 -35.99
N THR D 25 4.90 -21.86 -36.53
CA THR D 25 5.98 -20.98 -36.10
C THR D 25 5.41 -19.67 -35.53
N PHE D 26 6.12 -19.13 -34.54
CA PHE D 26 5.58 -18.03 -33.75
C PHE D 26 6.63 -16.93 -33.62
N ARG D 27 6.20 -15.67 -33.71
CA ARG D 27 7.03 -14.56 -33.31
C ARG D 27 6.36 -13.95 -32.10
N ARG D 28 7.15 -13.63 -31.08
CA ARG D 28 6.53 -13.16 -29.83
C ARG D 28 7.19 -11.96 -29.20
N TRP D 29 6.38 -11.22 -28.44
CA TRP D 29 6.81 -10.08 -27.68
C TRP D 29 6.15 -10.17 -26.31
N ARG D 30 6.68 -9.40 -25.36
CA ARG D 30 6.11 -9.34 -24.02
C ARG D 30 6.05 -7.90 -23.56
N LEU D 31 4.97 -7.55 -22.88
CA LEU D 31 4.80 -6.19 -22.31
C LEU D 31 4.34 -6.30 -20.88
N SER D 32 4.49 -5.25 -20.08
CA SER D 32 3.84 -5.27 -18.75
C SER D 32 2.33 -5.29 -18.93
N THR D 33 1.62 -5.93 -18.00
CA THR D 33 0.16 -5.88 -18.01
C THR D 33 -0.35 -4.51 -17.54
N GLY D 34 0.16 -4.02 -16.42
CA GLY D 34 -0.05 -2.59 -16.10
C GLY D 34 -1.50 -2.08 -16.01
N VAL D 35 -1.77 -1.40 -14.91
CA VAL D 35 -3.13 -1.11 -14.51
C VAL D 35 -3.66 0.11 -15.27
N PHE D 36 -4.93 0.09 -15.59
CA PHE D 36 -5.59 1.20 -16.28
C PHE D 36 -5.09 1.44 -17.70
N GLN D 37 -4.42 0.46 -18.30
CA GLN D 37 -4.07 0.57 -19.72
C GLN D 37 -5.31 0.65 -20.58
N THR D 38 -5.22 1.35 -21.70
CA THR D 38 -6.34 1.48 -22.63
C THR D 38 -6.04 0.80 -23.95
N GLU D 39 -7.07 0.69 -24.80
CA GLU D 39 -6.88 0.08 -26.12
C GLU D 39 -5.91 0.86 -27.00
N ASP D 40 -5.92 2.19 -26.86
CA ASP D 40 -5.01 3.01 -27.64
C ASP D 40 -3.57 2.85 -27.17
N GLU D 41 -3.41 2.70 -25.86
CA GLU D 41 -2.11 2.49 -25.24
C GLU D 41 -1.52 1.16 -25.70
N LEU D 42 -2.38 0.15 -25.74
CA LEU D 42 -1.95 -1.15 -26.23
C LEU D 42 -1.50 -1.07 -27.69
N PHE D 43 -2.29 -0.41 -28.52
CA PHE D 43 -1.88 -0.24 -29.92
C PHE D 43 -0.55 0.50 -30.04
N SER D 44 -0.40 1.60 -29.28
CA SER D 44 0.81 2.37 -29.29
C SER D 44 2.05 1.53 -28.94
N HIS D 45 1.90 0.65 -27.96
CA HIS D 45 3.02 -0.21 -27.58
C HIS D 45 3.34 -1.26 -28.63
N LEU D 46 2.29 -1.82 -29.24
CA LEU D 46 2.48 -2.91 -30.20
C LEU D 46 2.91 -2.43 -31.59
N HIS D 47 2.61 -1.16 -31.90
CA HIS D 47 2.87 -0.64 -33.25
C HIS D 47 4.32 -0.80 -33.73
N PRO D 48 5.31 -0.31 -32.96
CA PRO D 48 6.70 -0.47 -33.41
C PRO D 48 7.21 -1.89 -33.34
N LEU D 49 6.45 -2.77 -32.68
CA LEU D 49 6.85 -4.15 -32.52
C LEU D 49 6.36 -5.03 -33.67
N LEU D 50 5.05 -5.01 -33.89
CA LEU D 50 4.42 -5.83 -34.93
C LEU D 50 4.55 -5.20 -36.31
N GLY D 51 4.65 -3.88 -36.34
CA GLY D 51 4.76 -3.14 -37.59
C GLY D 51 3.62 -3.44 -38.57
N ASP D 52 4.00 -3.82 -39.78
CA ASP D 52 3.02 -4.04 -40.85
C ASP D 52 2.08 -5.21 -40.56
N ALA D 53 2.47 -6.09 -39.63
CA ALA D 53 1.62 -7.22 -39.24
C ALA D 53 0.26 -6.76 -38.70
N MET D 54 0.21 -5.57 -38.10
CA MET D 54 -1.02 -5.03 -37.51
C MET D 54 -2.10 -4.76 -38.56
N ARG D 55 -1.69 -4.67 -39.83
CA ARG D 55 -2.61 -4.40 -40.93
C ARG D 55 -3.20 -5.69 -41.49
N GLU D 56 -2.68 -6.82 -41.03
CA GLU D 56 -2.93 -8.10 -41.67
C GLU D 56 -3.34 -9.18 -40.66
N ILE D 57 -4.15 -8.81 -39.67
CA ILE D 57 -4.55 -9.77 -38.63
C ILE D 57 -5.95 -10.34 -38.91
N LYS D 58 -6.02 -11.66 -38.96
CA LYS D 58 -7.24 -12.36 -39.37
C LYS D 58 -7.97 -13.05 -38.20
N GLY D 59 -7.42 -12.90 -36.99
CA GLY D 59 -8.04 -13.48 -35.81
C GLY D 59 -7.24 -13.07 -34.60
N ILE D 60 -7.93 -12.94 -33.47
CA ILE D 60 -7.29 -12.63 -32.20
C ILE D 60 -7.79 -13.61 -31.15
N GLY D 61 -6.86 -14.40 -30.63
CA GLY D 61 -7.17 -15.39 -29.61
C GLY D 61 -6.58 -14.93 -28.29
N VAL D 62 -7.30 -15.11 -27.19
CA VAL D 62 -6.86 -14.56 -25.90
C VAL D 62 -7.04 -15.53 -24.73
N ALA D 63 -5.96 -15.73 -23.96
CA ALA D 63 -6.10 -16.39 -22.66
C ALA D 63 -5.81 -15.30 -21.65
N SER D 64 -6.74 -15.06 -20.74
CA SER D 64 -6.53 -14.02 -19.74
C SER D 64 -6.84 -14.50 -18.35
N VAL D 65 -5.97 -14.11 -17.40
CA VAL D 65 -6.21 -14.41 -15.98
C VAL D 65 -6.36 -13.12 -15.18
N VAL D 66 -6.64 -12.02 -15.90
CA VAL D 66 -6.82 -10.71 -15.29
C VAL D 66 -8.12 -10.11 -15.84
N PRO D 67 -9.26 -10.43 -15.21
CA PRO D 67 -10.57 -9.99 -15.71
C PRO D 67 -10.67 -8.51 -16.00
N THR D 68 -10.06 -7.66 -15.19
CA THR D 68 -10.14 -6.21 -15.44
C THR D 68 -9.56 -5.78 -16.78
N GLN D 69 -8.63 -6.57 -17.33
CA GLN D 69 -7.98 -6.23 -18.60
C GLN D 69 -8.86 -6.56 -19.81
N ASN D 70 -9.88 -7.41 -19.62
CA ASN D 70 -10.52 -8.06 -20.75
C ASN D 70 -11.28 -7.08 -21.65
N THR D 71 -11.94 -6.09 -21.05
CA THR D 71 -12.66 -5.09 -21.86
C THR D 71 -11.72 -4.27 -22.74
N VAL D 72 -10.52 -3.99 -22.22
CA VAL D 72 -9.50 -3.28 -23.01
C VAL D 72 -9.05 -4.14 -24.21
N ILE D 73 -8.86 -5.43 -23.98
CA ILE D 73 -8.45 -6.32 -25.07
C ILE D 73 -9.55 -6.42 -26.12
N GLU D 74 -10.79 -6.48 -25.66
CA GLU D 74 -11.96 -6.53 -26.54
C GLU D 74 -12.05 -5.25 -27.39
N ARG D 75 -11.93 -4.10 -26.74
CA ARG D 75 -12.01 -2.80 -27.44
C ARG D 75 -10.85 -2.62 -28.43
N PHE D 76 -9.64 -3.03 -28.00
CA PHE D 76 -8.45 -2.98 -28.85
C PHE D 76 -8.66 -3.80 -30.12
N SER D 77 -9.14 -5.03 -29.95
CA SER D 77 -9.34 -5.91 -31.11
C SER D 77 -10.38 -5.35 -32.07
N GLN D 78 -11.49 -4.85 -31.53
CA GLN D 78 -12.55 -4.32 -32.38
C GLN D 78 -12.13 -3.03 -33.09
N LYS D 79 -11.53 -2.10 -32.34
CA LYS D 79 -11.12 -0.81 -32.90
C LYS D 79 -10.05 -0.93 -34.00
N TYR D 80 -9.04 -1.76 -33.75
CA TYR D 80 -7.86 -1.79 -34.61
C TYR D 80 -7.85 -2.90 -35.65
N PHE D 81 -8.64 -3.95 -35.41
CA PHE D 81 -8.67 -5.08 -36.33
C PHE D 81 -10.06 -5.37 -36.87
N HIS D 82 -11.08 -4.73 -36.27
CA HIS D 82 -12.48 -4.91 -36.63
C HIS D 82 -12.92 -6.38 -36.57
N ILE D 83 -12.34 -7.13 -35.63
CA ILE D 83 -12.68 -8.54 -35.42
C ILE D 83 -12.77 -8.76 -33.91
N SER D 84 -13.72 -9.59 -33.48
CA SER D 84 -13.85 -9.87 -32.05
C SER D 84 -12.92 -10.99 -31.64
N PRO D 85 -12.29 -10.86 -30.46
CA PRO D 85 -11.45 -11.95 -30.02
C PRO D 85 -12.22 -13.21 -29.66
N ILE D 86 -11.51 -14.35 -29.69
CA ILE D 86 -12.00 -15.62 -29.18
C ILE D 86 -11.29 -15.81 -27.85
N TRP D 87 -12.04 -16.18 -26.82
CA TRP D 87 -11.52 -16.26 -25.46
C TRP D 87 -11.37 -17.71 -25.04
N VAL D 88 -10.17 -18.05 -24.60
CA VAL D 88 -9.88 -19.40 -24.08
C VAL D 88 -10.63 -19.64 -22.77
N LYS D 89 -11.27 -20.81 -22.68
CA LYS D 89 -11.92 -21.25 -21.46
C LYS D 89 -12.05 -22.77 -21.50
N ALA D 90 -12.32 -23.38 -20.35
CA ALA D 90 -12.45 -24.85 -20.27
C ALA D 90 -13.80 -25.27 -20.84
N LYS D 91 -13.74 -26.00 -21.95
CA LYS D 91 -14.92 -26.53 -22.64
C LYS D 91 -14.64 -27.99 -22.96
N ASN D 92 -15.51 -28.90 -22.52
CA ASN D 92 -15.32 -30.31 -22.86
C ASN D 92 -15.31 -30.49 -24.37
N GLY D 93 -14.37 -31.28 -24.86
CA GLY D 93 -14.13 -31.45 -26.29
C GLY D 93 -12.93 -32.34 -26.43
N CYS D 94 -11.83 -31.79 -26.97
CA CYS D 94 -10.57 -32.54 -27.06
C CYS D 94 -10.03 -32.88 -25.67
N VAL D 95 -10.40 -32.07 -24.68
CA VAL D 95 -10.07 -32.33 -23.28
C VAL D 95 -11.35 -32.52 -22.49
N LYS D 96 -11.34 -33.44 -21.52
CA LYS D 96 -12.42 -33.52 -20.54
C LYS D 96 -11.91 -32.92 -19.23
N TRP D 97 -12.68 -32.01 -18.65
CA TRP D 97 -12.22 -31.23 -17.50
C TRP D 97 -12.77 -31.82 -16.20
N ASN D 98 -12.00 -32.75 -15.63
CA ASN D 98 -12.41 -33.53 -14.47
C ASN D 98 -12.05 -32.86 -13.15
N VAL D 99 -12.59 -31.66 -12.97
CA VAL D 99 -12.43 -30.91 -11.72
C VAL D 99 -13.78 -30.35 -11.32
N LYS D 100 -13.86 -29.85 -10.09
CA LYS D 100 -15.11 -29.35 -9.53
C LYS D 100 -15.75 -28.24 -10.36
N ASN D 101 -14.93 -27.26 -10.76
CA ASN D 101 -15.41 -26.06 -11.43
C ASN D 101 -14.49 -25.71 -12.59
N PRO D 102 -14.69 -26.34 -13.77
CA PRO D 102 -13.87 -26.01 -14.93
C PRO D 102 -13.82 -24.52 -15.27
N SER D 103 -14.89 -23.79 -14.99
CA SER D 103 -14.92 -22.37 -15.33
C SER D 103 -13.93 -21.56 -14.50
N GLU D 104 -13.47 -22.12 -13.39
CA GLU D 104 -12.54 -21.43 -12.49
C GLU D 104 -11.07 -21.71 -12.79
N VAL D 105 -10.81 -22.68 -13.67
CA VAL D 105 -9.42 -22.98 -14.07
C VAL D 105 -8.88 -21.81 -14.88
N GLY D 106 -7.70 -21.33 -14.50
CA GLY D 106 -7.12 -20.17 -15.20
C GLY D 106 -6.95 -20.47 -16.68
N ALA D 107 -7.24 -19.46 -17.51
CA ALA D 107 -7.17 -19.63 -18.98
C ALA D 107 -5.80 -20.03 -19.48
N ASP D 108 -4.74 -19.58 -18.79
CA ASP D 108 -3.37 -20.00 -19.16
C ASP D 108 -3.17 -21.51 -19.00
N ARG D 109 -3.73 -22.04 -17.92
CA ARG D 109 -3.65 -23.47 -17.65
C ARG D 109 -4.45 -24.26 -18.68
N VAL D 110 -5.65 -23.78 -18.99
CA VAL D 110 -6.48 -24.40 -20.03
C VAL D 110 -5.70 -24.46 -21.34
N ALA D 111 -5.10 -23.34 -21.74
CA ALA D 111 -4.32 -23.31 -22.96
C ALA D 111 -3.16 -24.31 -22.92
N ASN D 112 -2.46 -24.39 -21.78
CA ASN D 112 -1.34 -25.35 -21.65
C ASN D 112 -1.80 -26.78 -21.90
N VAL D 113 -2.96 -27.12 -21.32
CA VAL D 113 -3.50 -28.47 -21.41
C VAL D 113 -3.94 -28.77 -22.84
N VAL D 114 -4.61 -27.81 -23.47
CA VAL D 114 -5.05 -27.95 -24.87
C VAL D 114 -3.83 -28.17 -25.78
N ALA D 115 -2.81 -27.34 -25.58
CA ALA D 115 -1.58 -27.47 -26.35
C ALA D 115 -0.95 -28.82 -26.15
N PHE D 116 -0.88 -29.27 -24.89
CA PHE D 116 -0.28 -30.55 -24.59
C PHE D 116 -1.02 -31.69 -25.31
N VAL D 117 -2.35 -31.70 -25.20
CA VAL D 117 -3.15 -32.76 -25.82
C VAL D 117 -2.98 -32.76 -27.34
N LYS D 118 -2.91 -31.57 -27.92
CA LYS D 118 -2.80 -31.42 -29.37
C LYS D 118 -1.44 -31.80 -29.92
N GLU D 119 -0.38 -31.47 -29.19
CA GLU D 119 0.97 -31.58 -29.75
C GLU D 119 1.82 -32.67 -29.16
N TYR D 120 1.51 -33.10 -27.94
CA TYR D 120 2.41 -34.00 -27.23
C TYR D 120 1.82 -35.34 -26.84
N GLY D 121 0.56 -35.35 -26.41
CA GLY D 121 -0.09 -36.62 -26.04
C GLY D 121 -1.18 -36.45 -25.02
N LYS D 122 -1.78 -37.57 -24.61
CA LYS D 122 -2.95 -37.55 -23.74
C LYS D 122 -2.60 -37.72 -22.26
N ASN D 123 -1.31 -37.88 -21.98
CA ASN D 123 -0.82 -38.14 -20.63
C ASN D 123 0.38 -37.29 -20.28
N GLY D 124 0.31 -36.53 -19.20
CA GLY D 124 1.49 -35.80 -18.81
C GLY D 124 1.29 -34.78 -17.72
N ILE D 125 2.40 -34.15 -17.35
CA ILE D 125 2.44 -33.18 -16.26
C ILE D 125 3.06 -31.91 -16.80
N ILE D 126 2.36 -30.79 -16.62
CA ILE D 126 2.80 -29.51 -17.14
C ILE D 126 3.20 -28.62 -15.96
N ILE D 127 4.43 -28.11 -15.98
CA ILE D 127 4.91 -27.17 -14.95
C ILE D 127 5.07 -25.80 -15.63
N ASP D 128 4.32 -24.82 -15.17
CA ASP D 128 4.39 -23.48 -15.78
C ASP D 128 4.90 -22.50 -14.72
N MET D 129 6.15 -22.06 -14.87
CA MET D 129 6.77 -21.15 -13.91
C MET D 129 6.63 -19.68 -14.32
N GLY D 130 5.63 -19.01 -13.74
CA GLY D 130 5.32 -17.62 -14.06
C GLY D 130 5.10 -16.87 -12.76
N THR D 131 4.18 -15.91 -12.77
CA THR D 131 3.90 -15.13 -11.55
C THR D 131 3.65 -16.09 -10.38
N ALA D 132 2.76 -17.06 -10.63
CA ALA D 132 2.65 -18.26 -9.80
C ALA D 132 3.22 -19.41 -10.61
N THR D 133 3.59 -20.49 -9.92
CA THR D 133 4.04 -21.68 -10.61
C THR D 133 2.91 -22.69 -10.50
N THR D 134 2.47 -23.22 -11.63
CA THR D 134 1.37 -24.19 -11.65
C THR D 134 1.88 -25.58 -12.06
N VAL D 135 1.22 -26.60 -11.51
CA VAL D 135 1.38 -27.99 -11.96
C VAL D 135 0.00 -28.40 -12.47
N ASP D 136 -0.04 -29.02 -13.65
CA ASP D 136 -1.31 -29.45 -14.24
C ASP D 136 -1.16 -30.89 -14.68
N LEU D 137 -2.16 -31.72 -14.35
CA LEU D 137 -2.12 -33.14 -14.67
C LEU D 137 -3.16 -33.50 -15.71
N VAL D 138 -2.72 -34.19 -16.77
CA VAL D 138 -3.60 -34.70 -17.82
C VAL D 138 -3.42 -36.20 -17.88
N VAL D 139 -4.52 -36.94 -17.77
CA VAL D 139 -4.50 -38.42 -17.81
C VAL D 139 -5.58 -38.91 -18.79
N ASN D 140 -5.15 -39.65 -19.82
CA ASN D 140 -6.03 -40.14 -20.90
C ASN D 140 -6.90 -39.05 -21.49
N GLY D 141 -6.32 -37.85 -21.59
CA GLY D 141 -7.01 -36.73 -22.16
C GLY D 141 -7.96 -36.03 -21.21
N SER D 142 -7.98 -36.43 -19.94
CA SER D 142 -8.77 -35.72 -18.93
C SER D 142 -7.86 -34.88 -18.05
N TYR D 143 -8.19 -33.59 -17.95
CA TYR D 143 -7.52 -32.73 -17.00
C TYR D 143 -7.98 -33.12 -15.60
N GLU D 144 -7.01 -33.41 -14.74
CA GLU D 144 -7.31 -33.96 -13.41
C GLU D 144 -7.17 -32.94 -12.29
N GLY D 145 -6.58 -31.79 -12.59
CA GLY D 145 -6.29 -30.82 -11.53
C GLY D 145 -4.80 -30.59 -11.40
N GLY D 146 -4.38 -30.07 -10.25
CA GLY D 146 -2.97 -29.77 -10.07
C GLY D 146 -2.61 -29.02 -8.80
N ALA D 147 -1.62 -28.14 -8.90
CA ALA D 147 -1.14 -27.38 -7.74
C ALA D 147 -0.76 -25.97 -8.16
N ILE D 148 -0.77 -25.08 -7.19
CA ILE D 148 -0.39 -23.67 -7.43
C ILE D 148 0.54 -23.30 -6.30
N LEU D 149 1.70 -22.75 -6.64
CA LEU D 149 2.59 -22.23 -5.62
C LEU D 149 3.06 -20.84 -6.02
N PRO D 150 3.60 -20.07 -5.07
CA PRO D 150 4.11 -18.75 -5.48
C PRO D 150 5.27 -18.91 -6.43
N GLY D 151 5.37 -18.02 -7.42
CA GLY D 151 6.51 -18.05 -8.34
C GLY D 151 7.78 -17.58 -7.66
N PHE D 152 8.92 -17.75 -8.34
CA PHE D 152 10.21 -17.41 -7.73
C PHE D 152 10.28 -15.96 -7.30
N PHE D 153 9.91 -15.05 -8.22
CA PHE D 153 10.00 -13.65 -7.86
C PHE D 153 9.00 -13.32 -6.76
N MET D 154 7.79 -13.88 -6.85
CA MET D 154 6.80 -13.63 -5.80
C MET D 154 7.39 -14.02 -4.44
N MET D 155 8.13 -15.12 -4.41
CA MET D 155 8.71 -15.56 -3.14
C MET D 155 9.76 -14.60 -2.60
N VAL D 156 10.75 -14.26 -3.42
CA VAL D 156 11.79 -13.33 -2.93
C VAL D 156 11.21 -11.96 -2.54
N HIS D 157 10.22 -11.49 -3.30
CA HIS D 157 9.56 -10.23 -3.00
C HIS D 157 8.78 -10.32 -1.69
N SER D 158 8.16 -11.47 -1.42
CA SER D 158 7.36 -11.63 -0.21
C SER D 158 8.26 -11.58 1.02
N LEU D 159 9.46 -12.16 0.88
CA LEU D 159 10.46 -12.18 1.97
C LEU D 159 10.98 -10.77 2.27
N PHE D 160 11.21 -10.01 1.21
CA PHE D 160 11.68 -8.64 1.37
C PHE D 160 10.62 -7.76 2.02
N ARG D 161 9.41 -7.75 1.47
CA ARG D 161 8.36 -6.86 2.00
C ARG D 161 7.83 -7.32 3.36
N GLY D 162 7.88 -8.62 3.62
CA GLY D 162 7.23 -9.20 4.80
C GLY D 162 8.10 -9.27 6.04
N THR D 163 9.27 -8.67 5.96
CA THR D 163 10.28 -8.87 6.95
C THR D 163 11.09 -7.57 7.13
N ALA D 164 11.61 -7.32 8.32
CA ALA D 164 12.41 -6.11 8.54
C ALA D 164 13.81 -6.22 7.93
N LYS D 165 14.44 -7.38 8.11
CA LYS D 165 15.86 -7.51 7.84
C LYS D 165 16.24 -8.01 6.45
N LEU D 166 15.34 -8.70 5.76
CA LEU D 166 15.76 -9.40 4.53
C LEU D 166 15.74 -8.45 3.35
N PRO D 167 16.77 -8.53 2.50
CA PRO D 167 16.85 -7.74 1.28
C PRO D 167 16.08 -8.42 0.17
N LEU D 168 15.92 -7.72 -0.94
CA LEU D 168 15.33 -8.33 -2.13
C LEU D 168 16.46 -9.01 -2.89
N VAL D 169 16.35 -10.33 -3.01
CA VAL D 169 17.41 -11.16 -3.60
C VAL D 169 17.14 -11.50 -5.08
N GLU D 170 18.22 -11.57 -5.85
CA GLU D 170 18.16 -12.00 -7.23
C GLU D 170 17.86 -13.50 -7.35
N VAL D 171 17.00 -13.86 -8.29
CA VAL D 171 16.64 -15.24 -8.47
C VAL D 171 17.73 -15.98 -9.25
N LYS D 172 18.51 -16.80 -8.54
CA LYS D 172 19.60 -17.56 -9.11
C LYS D 172 19.78 -18.81 -8.27
N PRO D 173 19.88 -20.00 -8.92
CA PRO D 173 19.97 -21.24 -8.15
C PRO D 173 21.21 -21.29 -7.27
N ALA D 174 21.11 -22.02 -6.17
CA ALA D 174 22.23 -22.21 -5.25
C ALA D 174 23.05 -23.38 -5.74
N ASP D 175 24.38 -23.25 -5.68
CA ASP D 175 25.30 -24.32 -6.02
C ASP D 175 26.03 -24.79 -4.76
N PHE D 176 25.32 -24.77 -3.65
CA PHE D 176 25.88 -25.10 -2.36
C PHE D 176 24.81 -25.78 -1.50
N VAL D 177 25.28 -26.52 -0.51
CA VAL D 177 24.44 -27.33 0.34
C VAL D 177 23.69 -26.52 1.42
N VAL D 178 24.38 -25.53 1.98
CA VAL D 178 23.77 -24.54 2.88
C VAL D 178 24.32 -23.16 2.53
N GLY D 179 23.49 -22.15 2.63
CA GLY D 179 23.92 -20.78 2.36
C GLY D 179 24.79 -20.21 3.46
N LYS D 180 25.80 -19.45 3.05
CA LYS D 180 26.78 -18.85 3.97
C LYS D 180 26.56 -17.36 4.26
N ASP D 181 25.54 -16.77 3.64
CA ASP D 181 25.11 -15.42 3.97
C ASP D 181 23.63 -15.30 3.61
N THR D 182 23.02 -14.17 3.95
CA THR D 182 21.57 -14.04 3.80
C THR D 182 21.09 -14.30 2.37
N GLU D 183 21.75 -13.67 1.39
CA GLU D 183 21.36 -13.85 -0.01
C GLU D 183 21.44 -15.30 -0.45
N GLU D 184 22.51 -15.98 -0.01
CA GLU D 184 22.67 -17.40 -0.33
C GLU D 184 21.57 -18.23 0.33
N ASN D 185 21.22 -17.89 1.56
CA ASN D 185 20.14 -18.58 2.26
C ASN D 185 18.84 -18.51 1.49
N ILE D 186 18.53 -17.33 0.97
CA ILE D 186 17.24 -17.12 0.32
C ILE D 186 17.22 -17.80 -1.04
N ARG D 187 18.34 -17.75 -1.78
CA ARG D 187 18.40 -18.43 -3.09
C ARG D 187 18.19 -19.95 -2.90
N LEU D 188 18.84 -20.51 -1.88
CA LEU D 188 18.64 -21.92 -1.57
C LEU D 188 17.18 -22.25 -1.20
N GLY D 189 16.58 -21.45 -0.32
CA GLY D 189 15.21 -21.73 0.13
C GLY D 189 14.20 -21.58 -1.00
N VAL D 190 14.33 -20.49 -1.74
CA VAL D 190 13.33 -20.16 -2.75
C VAL D 190 13.55 -20.92 -4.04
N VAL D 191 14.78 -20.89 -4.57
CA VAL D 191 14.97 -21.44 -5.91
C VAL D 191 15.12 -22.95 -5.84
N ASN D 192 16.18 -23.41 -5.18
CA ASN D 192 16.32 -24.85 -4.99
C ASN D 192 15.12 -25.43 -4.26
N GLY D 193 14.66 -24.73 -3.23
CA GLY D 193 13.48 -25.15 -2.47
C GLY D 193 12.28 -25.37 -3.37
N SER D 194 11.98 -24.41 -4.25
CA SER D 194 10.79 -24.55 -5.09
C SER D 194 10.94 -25.72 -6.07
N VAL D 195 12.16 -25.95 -6.56
CA VAL D 195 12.42 -27.12 -7.41
C VAL D 195 12.12 -28.43 -6.64
N TYR D 196 12.62 -28.54 -5.40
CA TYR D 196 12.29 -29.69 -4.54
C TYR D 196 10.79 -29.84 -4.34
N ALA D 197 10.10 -28.72 -4.13
CA ALA D 197 8.64 -28.75 -3.94
C ALA D 197 7.96 -29.35 -5.17
N LEU D 198 8.34 -28.86 -6.35
CA LEU D 198 7.77 -29.38 -7.61
C LEU D 198 8.08 -30.87 -7.78
N GLU D 199 9.33 -31.22 -7.52
CA GLU D 199 9.75 -32.62 -7.65
C GLU D 199 8.97 -33.53 -6.71
N GLY D 200 8.65 -33.04 -5.52
CA GLY D 200 7.86 -33.80 -4.54
C GLY D 200 6.43 -33.99 -4.99
N ILE D 201 5.84 -32.93 -5.51
CA ILE D 201 4.49 -33.00 -6.04
C ILE D 201 4.41 -33.93 -7.26
N ILE D 202 5.40 -33.83 -8.15
CA ILE D 202 5.48 -34.65 -9.35
C ILE D 202 5.67 -36.11 -8.94
N GLY D 203 6.57 -36.33 -8.00
CA GLY D 203 6.82 -37.66 -7.45
C GLY D 203 5.56 -38.35 -6.95
N ARG D 204 4.77 -37.63 -6.17
CA ARG D 204 3.56 -38.18 -5.59
C ARG D 204 2.50 -38.48 -6.65
N ILE D 205 2.42 -37.62 -7.68
CA ILE D 205 1.56 -37.88 -8.83
C ILE D 205 1.97 -39.16 -9.54
N LYS D 206 3.27 -39.31 -9.78
CA LYS D 206 3.79 -40.46 -10.50
C LYS D 206 3.53 -41.76 -9.74
N GLU D 207 3.47 -41.68 -8.42
CA GLU D 207 3.15 -42.86 -7.58
C GLU D 207 1.73 -43.37 -7.79
N VAL D 208 0.83 -42.48 -8.19
CA VAL D 208 -0.57 -42.83 -8.43
C VAL D 208 -0.85 -43.09 -9.91
N TYR D 209 -0.30 -42.26 -10.78
CA TYR D 209 -0.65 -42.32 -12.19
C TYR D 209 0.42 -42.93 -13.10
N GLY D 210 1.56 -43.27 -12.52
CA GLY D 210 2.68 -43.80 -13.30
C GLY D 210 3.58 -42.74 -13.89
N ASP D 211 4.57 -43.19 -14.66
CA ASP D 211 5.65 -42.34 -15.12
C ASP D 211 5.27 -41.48 -16.34
N LEU D 212 4.69 -40.32 -16.07
CA LEU D 212 4.17 -39.44 -17.10
C LEU D 212 5.24 -38.46 -17.58
N PRO D 213 5.21 -38.08 -18.87
CA PRO D 213 6.18 -37.08 -19.34
C PRO D 213 5.92 -35.72 -18.68
N VAL D 214 6.99 -35.02 -18.35
CA VAL D 214 6.89 -33.67 -17.77
C VAL D 214 7.29 -32.63 -18.82
N VAL D 215 6.46 -31.59 -18.98
CA VAL D 215 6.80 -30.45 -19.84
C VAL D 215 6.97 -29.20 -18.99
N LEU D 216 8.03 -28.44 -19.28
CA LEU D 216 8.33 -27.22 -18.55
C LEU D 216 8.07 -26.02 -19.46
N THR D 217 7.41 -25.00 -18.91
CA THR D 217 7.19 -23.74 -19.62
C THR D 217 7.12 -22.59 -18.62
N GLY D 218 6.97 -21.38 -19.13
CA GLY D 218 6.83 -20.18 -18.29
C GLY D 218 8.03 -19.27 -18.34
N GLY D 219 7.79 -18.00 -18.06
CA GLY D 219 8.78 -16.94 -18.16
C GLY D 219 9.93 -17.06 -17.19
N GLN D 220 9.68 -17.72 -16.06
CA GLN D 220 10.73 -17.92 -15.07
C GLN D 220 11.32 -19.34 -15.13
N SER D 221 11.02 -20.10 -16.19
CA SER D 221 11.43 -21.51 -16.27
C SER D 221 12.88 -21.75 -16.72
N LYS D 222 13.42 -20.86 -17.54
CA LYS D 222 14.73 -21.10 -18.14
C LYS D 222 15.83 -21.24 -17.10
N ILE D 223 15.69 -20.52 -15.99
CA ILE D 223 16.76 -20.49 -14.98
C ILE D 223 16.96 -21.80 -14.22
N VAL D 224 15.92 -22.62 -14.15
CA VAL D 224 16.01 -23.90 -13.44
C VAL D 224 15.83 -25.09 -14.37
N LYS D 225 15.91 -24.82 -15.67
CA LYS D 225 15.71 -25.82 -16.70
C LYS D 225 16.52 -27.09 -16.41
N ASP D 226 17.76 -26.90 -15.99
CA ASP D 226 18.69 -28.02 -15.79
C ASP D 226 18.57 -28.68 -14.42
N MET D 227 17.60 -28.23 -13.62
CA MET D 227 17.40 -28.73 -12.26
C MET D 227 16.17 -29.60 -12.11
N ILE D 228 15.27 -29.56 -13.09
CA ILE D 228 14.08 -30.40 -13.05
C ILE D 228 14.14 -31.39 -14.20
N LYS D 229 13.95 -32.67 -13.89
CA LYS D 229 13.82 -33.69 -14.89
C LYS D 229 12.57 -33.40 -15.71
N HIS D 230 12.75 -33.22 -17.02
CA HIS D 230 11.64 -32.95 -17.91
C HIS D 230 11.92 -33.57 -19.27
N GLU D 231 10.86 -33.95 -19.96
CA GLU D 231 10.94 -34.52 -21.31
C GLU D 231 10.83 -33.44 -22.39
N ILE D 232 10.12 -32.35 -22.07
CA ILE D 232 9.86 -31.31 -23.03
C ILE D 232 10.09 -29.94 -22.37
N PHE D 233 10.82 -29.07 -23.06
CA PHE D 233 10.92 -27.67 -22.70
C PHE D 233 10.26 -26.90 -23.83
N ASP D 234 9.17 -26.19 -23.53
CA ASP D 234 8.45 -25.50 -24.58
C ASP D 234 7.96 -24.14 -24.09
N GLU D 235 8.75 -23.08 -24.32
CA GLU D 235 8.34 -21.74 -23.89
C GLU D 235 7.06 -21.24 -24.53
N ASP D 236 6.69 -21.83 -25.67
CA ASP D 236 5.54 -21.40 -26.45
C ASP D 236 4.24 -22.13 -26.10
N LEU D 237 4.29 -22.99 -25.09
CA LEU D 237 3.16 -23.88 -24.81
C LEU D 237 1.83 -23.13 -24.68
N THR D 238 1.82 -22.05 -23.89
CA THR D 238 0.56 -21.35 -23.65
C THR D 238 0.02 -20.70 -24.94
N ILE D 239 0.89 -20.00 -25.64
CA ILE D 239 0.46 -19.38 -26.89
C ILE D 239 0.01 -20.43 -27.91
N LYS D 240 0.69 -21.58 -27.94
CA LYS D 240 0.22 -22.68 -28.79
C LYS D 240 -1.19 -23.10 -28.44
N GLY D 241 -1.49 -23.18 -27.14
CA GLY D 241 -2.84 -23.55 -26.69
C GLY D 241 -3.88 -22.52 -27.08
N VAL D 242 -3.51 -21.25 -27.03
CA VAL D 242 -4.42 -20.20 -27.48
C VAL D 242 -4.73 -20.47 -28.95
N TYR D 243 -3.69 -20.73 -29.75
CA TYR D 243 -3.92 -21.00 -31.16
C TYR D 243 -4.84 -22.20 -31.37
N HIS D 244 -4.51 -23.32 -30.73
CA HIS D 244 -5.29 -24.56 -30.91
C HIS D 244 -6.73 -24.39 -30.48
N PHE D 245 -6.96 -23.78 -29.33
CA PHE D 245 -8.32 -23.57 -28.85
C PHE D 245 -9.13 -22.68 -29.79
N CYS D 246 -8.53 -21.57 -30.18
CA CYS D 246 -9.25 -20.54 -30.93
C CYS D 246 -9.41 -20.82 -32.42
N PHE D 247 -8.37 -21.40 -33.04
CA PHE D 247 -8.29 -21.43 -34.51
C PHE D 247 -7.93 -22.79 -35.07
N GLY D 248 -7.61 -23.73 -34.19
CA GLY D 248 -7.15 -25.06 -34.60
C GLY D 248 -8.28 -25.96 -35.08
N MET E 1 -28.78 -20.44 37.63
CA MET E 1 -29.96 -20.62 36.74
C MET E 1 -29.95 -19.70 35.51
N ASP E 2 -29.04 -18.71 35.52
CA ASP E 2 -28.94 -17.74 34.43
C ASP E 2 -27.49 -17.62 33.96
N PRO E 3 -27.00 -18.66 33.25
CA PRO E 3 -25.60 -18.69 32.85
C PRO E 3 -25.28 -17.56 31.88
N MET E 4 -24.04 -17.09 31.92
CA MET E 4 -23.59 -16.01 31.06
C MET E 4 -23.01 -16.52 29.74
N TYR E 5 -23.41 -15.88 28.65
CA TYR E 5 -22.91 -16.24 27.32
C TYR E 5 -22.19 -15.07 26.69
N LEU E 6 -21.07 -15.36 26.02
CA LEU E 6 -20.34 -14.32 25.29
C LEU E 6 -20.70 -14.43 23.82
N LEU E 7 -21.12 -13.32 23.23
CA LEU E 7 -21.47 -13.28 21.81
C LEU E 7 -20.43 -12.41 21.11
N VAL E 8 -19.97 -12.86 19.95
CA VAL E 8 -18.92 -12.14 19.22
C VAL E 8 -19.38 -11.90 17.78
N ASP E 9 -19.21 -10.67 17.28
CA ASP E 9 -19.51 -10.35 15.89
C ASP E 9 -18.21 -9.78 15.31
N VAL E 10 -17.46 -10.59 14.56
CA VAL E 10 -16.17 -10.16 14.03
C VAL E 10 -16.41 -9.50 12.69
N GLY E 11 -16.26 -8.17 12.68
CA GLY E 11 -16.41 -7.37 11.46
C GLY E 11 -15.07 -7.04 10.82
N ASN E 12 -15.13 -6.50 9.60
CA ASN E 12 -13.90 -6.18 8.89
C ASN E 12 -13.03 -5.14 9.57
N THR E 13 -13.66 -4.17 10.24
CA THR E 13 -12.92 -3.14 10.95
C THR E 13 -12.98 -3.28 12.46
N HIS E 14 -14.17 -3.59 12.99
CA HIS E 14 -14.34 -3.78 14.42
C HIS E 14 -15.00 -5.11 14.74
N SER E 15 -14.72 -5.56 15.96
CA SER E 15 -15.39 -6.73 16.53
C SER E 15 -16.19 -6.31 17.76
N VAL E 16 -17.43 -6.80 17.82
CA VAL E 16 -18.31 -6.52 18.96
C VAL E 16 -18.27 -7.73 19.91
N PHE E 17 -18.16 -7.46 21.20
CA PHE E 17 -18.18 -8.54 22.20
C PHE E 17 -19.29 -8.18 23.16
N SER E 18 -20.18 -9.11 23.43
CA SER E 18 -21.36 -8.79 24.24
C SER E 18 -21.66 -9.92 25.17
N ILE E 19 -22.11 -9.61 26.38
CA ILE E 19 -22.48 -10.66 27.34
C ILE E 19 -23.97 -10.55 27.65
N THR E 20 -24.59 -11.71 27.85
CA THR E 20 -25.98 -11.78 28.26
C THR E 20 -26.18 -12.95 29.20
N GLU E 21 -27.13 -12.82 30.13
CA GLU E 21 -27.49 -13.90 31.05
C GLU E 21 -28.90 -14.41 30.78
N ASP E 22 -29.55 -13.86 29.75
CA ASP E 22 -30.93 -14.24 29.44
C ASP E 22 -31.28 -14.18 27.95
N GLY E 23 -30.34 -13.69 27.13
CA GLY E 23 -30.62 -13.43 25.71
C GLY E 23 -31.65 -12.34 25.46
N LYS E 24 -31.91 -11.53 26.48
CA LYS E 24 -32.89 -10.43 26.38
C LYS E 24 -32.20 -9.08 26.56
N THR E 25 -31.35 -8.99 27.56
CA THR E 25 -30.57 -7.78 27.83
C THR E 25 -29.10 -8.06 27.55
N PHE E 26 -28.39 -7.07 27.00
CA PHE E 26 -27.01 -7.28 26.54
C PHE E 26 -26.12 -6.15 27.05
N ARG E 27 -24.90 -6.49 27.46
CA ARG E 27 -23.89 -5.49 27.75
C ARG E 27 -22.90 -5.65 26.60
N ARG E 28 -22.44 -4.56 26.00
CA ARG E 28 -21.58 -4.71 24.82
C ARG E 28 -20.37 -3.80 24.82
N TRP E 29 -19.31 -4.31 24.18
CA TRP E 29 -18.07 -3.57 23.96
C TRP E 29 -17.64 -3.77 22.50
N ARG E 30 -16.78 -2.90 22.02
CA ARG E 30 -16.26 -2.98 20.65
C ARG E 30 -14.74 -2.82 20.70
N LEU E 31 -14.05 -3.59 19.86
CA LEU E 31 -12.59 -3.47 19.71
C LEU E 31 -12.26 -3.44 18.22
N SER E 32 -11.06 -2.96 17.89
CA SER E 32 -10.58 -3.09 16.51
C SER E 32 -10.41 -4.59 16.21
N THR E 33 -10.63 -4.97 14.96
CA THR E 33 -10.36 -6.34 14.55
C THR E 33 -8.83 -6.60 14.48
N GLY E 34 -8.08 -5.80 13.75
CA GLY E 34 -6.61 -5.93 13.92
C GLY E 34 -5.96 -7.26 13.50
N VAL E 35 -5.08 -7.14 12.53
CA VAL E 35 -4.70 -8.23 11.64
C VAL E 35 -3.97 -9.43 12.28
N PHE E 36 -2.93 -9.14 13.05
CA PHE E 36 -2.08 -10.20 13.61
C PHE E 36 -2.32 -10.33 15.11
N GLN E 37 -3.54 -10.01 15.57
CA GLN E 37 -3.88 -10.12 17.00
C GLN E 37 -3.81 -11.57 17.45
N THR E 38 -3.47 -11.78 18.72
CA THR E 38 -3.38 -13.12 19.29
C THR E 38 -4.47 -13.33 20.32
N GLU E 39 -4.67 -14.57 20.74
CA GLU E 39 -5.60 -14.87 21.82
C GLU E 39 -5.25 -14.17 23.14
N ASP E 40 -3.94 -14.03 23.44
CA ASP E 40 -3.53 -13.38 24.66
C ASP E 40 -3.78 -11.87 24.57
N GLU E 41 -3.63 -11.33 23.37
CA GLU E 41 -3.89 -9.93 23.16
C GLU E 41 -5.38 -9.61 23.34
N LEU E 42 -6.23 -10.50 22.85
CA LEU E 42 -7.67 -10.32 22.99
C LEU E 42 -8.07 -10.41 24.45
N PHE E 43 -7.52 -11.39 25.17
CA PHE E 43 -7.79 -11.50 26.61
C PHE E 43 -7.33 -10.22 27.33
N SER E 44 -6.15 -9.70 26.96
CA SER E 44 -5.66 -8.50 27.59
C SER E 44 -6.57 -7.29 27.34
N HIS E 45 -7.12 -7.17 26.14
CA HIS E 45 -8.07 -6.08 25.87
C HIS E 45 -9.38 -6.25 26.62
N LEU E 46 -9.86 -7.48 26.72
CA LEU E 46 -11.18 -7.73 27.30
C LEU E 46 -11.17 -7.73 28.83
N HIS E 47 -10.02 -8.03 29.42
CA HIS E 47 -9.92 -8.17 30.87
C HIS E 47 -10.46 -6.98 31.68
N PRO E 48 -10.03 -5.76 31.36
CA PRO E 48 -10.54 -4.62 32.14
C PRO E 48 -11.97 -4.24 31.76
N LEU E 49 -12.45 -4.78 30.66
CA LEU E 49 -13.79 -4.48 30.20
C LEU E 49 -14.84 -5.39 30.85
N LEU E 50 -14.62 -6.70 30.75
CA LEU E 50 -15.57 -7.67 31.27
C LEU E 50 -15.43 -7.84 32.78
N GLY E 51 -14.22 -7.59 33.30
CA GLY E 51 -13.95 -7.75 34.73
C GLY E 51 -14.30 -9.14 35.22
N ASP E 52 -15.08 -9.21 36.30
CA ASP E 52 -15.48 -10.49 36.90
C ASP E 52 -16.30 -11.40 35.97
N ALA E 53 -17.01 -10.79 35.02
CA ALA E 53 -17.82 -11.55 34.06
C ALA E 53 -16.97 -12.58 33.30
N MET E 54 -15.68 -12.28 33.16
CA MET E 54 -14.74 -13.18 32.51
C MET E 54 -14.86 -14.62 33.02
N ARG E 55 -14.94 -14.77 34.34
CA ARG E 55 -14.99 -16.11 34.96
C ARG E 55 -16.39 -16.74 34.99
N GLU E 56 -17.39 -16.02 34.51
CA GLU E 56 -18.78 -16.49 34.52
C GLU E 56 -19.25 -17.06 33.16
N ILE E 57 -18.49 -16.79 32.10
CA ILE E 57 -18.93 -17.17 30.74
C ILE E 57 -18.96 -18.69 30.57
N LYS E 58 -20.10 -19.22 30.11
CA LYS E 58 -20.29 -20.67 29.96
C LYS E 58 -20.43 -21.11 28.51
N GLY E 59 -20.56 -20.15 27.59
CA GLY E 59 -20.64 -20.47 26.18
C GLY E 59 -20.22 -19.25 25.38
N ILE E 60 -19.70 -19.52 24.19
CA ILE E 60 -19.20 -18.47 23.30
C ILE E 60 -19.79 -18.72 21.93
N GLY E 61 -20.49 -17.73 21.38
CA GLY E 61 -21.05 -17.84 20.04
C GLY E 61 -20.46 -16.73 19.19
N VAL E 62 -20.25 -17.01 17.91
CA VAL E 62 -19.50 -16.11 17.02
C VAL E 62 -20.08 -16.04 15.63
N ALA E 63 -20.27 -14.82 15.13
CA ALA E 63 -20.49 -14.60 13.71
C ALA E 63 -19.25 -13.88 13.23
N SER E 64 -18.60 -14.41 12.20
CA SER E 64 -17.39 -13.76 11.67
C SER E 64 -17.43 -13.64 10.16
N VAL E 65 -17.02 -12.48 9.66
CA VAL E 65 -16.85 -12.32 8.20
C VAL E 65 -15.38 -12.09 7.86
N VAL E 66 -14.48 -12.47 8.78
CA VAL E 66 -13.05 -12.33 8.57
C VAL E 66 -12.38 -13.66 8.89
N PRO E 67 -12.33 -14.57 7.89
CA PRO E 67 -11.79 -15.92 8.16
C PRO E 67 -10.45 -15.97 8.86
N THR E 68 -9.54 -15.04 8.56
CA THR E 68 -8.21 -15.08 9.19
C THR E 68 -8.30 -14.92 10.70
N GLN E 69 -9.35 -14.26 11.19
CA GLN E 69 -9.51 -13.99 12.64
C GLN E 69 -10.00 -15.20 13.41
N ASN E 70 -10.53 -16.17 12.69
CA ASN E 70 -11.27 -17.25 13.34
C ASN E 70 -10.41 -18.13 14.24
N THR E 71 -9.18 -18.41 13.84
CA THR E 71 -8.30 -19.19 14.72
C THR E 71 -7.98 -18.46 16.03
N VAL E 72 -7.85 -17.14 15.99
CA VAL E 72 -7.63 -16.35 17.20
C VAL E 72 -8.81 -16.53 18.16
N ILE E 73 -10.03 -16.41 17.64
CA ILE E 73 -11.21 -16.51 18.47
C ILE E 73 -11.28 -17.95 19.03
N GLU E 74 -10.94 -18.92 18.20
CA GLU E 74 -10.99 -20.34 18.64
C GLU E 74 -10.00 -20.57 19.76
N ARG E 75 -8.78 -20.10 19.57
CA ARG E 75 -7.72 -20.26 20.56
C ARG E 75 -8.04 -19.54 21.85
N PHE E 76 -8.60 -18.34 21.74
CA PHE E 76 -8.99 -17.55 22.91
C PHE E 76 -10.04 -18.32 23.72
N SER E 77 -11.01 -18.89 23.01
CA SER E 77 -12.10 -19.62 23.67
C SER E 77 -11.55 -20.86 24.37
N GLN E 78 -10.68 -21.60 23.69
CA GLN E 78 -10.11 -22.81 24.29
C GLN E 78 -9.18 -22.50 25.48
N LYS E 79 -8.33 -21.49 25.33
CA LYS E 79 -7.34 -21.21 26.35
C LYS E 79 -7.95 -20.63 27.61
N TYR E 80 -8.88 -19.69 27.45
CA TYR E 80 -9.36 -18.90 28.57
C TYR E 80 -10.68 -19.40 29.14
N PHE E 81 -11.38 -20.24 28.36
CA PHE E 81 -12.66 -20.79 28.80
C PHE E 81 -12.78 -22.30 28.67
N HIS E 82 -11.78 -22.97 28.07
CA HIS E 82 -11.79 -24.43 27.89
C HIS E 82 -13.03 -24.91 27.14
N ILE E 83 -13.51 -24.06 26.23
CA ILE E 83 -14.62 -24.41 25.36
C ILE E 83 -14.31 -24.01 23.91
N SER E 84 -14.98 -24.66 22.97
CA SER E 84 -14.94 -24.24 21.57
C SER E 84 -16.12 -23.33 21.27
N PRO E 85 -15.90 -22.28 20.47
CA PRO E 85 -17.05 -21.42 20.18
C PRO E 85 -18.01 -22.08 19.22
N ILE E 86 -19.22 -21.53 19.16
CA ILE E 86 -20.22 -22.01 18.23
C ILE E 86 -20.27 -20.99 17.10
N TRP E 87 -20.19 -21.48 15.87
CA TRP E 87 -20.04 -20.61 14.70
C TRP E 87 -21.33 -20.45 13.93
N VAL E 88 -21.75 -19.21 13.78
CA VAL E 88 -22.95 -18.94 12.98
C VAL E 88 -22.68 -19.22 11.50
N LYS E 89 -23.62 -19.92 10.85
CA LYS E 89 -23.58 -20.13 9.41
C LYS E 89 -24.96 -20.48 8.91
N ALA E 90 -25.14 -20.37 7.60
CA ALA E 90 -26.42 -20.72 7.01
C ALA E 90 -26.62 -22.24 7.10
N LYS E 91 -27.71 -22.65 7.75
CA LYS E 91 -28.10 -24.06 7.73
C LYS E 91 -29.62 -24.18 7.75
N ASN E 92 -30.13 -25.38 7.49
CA ASN E 92 -31.58 -25.58 7.47
C ASN E 92 -32.21 -25.51 8.86
N GLY E 93 -33.48 -25.09 8.92
CA GLY E 93 -34.13 -24.60 10.16
C GLY E 93 -35.65 -24.61 10.14
N CYS E 94 -36.36 -23.53 10.50
CA CYS E 94 -35.93 -22.19 11.02
C CYS E 94 -35.95 -21.09 9.95
N VAL E 95 -34.96 -21.11 9.05
CA VAL E 95 -34.93 -20.18 7.93
C VAL E 95 -34.70 -21.00 6.66
N LYS E 96 -35.43 -20.69 5.59
CA LYS E 96 -35.16 -21.29 4.29
C LYS E 96 -34.27 -20.32 3.50
N TRP E 97 -33.14 -20.82 3.00
CA TRP E 97 -32.16 -19.95 2.33
C TRP E 97 -32.34 -20.04 0.81
N ASN E 98 -33.24 -19.20 0.28
CA ASN E 98 -33.60 -19.25 -1.15
C ASN E 98 -32.64 -18.43 -2.01
N VAL E 99 -31.36 -18.76 -1.93
CA VAL E 99 -30.34 -18.12 -2.77
C VAL E 99 -29.46 -19.21 -3.37
N LYS E 100 -28.60 -18.82 -4.30
CA LYS E 100 -27.80 -19.78 -5.05
C LYS E 100 -26.83 -20.59 -4.20
N ASN E 101 -26.12 -19.91 -3.29
CA ASN E 101 -25.07 -20.53 -2.48
C ASN E 101 -25.18 -20.01 -1.05
N PRO E 102 -26.09 -20.61 -0.26
CA PRO E 102 -26.23 -20.12 1.11
C PRO E 102 -24.94 -20.10 1.92
N SER E 103 -24.00 -21.02 1.64
CA SER E 103 -22.74 -21.04 2.40
C SER E 103 -21.88 -19.77 2.20
N GLU E 104 -22.19 -18.99 1.16
CA GLU E 104 -21.39 -17.79 0.90
C GLU E 104 -21.98 -16.54 1.56
N VAL E 105 -23.19 -16.66 2.09
CA VAL E 105 -23.82 -15.54 2.78
C VAL E 105 -23.01 -15.20 4.03
N GLY E 106 -22.68 -13.91 4.21
CA GLY E 106 -21.89 -13.52 5.38
C GLY E 106 -22.59 -13.87 6.71
N ALA E 107 -21.81 -14.30 7.70
CA ALA E 107 -22.36 -14.76 8.99
C ALA E 107 -23.14 -13.67 9.72
N ASP E 108 -22.74 -12.41 9.50
CA ASP E 108 -23.46 -11.30 10.12
C ASP E 108 -24.86 -11.20 9.54
N ARG E 109 -24.98 -11.40 8.23
CA ARG E 109 -26.28 -11.32 7.56
C ARG E 109 -27.16 -12.48 8.00
N VAL E 110 -26.55 -13.65 8.09
CA VAL E 110 -27.24 -14.85 8.63
C VAL E 110 -27.79 -14.57 10.04
N ALA E 111 -26.94 -14.06 10.92
CA ALA E 111 -27.34 -13.70 12.27
C ALA E 111 -28.49 -12.69 12.26
N ASN E 112 -28.40 -11.67 11.40
CA ASN E 112 -29.48 -10.69 11.29
C ASN E 112 -30.83 -11.34 10.95
N VAL E 113 -30.81 -12.28 10.03
CA VAL E 113 -32.02 -12.89 9.54
C VAL E 113 -32.60 -13.80 10.63
N VAL E 114 -31.73 -14.56 11.29
CA VAL E 114 -32.17 -15.41 12.40
C VAL E 114 -32.81 -14.55 13.50
N ALA E 115 -32.18 -13.43 13.85
CA ALA E 115 -32.71 -12.57 14.90
C ALA E 115 -34.08 -12.03 14.46
N PHE E 116 -34.19 -11.65 13.19
CA PHE E 116 -35.42 -11.06 12.70
C PHE E 116 -36.58 -12.06 12.78
N VAL E 117 -36.33 -13.27 12.32
CA VAL E 117 -37.40 -14.28 12.27
C VAL E 117 -37.81 -14.67 13.69
N LYS E 118 -36.85 -14.74 14.59
CA LYS E 118 -37.17 -15.11 15.98
C LYS E 118 -37.90 -14.02 16.77
N GLU E 119 -37.57 -12.75 16.52
CA GLU E 119 -38.04 -11.67 17.36
C GLU E 119 -39.05 -10.73 16.73
N TYR E 120 -39.04 -10.62 15.41
CA TYR E 120 -39.81 -9.59 14.74
C TYR E 120 -40.91 -10.08 13.83
N GLY E 121 -40.66 -11.15 13.07
CA GLY E 121 -41.67 -11.66 12.16
C GLY E 121 -41.11 -12.37 10.95
N LYS E 122 -41.99 -12.87 10.08
CA LYS E 122 -41.55 -13.70 8.96
C LYS E 122 -41.27 -12.90 7.69
N ASN E 123 -41.53 -11.60 7.75
CA ASN E 123 -41.47 -10.71 6.59
C ASN E 123 -40.81 -9.41 6.95
N GLY E 124 -39.73 -9.07 6.24
CA GLY E 124 -39.03 -7.83 6.56
C GLY E 124 -37.85 -7.55 5.67
N ILE E 125 -37.39 -6.30 5.73
CA ILE E 125 -36.19 -5.88 5.00
C ILE E 125 -35.22 -5.38 6.04
N ILE E 126 -34.01 -5.94 6.07
CA ILE E 126 -33.01 -5.57 7.06
C ILE E 126 -31.92 -4.73 6.43
N ILE E 127 -31.66 -3.55 7.00
CA ILE E 127 -30.59 -2.68 6.49
C ILE E 127 -29.51 -2.64 7.55
N ASP E 128 -28.31 -3.09 7.20
CA ASP E 128 -27.22 -3.14 8.17
C ASP E 128 -26.09 -2.26 7.67
N MET E 129 -25.90 -1.12 8.32
CA MET E 129 -24.87 -0.15 7.91
C MET E 129 -23.57 -0.30 8.69
N GLY E 130 -22.60 -0.98 8.07
CA GLY E 130 -21.30 -1.23 8.69
C GLY E 130 -20.19 -0.94 7.71
N THR E 131 -19.15 -1.76 7.71
CA THR E 131 -18.02 -1.57 6.78
C THR E 131 -18.61 -1.48 5.37
N ALA E 132 -19.44 -2.46 5.05
CA ALA E 132 -20.34 -2.41 3.92
C ALA E 132 -21.76 -2.24 4.47
N THR E 133 -22.63 -1.75 3.62
CA THR E 133 -24.04 -1.64 3.94
C THR E 133 -24.76 -2.77 3.20
N THR E 134 -25.51 -3.58 3.94
CA THR E 134 -26.27 -4.69 3.33
C THR E 134 -27.76 -4.48 3.45
N VAL E 135 -28.48 -4.96 2.44
CA VAL E 135 -29.94 -5.04 2.45
C VAL E 135 -30.23 -6.53 2.39
N ASP E 136 -31.08 -7.03 3.30
CA ASP E 136 -31.43 -8.45 3.32
C ASP E 136 -32.95 -8.57 3.32
N LEU E 137 -33.47 -9.43 2.45
CA LEU E 137 -34.92 -9.61 2.33
C LEU E 137 -35.37 -10.95 2.90
N VAL E 138 -36.38 -10.89 3.78
CA VAL E 138 -36.97 -12.10 4.35
C VAL E 138 -38.45 -12.10 3.99
N VAL E 139 -38.93 -13.15 3.32
CA VAL E 139 -40.34 -13.23 2.91
C VAL E 139 -40.87 -14.59 3.34
N ASN E 140 -41.98 -14.58 4.07
CA ASN E 140 -42.56 -15.80 4.64
C ASN E 140 -41.52 -16.74 5.24
N GLY E 141 -40.55 -16.18 5.95
CA GLY E 141 -39.51 -16.97 6.62
C GLY E 141 -38.43 -17.49 5.70
N SER E 142 -38.42 -17.05 4.45
CA SER E 142 -37.37 -17.45 3.51
C SER E 142 -36.44 -16.26 3.26
N TYR E 143 -35.15 -16.47 3.43
CA TYR E 143 -34.18 -15.47 3.02
C TYR E 143 -34.12 -15.46 1.50
N GLU E 144 -34.36 -14.28 0.90
CA GLU E 144 -34.48 -14.19 -0.55
C GLU E 144 -33.27 -13.59 -1.27
N GLY E 145 -32.35 -13.01 -0.51
CA GLY E 145 -31.17 -12.33 -1.09
C GLY E 145 -31.13 -10.88 -0.66
N GLY E 146 -30.40 -10.07 -1.41
CA GLY E 146 -30.33 -8.66 -1.05
C GLY E 146 -29.38 -7.85 -1.91
N ALA E 147 -28.75 -6.88 -1.27
CA ALA E 147 -27.78 -6.00 -1.94
C ALA E 147 -26.64 -5.71 -0.98
N ILE E 148 -25.50 -5.38 -1.58
CA ILE E 148 -24.33 -4.95 -0.84
C ILE E 148 -23.87 -3.64 -1.47
N LEU E 149 -23.67 -2.62 -0.63
CA LEU E 149 -23.18 -1.29 -1.04
C LEU E 149 -21.93 -1.00 -0.19
N PRO E 150 -21.02 -0.17 -0.71
CA PRO E 150 -19.94 0.30 0.15
C PRO E 150 -20.56 1.07 1.32
N GLY E 151 -19.97 0.91 2.51
CA GLY E 151 -20.37 1.66 3.70
C GLY E 151 -20.00 3.13 3.61
N PHE E 152 -20.51 3.95 4.54
CA PHE E 152 -20.28 5.41 4.40
C PHE E 152 -18.79 5.76 4.49
N PHE E 153 -18.11 5.20 5.48
CA PHE E 153 -16.70 5.50 5.58
C PHE E 153 -15.91 4.92 4.40
N MET E 154 -16.25 3.70 3.99
CA MET E 154 -15.63 3.10 2.83
C MET E 154 -15.73 4.06 1.64
N MET E 155 -16.88 4.71 1.50
CA MET E 155 -17.07 5.61 0.36
C MET E 155 -16.20 6.86 0.48
N VAL E 156 -16.23 7.56 1.62
CA VAL E 156 -15.41 8.78 1.71
C VAL E 156 -13.93 8.44 1.58
N HIS E 157 -13.53 7.31 2.17
CA HIS E 157 -12.13 6.88 2.09
C HIS E 157 -11.73 6.55 0.63
N SER E 158 -12.64 5.92 -0.11
CA SER E 158 -12.33 5.56 -1.49
C SER E 158 -12.11 6.82 -2.33
N LEU E 159 -12.89 7.88 -2.06
CA LEU E 159 -12.74 9.13 -2.83
C LEU E 159 -11.41 9.82 -2.51
N PHE E 160 -11.05 9.77 -1.23
CA PHE E 160 -9.79 10.34 -0.76
C PHE E 160 -8.62 9.58 -1.38
N ARG E 161 -8.59 8.27 -1.24
CA ARG E 161 -7.42 7.51 -1.72
C ARG E 161 -7.35 7.41 -3.24
N GLY E 162 -8.50 7.51 -3.89
CA GLY E 162 -8.61 7.25 -5.31
C GLY E 162 -8.53 8.46 -6.20
N THR E 163 -8.31 9.63 -5.61
CA THR E 163 -8.20 10.89 -6.39
C THR E 163 -7.04 11.73 -5.91
N ALA E 164 -6.54 12.62 -6.76
CA ALA E 164 -5.47 13.51 -6.34
C ALA E 164 -6.00 14.62 -5.42
N LYS E 165 -7.17 15.17 -5.75
CA LYS E 165 -7.58 16.44 -5.13
C LYS E 165 -8.54 16.33 -3.95
N LEU E 166 -9.20 15.18 -3.78
CA LEU E 166 -10.26 15.11 -2.76
C LEU E 166 -9.70 14.78 -1.37
N PRO E 167 -10.20 15.49 -0.33
CA PRO E 167 -9.81 15.24 1.06
C PRO E 167 -10.64 14.11 1.64
N LEU E 168 -10.24 13.65 2.81
CA LEU E 168 -11.04 12.69 3.56
C LEU E 168 -12.07 13.48 4.34
N VAL E 169 -13.35 13.26 4.03
CA VAL E 169 -14.44 14.03 4.63
C VAL E 169 -15.11 13.27 5.78
N GLU E 170 -15.56 14.01 6.81
CA GLU E 170 -16.35 13.45 7.91
C GLU E 170 -17.70 12.95 7.41
N VAL E 171 -18.14 11.81 7.91
CA VAL E 171 -19.47 11.32 7.55
C VAL E 171 -20.52 12.03 8.37
N LYS E 172 -21.25 12.94 7.72
CA LYS E 172 -22.32 13.71 8.33
C LYS E 172 -23.32 14.02 7.22
N PRO E 173 -24.63 13.87 7.49
CA PRO E 173 -25.64 14.19 6.48
C PRO E 173 -25.57 15.64 6.00
N ALA E 174 -25.92 15.85 4.73
CA ALA E 174 -26.06 17.19 4.17
C ALA E 174 -27.44 17.76 4.50
N ASP E 175 -27.45 18.96 5.03
CA ASP E 175 -28.69 19.71 5.23
C ASP E 175 -28.82 20.80 4.15
N PHE E 176 -28.60 20.42 2.91
CA PHE E 176 -28.64 21.33 1.76
C PHE E 176 -28.84 20.49 0.50
N VAL E 177 -29.32 21.08 -0.59
CA VAL E 177 -29.63 20.26 -1.77
C VAL E 177 -28.51 20.21 -2.79
N VAL E 178 -27.56 21.14 -2.64
CA VAL E 178 -26.37 21.22 -3.47
C VAL E 178 -25.21 21.69 -2.60
N GLY E 179 -24.07 21.02 -2.71
CA GLY E 179 -22.88 21.39 -1.93
C GLY E 179 -22.20 22.61 -2.50
N LYS E 180 -21.72 23.48 -1.60
CA LYS E 180 -21.10 24.76 -1.98
C LYS E 180 -19.58 24.74 -1.80
N ASP E 181 -19.05 23.61 -1.34
CA ASP E 181 -17.60 23.39 -1.31
C ASP E 181 -17.36 21.90 -1.41
N THR E 182 -16.09 21.51 -1.52
CA THR E 182 -15.77 20.10 -1.80
C THR E 182 -16.34 19.17 -0.74
N GLU E 183 -16.12 19.53 0.53
CA GLU E 183 -16.58 18.68 1.62
C GLU E 183 -18.10 18.50 1.59
N GLU E 184 -18.82 19.58 1.35
CA GLU E 184 -20.28 19.52 1.25
C GLU E 184 -20.71 18.65 0.06
N ASN E 185 -20.00 18.76 -1.06
CA ASN E 185 -20.28 17.95 -2.23
C ASN E 185 -20.20 16.46 -1.90
N ILE E 186 -19.16 16.09 -1.17
CA ILE E 186 -18.96 14.67 -0.82
C ILE E 186 -19.99 14.18 0.22
N ARG E 187 -20.31 14.99 1.22
CA ARG E 187 -21.33 14.58 2.20
C ARG E 187 -22.67 14.35 1.51
N LEU E 188 -23.03 15.25 0.62
CA LEU E 188 -24.28 15.07 -0.14
C LEU E 188 -24.27 13.79 -1.00
N GLY E 189 -23.16 13.57 -1.71
CA GLY E 189 -23.10 12.40 -2.62
C GLY E 189 -23.06 11.09 -1.84
N VAL E 190 -22.25 11.05 -0.80
CA VAL E 190 -22.05 9.80 -0.05
C VAL E 190 -23.16 9.53 0.97
N VAL E 191 -23.48 10.52 1.78
CA VAL E 191 -24.40 10.25 2.89
C VAL E 191 -25.83 10.28 2.41
N ASN E 192 -26.28 11.45 1.96
CA ASN E 192 -27.63 11.55 1.39
C ASN E 192 -27.78 10.61 0.21
N GLY E 193 -26.74 10.51 -0.62
CA GLY E 193 -26.81 9.63 -1.80
C GLY E 193 -27.04 8.18 -1.43
N SER E 194 -26.30 7.69 -0.44
CA SER E 194 -26.46 6.29 -0.04
C SER E 194 -27.86 6.05 0.53
N VAL E 195 -28.38 7.00 1.29
CA VAL E 195 -29.74 6.92 1.81
C VAL E 195 -30.73 6.79 0.64
N TYR E 196 -30.59 7.65 -0.37
CA TYR E 196 -31.42 7.53 -1.56
C TYR E 196 -31.25 6.18 -2.28
N ALA E 197 -30.02 5.69 -2.38
CA ALA E 197 -29.74 4.36 -2.95
C ALA E 197 -30.53 3.28 -2.21
N LEU E 198 -30.45 3.28 -0.88
CA LEU E 198 -31.18 2.33 -0.05
C LEU E 198 -32.68 2.48 -0.24
N GLU E 199 -33.17 3.72 -0.25
CA GLU E 199 -34.62 3.97 -0.43
C GLU E 199 -35.12 3.44 -1.78
N GLY E 200 -34.29 3.59 -2.84
CA GLY E 200 -34.67 3.09 -4.16
C GLY E 200 -34.72 1.56 -4.19
N ILE E 201 -33.75 0.94 -3.53
CA ILE E 201 -33.69 -0.54 -3.47
C ILE E 201 -34.87 -1.10 -2.67
N ILE E 202 -35.17 -0.46 -1.54
CA ILE E 202 -36.28 -0.82 -0.68
C ILE E 202 -37.59 -0.63 -1.44
N GLY E 203 -37.73 0.50 -2.11
CA GLY E 203 -38.96 0.79 -2.84
C GLY E 203 -39.24 -0.26 -3.92
N ARG E 204 -38.20 -0.70 -4.61
CA ARG E 204 -38.39 -1.67 -5.69
C ARG E 204 -38.75 -3.04 -5.12
N ILE E 205 -38.13 -3.39 -4.00
CA ILE E 205 -38.55 -4.58 -3.24
C ILE E 205 -40.04 -4.54 -2.88
N LYS E 206 -40.48 -3.41 -2.34
CA LYS E 206 -41.87 -3.26 -1.90
C LYS E 206 -42.87 -3.32 -3.04
N GLU E 207 -42.48 -2.84 -4.21
CA GLU E 207 -43.31 -2.95 -5.41
C GLU E 207 -43.63 -4.40 -5.74
N VAL E 208 -42.68 -5.28 -5.49
CA VAL E 208 -42.83 -6.70 -5.76
C VAL E 208 -43.46 -7.48 -4.58
N TYR E 209 -43.05 -7.16 -3.35
CA TYR E 209 -43.41 -7.99 -2.19
C TYR E 209 -44.43 -7.35 -1.22
N GLY E 210 -44.78 -6.10 -1.46
CA GLY E 210 -45.66 -5.35 -0.57
C GLY E 210 -44.94 -4.57 0.50
N ASP E 211 -45.70 -3.93 1.40
CA ASP E 211 -45.17 -2.98 2.38
C ASP E 211 -44.53 -3.62 3.63
N LEU E 212 -43.41 -4.29 3.42
CA LEU E 212 -42.71 -5.02 4.49
C LEU E 212 -42.09 -4.08 5.54
N PRO E 213 -42.01 -4.50 6.81
CA PRO E 213 -41.31 -3.70 7.81
C PRO E 213 -39.82 -3.59 7.51
N VAL E 214 -39.26 -2.41 7.76
CA VAL E 214 -37.82 -2.17 7.60
C VAL E 214 -37.18 -2.04 8.97
N VAL E 215 -36.13 -2.82 9.18
CA VAL E 215 -35.29 -2.73 10.37
C VAL E 215 -33.92 -2.16 10.01
N LEU E 216 -33.49 -1.18 10.80
CA LEU E 216 -32.15 -0.60 10.67
C LEU E 216 -31.23 -1.04 11.82
N THR E 217 -29.99 -1.38 11.45
CA THR E 217 -28.98 -1.74 12.44
C THR E 217 -27.59 -1.38 11.90
N GLY E 218 -26.55 -1.60 12.70
CA GLY E 218 -25.18 -1.39 12.22
C GLY E 218 -24.51 -0.21 12.88
N GLY E 219 -23.19 -0.25 12.89
CA GLY E 219 -22.36 0.71 13.60
C GLY E 219 -22.41 2.09 13.01
N GLN E 220 -22.85 2.19 11.75
CA GLN E 220 -22.97 3.50 11.10
C GLN E 220 -24.43 3.97 10.92
N SER E 221 -25.39 3.26 11.51
CA SER E 221 -26.81 3.53 11.26
C SER E 221 -27.39 4.75 12.02
N LYS E 222 -26.86 5.03 13.20
CA LYS E 222 -27.48 6.07 14.05
C LYS E 222 -27.49 7.42 13.33
N ILE E 223 -26.45 7.67 12.55
CA ILE E 223 -26.24 8.96 11.90
C ILE E 223 -27.33 9.29 10.88
N VAL E 224 -27.95 8.25 10.30
CA VAL E 224 -28.97 8.46 9.27
C VAL E 224 -30.33 7.88 9.68
N LYS E 225 -30.45 7.53 10.97
CA LYS E 225 -31.67 6.94 11.52
C LYS E 225 -32.93 7.73 11.13
N ASP E 226 -32.84 9.06 11.21
CA ASP E 226 -33.98 9.93 10.94
C ASP E 226 -34.19 10.23 9.45
N MET E 227 -33.33 9.67 8.59
CA MET E 227 -33.42 9.89 7.14
C MET E 227 -33.98 8.72 6.35
N ILE E 228 -34.01 7.54 6.98
CA ILE E 228 -34.55 6.35 6.33
C ILE E 228 -35.79 5.91 7.07
N LYS E 229 -36.88 5.72 6.31
CA LYS E 229 -38.12 5.21 6.87
C LYS E 229 -37.87 3.80 7.38
N HIS E 230 -38.20 3.56 8.64
CA HIS E 230 -38.04 2.25 9.24
C HIS E 230 -39.08 2.04 10.33
N GLU E 231 -39.39 0.77 10.61
CA GLU E 231 -40.31 0.41 11.67
C GLU E 231 -39.58 -0.06 12.93
N ILE E 232 -38.33 -0.49 12.75
CA ILE E 232 -37.52 -0.99 13.86
C ILE E 232 -36.09 -0.46 13.75
N PHE E 233 -35.57 0.10 14.84
CA PHE E 233 -34.16 0.45 14.99
C PHE E 233 -33.59 -0.44 16.09
N ASP E 234 -32.70 -1.35 15.73
CA ASP E 234 -32.19 -2.33 16.68
C ASP E 234 -30.69 -2.55 16.49
N GLU E 235 -29.89 -1.80 17.26
CA GLU E 235 -28.43 -1.90 17.17
C GLU E 235 -27.91 -3.27 17.60
N ASP E 236 -28.74 -4.01 18.35
CA ASP E 236 -28.32 -5.32 18.84
C ASP E 236 -28.74 -6.49 17.94
N LEU E 237 -29.27 -6.21 16.75
CA LEU E 237 -29.83 -7.29 15.93
C LEU E 237 -28.83 -8.45 15.66
N THR E 238 -27.62 -8.12 15.25
CA THR E 238 -26.65 -9.16 14.91
C THR E 238 -26.29 -10.00 16.13
N ILE E 239 -25.97 -9.35 17.25
CA ILE E 239 -25.64 -10.07 18.48
C ILE E 239 -26.82 -10.92 18.98
N LYS E 240 -28.03 -10.41 18.83
CA LYS E 240 -29.22 -11.21 19.16
C LYS E 240 -29.29 -12.47 18.28
N GLY E 241 -28.95 -12.32 17.00
CA GLY E 241 -28.97 -13.47 16.10
C GLY E 241 -27.92 -14.51 16.47
N VAL E 242 -26.74 -14.04 16.88
CA VAL E 242 -25.70 -14.93 17.35
C VAL E 242 -26.23 -15.71 18.56
N TYR E 243 -26.87 -15.00 19.49
CA TYR E 243 -27.42 -15.66 20.68
C TYR E 243 -28.43 -16.73 20.29
N HIS E 244 -29.40 -16.37 19.45
CA HIS E 244 -30.47 -17.29 19.09
C HIS E 244 -29.90 -18.49 18.37
N PHE E 245 -28.98 -18.26 17.43
CA PHE E 245 -28.40 -19.37 16.65
C PHE E 245 -27.65 -20.35 17.55
N CYS E 246 -26.85 -19.80 18.46
CA CYS E 246 -25.96 -20.61 19.29
C CYS E 246 -26.62 -21.17 20.54
N PHE E 247 -27.53 -20.41 21.14
CA PHE E 247 -28.03 -20.74 22.49
C PHE E 247 -29.54 -20.72 22.59
N GLY E 248 -30.20 -20.65 21.44
CA GLY E 248 -31.65 -20.70 21.31
C GLY E 248 -32.44 -21.46 22.35
N MET F 1 -6.79 27.47 -42.88
CA MET F 1 -8.02 28.16 -42.44
C MET F 1 -8.76 27.42 -41.31
N ASP F 2 -8.43 26.15 -41.12
CA ASP F 2 -8.99 25.35 -40.03
C ASP F 2 -7.87 24.71 -39.21
N PRO F 3 -7.21 25.50 -38.35
CA PRO F 3 -6.11 24.97 -37.57
C PRO F 3 -6.60 23.86 -36.64
N MET F 4 -5.72 22.90 -36.39
CA MET F 4 -6.02 21.79 -35.50
C MET F 4 -5.65 22.15 -34.06
N TYR F 5 -6.52 21.80 -33.13
CA TYR F 5 -6.28 22.02 -31.71
C TYR F 5 -6.28 20.68 -31.01
N LEU F 6 -5.41 20.53 -30.01
CA LEU F 6 -5.35 19.32 -29.19
C LEU F 6 -5.97 19.67 -27.85
N LEU F 7 -6.90 18.84 -27.40
CA LEU F 7 -7.64 19.07 -26.16
C LEU F 7 -7.29 17.90 -25.25
N VAL F 8 -6.97 18.20 -24.00
CA VAL F 8 -6.54 17.15 -23.05
C VAL F 8 -7.41 17.22 -21.81
N ASP F 9 -7.88 16.06 -21.36
CA ASP F 9 -8.65 15.95 -20.12
C ASP F 9 -7.88 14.95 -19.25
N VAL F 10 -7.08 15.45 -18.32
CA VAL F 10 -6.28 14.59 -17.45
C VAL F 10 -7.10 14.19 -16.24
N GLY F 11 -7.46 12.91 -16.20
CA GLY F 11 -8.22 12.36 -15.08
C GLY F 11 -7.37 11.50 -14.20
N ASN F 12 -7.96 11.09 -13.07
CA ASN F 12 -7.22 10.30 -12.10
C ASN F 12 -6.78 8.93 -12.59
N THR F 13 -7.60 8.33 -13.46
CA THR F 13 -7.25 7.04 -14.02
C THR F 13 -6.75 7.13 -15.47
N HIS F 14 -7.46 7.92 -16.29
CA HIS F 14 -7.11 8.01 -17.70
C HIS F 14 -7.07 9.46 -18.10
N SER F 15 -6.35 9.70 -19.18
CA SER F 15 -6.28 11.00 -19.80
C SER F 15 -6.81 10.88 -21.23
N VAL F 16 -7.68 11.82 -21.61
CA VAL F 16 -8.27 11.87 -22.94
C VAL F 16 -7.52 12.90 -23.79
N PHE F 17 -7.15 12.53 -25.01
CA PHE F 17 -6.49 13.42 -25.96
C PHE F 17 -7.37 13.45 -27.17
N SER F 18 -7.74 14.64 -27.62
CA SER F 18 -8.69 14.75 -28.73
C SER F 18 -8.20 15.85 -29.65
N ILE F 19 -8.39 15.68 -30.94
CA ILE F 19 -8.09 16.77 -31.87
C ILE F 19 -9.34 17.23 -32.57
N THR F 20 -9.42 18.53 -32.82
CA THR F 20 -10.53 19.09 -33.57
C THR F 20 -10.04 20.23 -34.44
N GLU F 21 -10.70 20.40 -35.59
CA GLU F 21 -10.42 21.53 -36.48
C GLU F 21 -11.57 22.52 -36.54
N ASP F 22 -12.61 22.28 -35.73
CA ASP F 22 -13.82 23.12 -35.77
C ASP F 22 -14.59 23.21 -34.45
N GLY F 23 -14.16 22.45 -33.44
CA GLY F 23 -14.83 22.40 -32.16
C GLY F 23 -16.18 21.69 -32.12
N LYS F 24 -16.54 21.04 -33.22
CA LYS F 24 -17.83 20.35 -33.32
C LYS F 24 -17.68 18.83 -33.52
N THR F 25 -16.68 18.43 -34.30
CA THR F 25 -16.34 17.02 -34.45
C THR F 25 -14.94 16.76 -33.88
N PHE F 26 -14.78 15.62 -33.22
CA PHE F 26 -13.55 15.32 -32.51
C PHE F 26 -13.05 13.94 -32.88
N ARG F 27 -11.74 13.76 -32.90
CA ARG F 27 -11.14 12.44 -32.93
C ARG F 27 -10.53 12.30 -31.54
N ARG F 28 -10.77 11.16 -30.88
CA ARG F 28 -10.36 10.98 -29.49
C ARG F 28 -9.53 9.72 -29.30
N TRP F 29 -8.57 9.82 -28.37
CA TRP F 29 -7.86 8.68 -27.85
C TRP F 29 -7.80 8.80 -26.33
N ARG F 30 -7.52 7.67 -25.67
CA ARG F 30 -7.38 7.70 -24.21
C ARG F 30 -6.13 6.92 -23.84
N LEU F 31 -5.44 7.40 -22.82
CA LEU F 31 -4.27 6.70 -22.28
C LEU F 31 -4.41 6.64 -20.76
N SER F 32 -3.68 5.72 -20.13
CA SER F 32 -3.61 5.76 -18.67
C SER F 32 -2.92 7.07 -18.26
N THR F 33 -3.35 7.64 -17.14
CA THR F 33 -2.63 8.77 -16.54
C THR F 33 -1.46 8.18 -15.77
N GLY F 34 -0.25 8.46 -16.21
CA GLY F 34 0.88 7.71 -15.66
C GLY F 34 1.61 8.48 -14.58
N VAL F 35 1.70 7.87 -13.39
CA VAL F 35 2.23 8.56 -12.21
C VAL F 35 3.58 9.27 -12.44
N PHE F 36 4.54 8.53 -12.97
CA PHE F 36 5.89 9.04 -13.13
C PHE F 36 6.20 9.23 -14.61
N GLN F 37 5.16 9.37 -15.43
CA GLN F 37 5.36 9.51 -16.88
C GLN F 37 6.08 10.81 -17.21
N THR F 38 6.79 10.81 -18.33
CA THR F 38 7.55 11.99 -18.75
C THR F 38 6.97 12.52 -20.04
N GLU F 39 7.41 13.71 -20.44
CA GLU F 39 6.97 14.28 -21.71
C GLU F 39 7.37 13.41 -22.93
N ASP F 40 8.53 12.75 -22.84
CA ASP F 40 8.97 11.89 -23.94
C ASP F 40 8.13 10.64 -24.01
N GLU F 41 7.79 10.08 -22.85
CA GLU F 41 6.89 8.94 -22.80
C GLU F 41 5.52 9.27 -23.39
N LEU F 42 4.99 10.43 -23.05
CA LEU F 42 3.73 10.88 -23.62
C LEU F 42 3.81 11.02 -25.16
N PHE F 43 4.88 11.64 -25.66
CA PHE F 43 5.05 11.76 -27.10
C PHE F 43 5.15 10.37 -27.73
N SER F 44 5.89 9.47 -27.08
CA SER F 44 6.03 8.12 -27.60
C SER F 44 4.66 7.39 -27.70
N HIS F 45 3.80 7.59 -26.71
CA HIS F 45 2.46 7.01 -26.76
C HIS F 45 1.58 7.64 -27.83
N LEU F 46 1.67 8.95 -27.99
CA LEU F 46 0.75 9.67 -28.88
C LEU F 46 1.19 9.61 -30.33
N HIS F 47 2.50 9.41 -30.55
CA HIS F 47 3.06 9.42 -31.90
C HIS F 47 2.33 8.52 -32.92
N PRO F 48 2.18 7.21 -32.62
CA PRO F 48 1.48 6.35 -33.57
C PRO F 48 -0.04 6.55 -33.63
N LEU F 49 -0.59 7.23 -32.63
CA LEU F 49 -2.02 7.49 -32.60
C LEU F 49 -2.38 8.70 -33.45
N LEU F 50 -1.73 9.82 -33.20
CA LEU F 50 -2.05 11.05 -33.90
C LEU F 50 -1.43 11.08 -35.30
N GLY F 51 -0.31 10.36 -35.47
CA GLY F 51 0.39 10.31 -36.75
C GLY F 51 0.68 11.72 -37.27
N ASP F 52 0.31 11.97 -38.52
CA ASP F 52 0.60 13.24 -39.18
C ASP F 52 -0.01 14.47 -38.47
N ALA F 53 -1.07 14.27 -37.68
CA ALA F 53 -1.68 15.37 -36.94
C ALA F 53 -0.71 16.03 -35.96
N MET F 54 0.29 15.27 -35.52
CA MET F 54 1.30 15.75 -34.60
C MET F 54 1.90 17.09 -35.03
N ARG F 55 2.14 17.24 -36.33
CA ARG F 55 2.77 18.46 -36.83
C ARG F 55 1.79 19.55 -37.24
N GLU F 56 0.50 19.27 -37.14
CA GLU F 56 -0.56 20.20 -37.53
C GLU F 56 -1.14 20.98 -36.33
N ILE F 57 -0.83 20.54 -35.12
CA ILE F 57 -1.46 21.14 -33.92
C ILE F 57 -0.94 22.55 -33.63
N LYS F 58 -1.86 23.49 -33.46
CA LYS F 58 -1.53 24.90 -33.29
C LYS F 58 -1.85 25.43 -31.90
N GLY F 59 -2.57 24.66 -31.09
CA GLY F 59 -2.92 25.11 -29.75
C GLY F 59 -3.23 23.87 -28.94
N ILE F 60 -2.91 23.92 -27.65
CA ILE F 60 -3.17 22.82 -26.74
C ILE F 60 -3.96 23.35 -25.56
N GLY F 61 -5.13 22.76 -25.32
CA GLY F 61 -5.96 23.15 -24.20
C GLY F 61 -6.06 21.97 -23.24
N VAL F 62 -6.05 22.26 -21.94
CA VAL F 62 -6.01 21.17 -20.95
C VAL F 62 -6.90 21.42 -19.74
N ALA F 63 -7.68 20.40 -19.36
CA ALA F 63 -8.33 20.41 -18.05
C ALA F 63 -7.67 19.28 -17.30
N SER F 64 -7.14 19.57 -16.12
CA SER F 64 -6.50 18.54 -15.30
C SER F 64 -7.00 18.53 -13.87
N VAL F 65 -7.23 17.32 -13.36
CA VAL F 65 -7.52 17.15 -11.93
C VAL F 65 -6.42 16.37 -11.21
N VAL F 66 -5.24 16.34 -11.81
CA VAL F 66 -4.09 15.64 -11.23
C VAL F 66 -2.90 16.58 -11.28
N PRO F 67 -2.78 17.46 -10.27
CA PRO F 67 -1.71 18.49 -10.27
C PRO F 67 -0.31 17.98 -10.58
N THR F 68 0.04 16.77 -10.11
CA THR F 68 1.40 16.26 -10.37
C THR F 68 1.69 16.03 -11.85
N GLN F 69 0.62 15.80 -12.63
CA GLN F 69 0.76 15.56 -14.07
C GLN F 69 1.01 16.83 -14.88
N ASN F 70 0.73 17.96 -14.26
CA ASN F 70 0.70 19.21 -15.01
C ASN F 70 2.04 19.64 -15.61
N THR F 71 3.13 19.39 -14.88
CA THR F 71 4.47 19.69 -15.42
C THR F 71 4.80 18.84 -16.63
N VAL F 72 4.35 17.58 -16.64
CA VAL F 72 4.53 16.67 -17.77
C VAL F 72 3.85 17.25 -19.01
N ILE F 73 2.59 17.68 -18.85
CA ILE F 73 1.84 18.23 -19.95
C ILE F 73 2.49 19.51 -20.44
N GLU F 74 2.93 20.36 -19.50
CA GLU F 74 3.58 21.63 -19.88
C GLU F 74 4.83 21.34 -20.68
N ARG F 75 5.66 20.43 -20.19
CA ARG F 75 6.92 20.09 -20.85
C ARG F 75 6.73 19.45 -22.23
N PHE F 76 5.70 18.62 -22.35
CA PHE F 76 5.35 17.96 -23.60
C PHE F 76 4.97 19.03 -24.62
N SER F 77 4.11 19.96 -24.19
CA SER F 77 3.63 21.03 -25.08
C SER F 77 4.79 21.90 -25.56
N GLN F 78 5.68 22.27 -24.63
CA GLN F 78 6.82 23.14 -24.98
C GLN F 78 7.82 22.42 -25.86
N LYS F 79 8.19 21.19 -25.50
CA LYS F 79 9.22 20.50 -26.26
C LYS F 79 8.76 20.11 -27.67
N TYR F 80 7.54 19.60 -27.79
CA TYR F 80 7.12 19.00 -29.04
C TYR F 80 6.28 19.93 -29.91
N PHE F 81 5.82 21.04 -29.33
CA PHE F 81 5.02 21.99 -30.10
C PHE F 81 5.45 23.44 -29.95
N HIS F 82 6.42 23.70 -29.05
CA HIS F 82 6.97 25.04 -28.86
C HIS F 82 5.89 26.02 -28.41
N ILE F 83 4.91 25.50 -27.69
CA ILE F 83 3.86 26.34 -27.13
C ILE F 83 3.54 25.91 -25.71
N SER F 84 2.91 26.81 -24.95
CA SER F 84 2.43 26.50 -23.60
C SER F 84 0.94 26.13 -23.70
N PRO F 85 0.50 25.16 -22.89
CA PRO F 85 -0.90 24.81 -22.97
C PRO F 85 -1.73 25.89 -22.29
N ILE F 86 -3.01 25.94 -22.63
CA ILE F 86 -3.98 26.82 -21.96
C ILE F 86 -4.72 25.97 -20.94
N TRP F 87 -4.75 26.44 -19.69
CA TRP F 87 -5.29 25.63 -18.58
C TRP F 87 -6.70 26.05 -18.20
N VAL F 88 -7.64 25.11 -18.25
CA VAL F 88 -9.01 25.38 -17.81
C VAL F 88 -9.04 25.58 -16.29
N LYS F 89 -9.66 26.67 -15.85
CA LYS F 89 -9.88 27.00 -14.45
C LYS F 89 -11.15 27.83 -14.34
N ALA F 90 -11.72 27.88 -13.14
CA ALA F 90 -12.87 28.76 -12.89
C ALA F 90 -12.46 30.22 -12.95
N LYS F 91 -13.12 30.99 -13.80
CA LYS F 91 -12.91 32.43 -13.81
C LYS F 91 -14.20 33.12 -14.19
N ASN F 92 -14.30 34.41 -13.88
CA ASN F 92 -15.48 35.18 -14.23
C ASN F 92 -15.53 35.41 -15.72
N GLY F 93 -16.74 35.45 -16.26
CA GLY F 93 -16.97 35.64 -17.67
C GLY F 93 -18.33 35.05 -17.98
N CYS F 94 -18.36 34.10 -18.92
CA CYS F 94 -19.62 33.47 -19.36
C CYS F 94 -20.35 32.71 -18.24
N VAL F 95 -19.61 32.27 -17.24
CA VAL F 95 -20.19 31.53 -16.12
C VAL F 95 -20.00 32.35 -14.84
N LYS F 96 -21.04 32.44 -14.02
CA LYS F 96 -20.90 33.00 -12.68
C LYS F 96 -20.73 31.84 -11.71
N TRP F 97 -19.87 32.01 -10.71
CA TRP F 97 -19.52 30.91 -9.81
C TRP F 97 -20.01 31.15 -8.40
N ASN F 98 -21.24 30.71 -8.12
CA ASN F 98 -21.91 30.92 -6.83
C ASN F 98 -21.60 29.82 -5.80
N VAL F 99 -20.31 29.59 -5.57
CA VAL F 99 -19.88 28.64 -4.56
C VAL F 99 -18.77 29.28 -3.72
N LYS F 100 -18.38 28.62 -2.63
CA LYS F 100 -17.48 29.24 -1.65
C LYS F 100 -16.09 29.53 -2.18
N ASN F 101 -15.52 28.57 -2.91
CA ASN F 101 -14.14 28.61 -3.37
C ASN F 101 -14.07 28.11 -4.80
N PRO F 102 -14.45 28.95 -5.78
CA PRO F 102 -14.45 28.46 -7.16
C PRO F 102 -13.12 27.89 -7.65
N SER F 103 -12.00 28.38 -7.11
CA SER F 103 -10.70 27.87 -7.55
C SER F 103 -10.49 26.39 -7.17
N GLU F 104 -11.34 25.86 -6.30
CA GLU F 104 -11.21 24.45 -5.89
C GLU F 104 -12.07 23.48 -6.69
N VAL F 105 -12.94 24.05 -7.53
CA VAL F 105 -13.77 23.22 -8.39
C VAL F 105 -12.87 22.53 -9.43
N GLY F 106 -13.06 21.22 -9.56
CA GLY F 106 -12.23 20.45 -10.51
C GLY F 106 -12.36 21.01 -11.92
N ALA F 107 -11.23 21.06 -12.64
CA ALA F 107 -11.21 21.61 -14.01
C ALA F 107 -12.13 20.84 -14.97
N ASP F 108 -12.36 19.55 -14.72
CA ASP F 108 -13.28 18.80 -15.57
C ASP F 108 -14.69 19.29 -15.41
N ARG F 109 -15.05 19.61 -14.17
CA ARG F 109 -16.37 20.15 -13.86
C ARG F 109 -16.55 21.53 -14.47
N VAL F 110 -15.50 22.35 -14.32
CA VAL F 110 -15.47 23.68 -14.97
C VAL F 110 -15.72 23.55 -16.47
N ALA F 111 -14.96 22.67 -17.13
CA ALA F 111 -15.12 22.41 -18.57
C ALA F 111 -16.54 21.96 -18.89
N ASN F 112 -17.10 21.05 -18.09
CA ASN F 112 -18.47 20.61 -18.31
C ASN F 112 -19.46 21.77 -18.31
N VAL F 113 -19.29 22.68 -17.35
CA VAL F 113 -20.22 23.78 -17.12
C VAL F 113 -20.09 24.79 -18.26
N VAL F 114 -18.85 25.07 -18.66
CA VAL F 114 -18.56 25.97 -19.79
C VAL F 114 -19.21 25.41 -21.05
N ALA F 115 -18.99 24.12 -21.33
CA ALA F 115 -19.60 23.48 -22.50
C ALA F 115 -21.12 23.56 -22.43
N PHE F 116 -21.67 23.36 -21.23
CA PHE F 116 -23.11 23.34 -21.08
C PHE F 116 -23.70 24.72 -21.43
N VAL F 117 -23.11 25.78 -20.88
CA VAL F 117 -23.68 27.13 -21.06
C VAL F 117 -23.54 27.56 -22.50
N LYS F 118 -22.47 27.12 -23.16
CA LYS F 118 -22.21 27.54 -24.52
C LYS F 118 -23.14 26.82 -25.50
N GLU F 119 -23.47 25.56 -25.20
CA GLU F 119 -24.23 24.73 -26.15
C GLU F 119 -25.68 24.43 -25.78
N TYR F 120 -25.97 24.31 -24.48
CA TYR F 120 -27.30 23.86 -24.03
C TYR F 120 -28.08 24.82 -23.15
N GLY F 121 -27.49 25.97 -22.87
CA GLY F 121 -28.26 27.01 -22.20
C GLY F 121 -27.88 27.29 -20.77
N LYS F 122 -28.70 28.10 -20.11
CA LYS F 122 -28.34 28.69 -18.82
C LYS F 122 -28.74 27.85 -17.61
N ASN F 123 -29.52 26.79 -17.87
CA ASN F 123 -30.12 26.00 -16.80
C ASN F 123 -29.97 24.50 -17.03
N GLY F 124 -29.34 23.81 -16.08
CA GLY F 124 -29.24 22.36 -16.26
C GLY F 124 -28.51 21.66 -15.15
N ILE F 125 -28.61 20.34 -15.16
CA ILE F 125 -27.88 19.48 -14.23
C ILE F 125 -26.99 18.57 -15.08
N ILE F 126 -25.70 18.51 -14.76
CA ILE F 126 -24.74 17.69 -15.50
C ILE F 126 -24.32 16.52 -14.61
N ILE F 127 -24.45 15.31 -15.14
CA ILE F 127 -24.03 14.11 -14.41
C ILE F 127 -22.84 13.56 -15.17
N ASP F 128 -21.68 13.53 -14.50
CA ASP F 128 -20.46 13.02 -15.14
C ASP F 128 -19.98 11.78 -14.41
N MET F 129 -20.09 10.63 -15.06
CA MET F 129 -19.72 9.36 -14.46
C MET F 129 -18.31 8.95 -14.84
N GLY F 130 -17.36 9.27 -13.96
CA GLY F 130 -15.95 8.95 -14.19
C GLY F 130 -15.35 8.23 -13.00
N THR F 131 -14.09 8.57 -12.69
CA THR F 131 -13.44 8.01 -11.51
C THR F 131 -14.32 8.24 -10.28
N ALA F 132 -14.73 9.49 -10.12
CA ALA F 132 -15.85 9.84 -9.26
C ALA F 132 -17.01 10.18 -10.18
N THR F 133 -18.21 10.17 -9.63
CA THR F 133 -19.40 10.61 -10.35
C THR F 133 -19.76 11.97 -9.76
N THR F 134 -19.85 12.97 -10.62
CA THR F 134 -20.19 14.30 -10.14
C THR F 134 -21.57 14.73 -10.61
N VAL F 135 -22.21 15.57 -9.82
CA VAL F 135 -23.43 16.27 -10.20
C VAL F 135 -23.06 17.75 -10.15
N ASP F 136 -23.38 18.48 -11.22
CA ASP F 136 -23.12 19.94 -11.27
C ASP F 136 -24.40 20.64 -11.63
N LEU F 137 -24.72 21.70 -10.88
CA LEU F 137 -25.95 22.44 -11.08
C LEU F 137 -25.64 23.83 -11.63
N VAL F 138 -26.33 24.21 -12.71
CA VAL F 138 -26.21 25.54 -13.32
C VAL F 138 -27.61 26.11 -13.39
N VAL F 139 -27.78 27.31 -12.83
CA VAL F 139 -29.09 27.99 -12.77
C VAL F 139 -28.90 29.42 -13.22
N ASN F 140 -29.63 29.79 -14.27
CA ASN F 140 -29.56 31.14 -14.80
C ASN F 140 -28.11 31.59 -15.06
N GLY F 141 -27.30 30.64 -15.55
CA GLY F 141 -25.93 30.92 -15.95
C GLY F 141 -24.93 30.94 -14.82
N SER F 142 -25.39 30.57 -13.62
CA SER F 142 -24.55 30.51 -12.42
C SER F 142 -24.32 29.07 -11.98
N TYR F 143 -23.06 28.70 -11.78
CA TYR F 143 -22.73 27.39 -11.19
C TYR F 143 -23.08 27.44 -9.71
N GLU F 144 -23.90 26.50 -9.25
CA GLU F 144 -24.47 26.55 -7.89
C GLU F 144 -23.85 25.54 -6.93
N GLY F 145 -23.01 24.65 -7.47
CA GLY F 145 -22.38 23.59 -6.69
C GLY F 145 -22.84 22.22 -7.19
N GLY F 146 -22.74 21.21 -6.33
CA GLY F 146 -23.15 19.89 -6.79
C GLY F 146 -22.92 18.83 -5.73
N ALA F 147 -22.59 17.63 -6.22
CA ALA F 147 -22.33 16.49 -5.34
C ALA F 147 -21.22 15.67 -5.97
N ILE F 148 -20.54 14.89 -5.13
CA ILE F 148 -19.48 13.99 -5.57
C ILE F 148 -19.77 12.65 -4.91
N LEU F 149 -19.82 11.61 -5.75
CA LEU F 149 -20.02 10.23 -5.30
C LEU F 149 -18.83 9.41 -5.81
N PRO F 150 -18.50 8.31 -5.12
CA PRO F 150 -17.54 7.39 -5.73
C PRO F 150 -18.09 6.87 -7.07
N GLY F 151 -17.21 6.69 -8.06
CA GLY F 151 -17.58 6.07 -9.34
C GLY F 151 -17.87 4.59 -9.22
N PHE F 152 -18.45 4.00 -10.26
CA PHE F 152 -18.87 2.58 -10.18
C PHE F 152 -17.68 1.70 -9.89
N PHE F 153 -16.59 1.90 -10.63
CA PHE F 153 -15.44 1.04 -10.41
C PHE F 153 -14.83 1.28 -9.03
N MET F 154 -14.71 2.56 -8.65
CA MET F 154 -14.22 2.89 -7.30
C MET F 154 -15.01 2.15 -6.23
N MET F 155 -16.33 2.07 -6.41
CA MET F 155 -17.19 1.37 -5.44
C MET F 155 -16.90 -0.13 -5.39
N VAL F 156 -16.92 -0.80 -6.54
CA VAL F 156 -16.69 -2.25 -6.49
C VAL F 156 -15.28 -2.55 -6.00
N HIS F 157 -14.33 -1.71 -6.39
CA HIS F 157 -12.95 -1.89 -5.91
C HIS F 157 -12.84 -1.69 -4.40
N SER F 158 -13.61 -0.74 -3.86
CA SER F 158 -13.53 -0.42 -2.43
C SER F 158 -14.07 -1.62 -1.65
N LEU F 159 -15.11 -2.24 -2.21
CA LEU F 159 -15.70 -3.42 -1.51
C LEU F 159 -14.75 -4.61 -1.48
N PHE F 160 -14.04 -4.80 -2.60
CA PHE F 160 -13.07 -5.89 -2.73
C PHE F 160 -11.91 -5.63 -1.78
N ARG F 161 -11.29 -4.46 -1.86
CA ARG F 161 -10.13 -4.18 -1.00
C ARG F 161 -10.45 -4.01 0.50
N GLY F 162 -11.67 -3.60 0.80
CA GLY F 162 -12.09 -3.18 2.13
C GLY F 162 -12.70 -4.31 2.96
N THR F 163 -12.87 -5.47 2.34
CA THR F 163 -13.44 -6.63 3.07
C THR F 163 -12.62 -7.89 2.87
N ALA F 164 -12.73 -8.85 3.78
CA ALA F 164 -12.04 -10.12 3.59
C ALA F 164 -12.71 -10.97 2.51
N LYS F 165 -14.04 -11.00 2.50
CA LYS F 165 -14.75 -12.02 1.74
C LYS F 165 -15.19 -11.63 0.33
N LEU F 166 -15.29 -10.33 0.05
CA LEU F 166 -15.91 -9.91 -1.20
C LEU F 166 -14.92 -9.92 -2.37
N PRO F 167 -15.38 -10.42 -3.54
CA PRO F 167 -14.54 -10.43 -4.72
C PRO F 167 -14.68 -9.10 -5.46
N LEU F 168 -13.82 -8.89 -6.47
CA LEU F 168 -13.94 -7.72 -7.35
C LEU F 168 -14.95 -8.08 -8.43
N VAL F 169 -16.06 -7.34 -8.47
CA VAL F 169 -17.17 -7.65 -9.37
C VAL F 169 -17.14 -6.76 -10.58
N GLU F 170 -17.56 -7.30 -11.73
CA GLU F 170 -17.70 -6.49 -12.95
C GLU F 170 -18.89 -5.52 -12.83
N VAL F 171 -18.72 -4.31 -13.34
CA VAL F 171 -19.78 -3.31 -13.31
C VAL F 171 -20.79 -3.59 -14.41
N LYS F 172 -21.97 -4.06 -13.99
CA LYS F 172 -23.07 -4.43 -14.88
C LYS F 172 -24.37 -4.24 -14.10
N PRO F 173 -25.36 -3.57 -14.69
CA PRO F 173 -26.63 -3.34 -14.01
C PRO F 173 -27.30 -4.65 -13.57
N ALA F 174 -28.03 -4.57 -12.47
CA ALA F 174 -28.88 -5.64 -12.03
C ALA F 174 -30.23 -5.57 -12.77
N ASP F 175 -30.67 -6.71 -13.27
CA ASP F 175 -32.01 -6.84 -13.84
C ASP F 175 -32.88 -7.74 -12.95
N PHE F 176 -32.84 -7.46 -11.65
CA PHE F 176 -33.53 -8.25 -10.65
C PHE F 176 -33.71 -7.38 -9.40
N VAL F 177 -34.71 -7.71 -8.58
CA VAL F 177 -35.11 -6.90 -7.43
C VAL F 177 -34.21 -7.13 -6.21
N VAL F 178 -33.76 -8.38 -6.05
CA VAL F 178 -32.77 -8.71 -5.02
C VAL F 178 -31.76 -9.69 -5.62
N GLY F 179 -30.51 -9.55 -5.20
CA GLY F 179 -29.47 -10.43 -5.72
C GLY F 179 -29.52 -11.79 -5.07
N LYS F 180 -29.19 -12.83 -5.85
CA LYS F 180 -29.23 -14.22 -5.37
C LYS F 180 -27.86 -14.83 -5.14
N ASP F 181 -26.82 -14.05 -5.34
CA ASP F 181 -25.46 -14.44 -5.00
C ASP F 181 -24.63 -13.18 -4.76
N THR F 182 -23.41 -13.34 -4.29
CA THR F 182 -22.63 -12.17 -3.87
C THR F 182 -22.46 -11.17 -5.00
N GLU F 183 -22.10 -11.65 -6.19
CA GLU F 183 -21.85 -10.74 -7.31
C GLU F 183 -23.10 -9.97 -7.68
N GLU F 184 -24.25 -10.66 -7.69
CA GLU F 184 -25.53 -10.00 -7.96
C GLU F 184 -25.85 -8.96 -6.89
N ASN F 185 -25.54 -9.28 -5.63
CA ASN F 185 -25.78 -8.34 -4.53
C ASN F 185 -25.03 -7.03 -4.74
N ILE F 186 -23.78 -7.17 -5.18
CA ILE F 186 -22.89 -6.02 -5.34
C ILE F 186 -23.33 -5.21 -6.55
N ARG F 187 -23.72 -5.86 -7.64
CA ARG F 187 -24.19 -5.11 -8.82
C ARG F 187 -25.42 -4.27 -8.48
N LEU F 188 -26.38 -4.87 -7.78
CA LEU F 188 -27.60 -4.18 -7.37
C LEU F 188 -27.26 -2.97 -6.47
N GLY F 189 -26.39 -3.20 -5.48
CA GLY F 189 -26.03 -2.15 -4.54
C GLY F 189 -25.27 -1.01 -5.21
N VAL F 190 -24.30 -1.37 -6.05
CA VAL F 190 -23.39 -0.35 -6.60
C VAL F 190 -23.96 0.31 -7.83
N VAL F 191 -24.45 -0.48 -8.79
CA VAL F 191 -24.82 0.09 -10.06
C VAL F 191 -26.24 0.68 -9.96
N ASN F 192 -27.23 -0.17 -9.73
CA ASN F 192 -28.59 0.31 -9.53
C ASN F 192 -28.66 1.31 -8.37
N GLY F 193 -27.97 0.99 -7.27
CA GLY F 193 -27.91 1.86 -6.12
C GLY F 193 -27.42 3.27 -6.46
N SER F 194 -26.34 3.37 -7.22
CA SER F 194 -25.78 4.68 -7.58
C SER F 194 -26.75 5.45 -8.45
N VAL F 195 -27.43 4.74 -9.35
CA VAL F 195 -28.45 5.39 -10.16
C VAL F 195 -29.56 5.98 -9.28
N TYR F 196 -30.05 5.18 -8.34
CA TYR F 196 -31.02 5.69 -7.39
C TYR F 196 -30.50 6.88 -6.59
N ALA F 197 -29.21 6.85 -6.21
CA ALA F 197 -28.61 7.95 -5.45
C ALA F 197 -28.69 9.22 -6.30
N LEU F 198 -28.30 9.10 -7.55
CA LEU F 198 -28.28 10.26 -8.45
C LEU F 198 -29.70 10.78 -8.70
N GLU F 199 -30.66 9.88 -8.94
CA GLU F 199 -32.07 10.27 -9.13
C GLU F 199 -32.61 11.04 -7.92
N GLY F 200 -32.24 10.59 -6.70
CA GLY F 200 -32.63 11.25 -5.48
C GLY F 200 -32.07 12.65 -5.38
N ILE F 201 -30.77 12.79 -5.65
CA ILE F 201 -30.11 14.08 -5.60
C ILE F 201 -30.74 15.04 -6.62
N ILE F 202 -30.98 14.52 -7.82
CA ILE F 202 -31.54 15.29 -8.92
C ILE F 202 -32.97 15.70 -8.57
N GLY F 203 -33.75 14.75 -8.04
CA GLY F 203 -35.14 15.02 -7.65
C GLY F 203 -35.23 16.16 -6.66
N ARG F 204 -34.32 16.17 -5.69
CA ARG F 204 -34.40 17.17 -4.62
C ARG F 204 -33.96 18.52 -5.17
N ILE F 205 -32.98 18.52 -6.05
CA ILE F 205 -32.60 19.75 -6.73
C ILE F 205 -33.80 20.36 -7.48
N LYS F 206 -34.54 19.52 -8.20
CA LYS F 206 -35.70 20.01 -8.96
C LYS F 206 -36.78 20.58 -8.04
N GLU F 207 -36.94 19.99 -6.86
CA GLU F 207 -37.90 20.53 -5.87
C GLU F 207 -37.61 21.98 -5.45
N VAL F 208 -36.34 22.34 -5.39
CA VAL F 208 -35.93 23.68 -4.97
C VAL F 208 -35.82 24.61 -6.16
N TYR F 209 -35.24 24.12 -7.26
CA TYR F 209 -34.89 24.99 -8.40
C TYR F 209 -35.81 24.87 -9.59
N GLY F 210 -36.81 23.99 -9.49
CA GLY F 210 -37.73 23.77 -10.61
C GLY F 210 -37.15 22.78 -11.60
N ASP F 211 -37.94 22.43 -12.62
CA ASP F 211 -37.48 21.44 -13.59
C ASP F 211 -36.23 21.96 -14.29
N LEU F 212 -35.27 21.06 -14.54
CA LEU F 212 -34.04 21.39 -15.26
C LEU F 212 -33.72 20.19 -16.14
N PRO F 213 -33.16 20.43 -17.34
CA PRO F 213 -32.67 19.34 -18.19
C PRO F 213 -31.47 18.67 -17.55
N VAL F 214 -31.36 17.36 -17.74
CA VAL F 214 -30.21 16.60 -17.26
C VAL F 214 -29.36 16.13 -18.44
N VAL F 215 -28.07 16.41 -18.37
CA VAL F 215 -27.11 15.94 -19.38
C VAL F 215 -26.23 14.85 -18.76
N LEU F 216 -26.06 13.72 -19.46
CA LEU F 216 -25.23 12.63 -18.98
C LEU F 216 -23.95 12.57 -19.79
N THR F 217 -22.82 12.44 -19.10
CA THR F 217 -21.53 12.27 -19.74
C THR F 217 -20.60 11.37 -18.89
N GLY F 218 -19.43 11.04 -19.42
CA GLY F 218 -18.43 10.33 -18.62
C GLY F 218 -18.10 8.95 -19.12
N GLY F 219 -16.88 8.51 -18.81
CA GLY F 219 -16.33 7.26 -19.33
C GLY F 219 -17.05 6.04 -18.82
N GLN F 220 -17.79 6.16 -17.72
CA GLN F 220 -18.57 5.04 -17.20
C GLN F 220 -20.09 5.23 -17.37
N SER F 221 -20.52 6.22 -18.16
CA SER F 221 -21.94 6.51 -18.31
C SER F 221 -22.70 5.61 -19.27
N LYS F 222 -22.03 5.08 -20.29
CA LYS F 222 -22.77 4.27 -21.28
C LYS F 222 -23.48 3.08 -20.67
N ILE F 223 -22.84 2.48 -19.66
CA ILE F 223 -23.37 1.27 -19.01
C ILE F 223 -24.73 1.47 -18.36
N VAL F 224 -25.03 2.70 -17.93
CA VAL F 224 -26.29 3.00 -17.27
C VAL F 224 -27.19 3.99 -18.02
N LYS F 225 -26.82 4.30 -19.26
CA LYS F 225 -27.53 5.31 -20.05
C LYS F 225 -29.04 5.06 -20.07
N ASP F 226 -29.43 3.79 -20.21
CA ASP F 226 -30.85 3.46 -20.32
C ASP F 226 -31.58 3.39 -18.95
N MET F 227 -30.83 3.58 -17.87
CA MET F 227 -31.40 3.48 -16.51
C MET F 227 -31.64 4.77 -15.79
N ILE F 228 -30.99 5.84 -16.24
CA ILE F 228 -31.13 7.13 -15.59
C ILE F 228 -31.81 8.06 -16.57
N LYS F 229 -32.83 8.77 -16.09
CA LYS F 229 -33.53 9.72 -16.94
C LYS F 229 -32.59 10.85 -17.31
N HIS F 230 -32.56 11.20 -18.60
CA HIS F 230 -31.72 12.30 -19.05
C HIS F 230 -32.26 12.88 -20.34
N GLU F 231 -32.12 14.18 -20.49
CA GLU F 231 -32.55 14.84 -21.73
C GLU F 231 -31.48 14.77 -22.81
N ILE F 232 -30.22 14.73 -22.41
CA ILE F 232 -29.11 14.81 -23.35
C ILE F 232 -28.06 13.79 -22.94
N PHE F 233 -27.49 13.08 -23.92
CA PHE F 233 -26.32 12.23 -23.69
C PHE F 233 -25.19 12.83 -24.53
N ASP F 234 -24.11 13.27 -23.89
CA ASP F 234 -23.06 13.93 -24.65
C ASP F 234 -21.72 13.50 -24.12
N GLU F 235 -21.16 12.45 -24.73
CA GLU F 235 -19.88 11.91 -24.28
C GLU F 235 -18.73 12.88 -24.43
N ASP F 236 -18.88 13.88 -25.28
CA ASP F 236 -17.80 14.82 -25.58
C ASP F 236 -17.90 16.11 -24.78
N LEU F 237 -18.78 16.15 -23.79
CA LEU F 237 -19.02 17.38 -23.03
C LEU F 237 -17.74 18.03 -22.48
N THR F 238 -16.93 17.24 -21.77
CA THR F 238 -15.74 17.83 -21.14
C THR F 238 -14.76 18.42 -22.19
N ILE F 239 -14.48 17.62 -23.22
CA ILE F 239 -13.57 18.05 -24.28
C ILE F 239 -14.11 19.27 -25.03
N LYS F 240 -15.42 19.28 -25.30
CA LYS F 240 -16.05 20.51 -25.82
C LYS F 240 -15.78 21.71 -24.92
N GLY F 241 -15.89 21.53 -23.60
CA GLY F 241 -15.64 22.63 -22.67
C GLY F 241 -14.21 23.10 -22.72
N VAL F 242 -13.27 22.17 -22.85
CA VAL F 242 -11.87 22.54 -22.96
C VAL F 242 -11.71 23.41 -24.21
N TYR F 243 -12.31 22.97 -25.32
CA TYR F 243 -12.24 23.72 -26.58
C TYR F 243 -12.81 25.13 -26.42
N HIS F 244 -14.03 25.22 -25.90
CA HIS F 244 -14.66 26.54 -25.75
C HIS F 244 -13.85 27.46 -24.83
N PHE F 245 -13.41 26.93 -23.69
CA PHE F 245 -12.65 27.75 -22.76
C PHE F 245 -11.37 28.28 -23.40
N CYS F 246 -10.66 27.41 -24.11
CA CYS F 246 -9.32 27.75 -24.60
C CYS F 246 -9.31 28.44 -25.97
N PHE F 247 -10.28 28.11 -26.81
CA PHE F 247 -10.23 28.50 -28.24
C PHE F 247 -11.54 29.06 -28.74
N GLY F 248 -12.47 29.28 -27.81
CA GLY F 248 -13.77 29.86 -28.09
C GLY F 248 -13.70 31.32 -28.47
MG MG G . 3.99 2.85 -22.00
O8 PAZ H . 17.33 7.36 -7.84
P1 PAZ H . 18.53 8.26 -7.54
O6 PAZ H . 19.36 8.43 -8.79
O7 PAZ H . 18.15 9.60 -6.87
O2 PAZ H . 19.62 7.52 -6.58
C2 PAZ H . 20.39 8.05 -5.48
C1 PAZ H . 20.66 6.93 -4.44
C4 PAZ H . 19.28 6.38 -4.07
C3 PAZ H . 21.32 7.45 -3.16
C5 PAZ H . 21.60 5.90 -5.09
O5' PAZ H . 22.89 6.49 -5.34
C6 PAZ H . 21.85 4.63 -4.30
O6' PAZ H . 20.91 3.69 -4.36
N PAZ H . 22.93 4.50 -3.63
C8 PAZ H . 23.33 3.30 -2.84
C9 PAZ H . 23.83 3.74 -1.48
C PAZ H . 25.06 4.61 -1.46
O PAZ H . 25.43 5.25 -2.47
OXT PAZ H . 25.68 4.68 -0.37
MG MG I . -3.87 -3.07 22.01
O8 PAZ J . 1.96 16.17 15.78
P1 PAZ J . 2.43 15.74 14.40
O6 PAZ J . 1.79 14.37 14.11
O7 PAZ J . 3.94 15.85 14.15
O2 PAZ J . 1.79 16.94 13.49
C2 PAZ J . 2.42 18.14 12.97
C1 PAZ J . 1.58 18.61 11.76
C4 PAZ J . 1.37 17.39 10.86
C3 PAZ J . 2.25 19.71 10.94
C5 PAZ J . 0.25 19.15 12.30
O5' PAZ J . 0.46 20.34 13.07
C6 PAZ J . -0.80 19.47 11.24
O6' PAZ J . -1.50 18.46 10.71
N PAZ J . -1.00 20.67 10.88
C8 PAZ J . -2.01 21.13 9.92
C9 PAZ J . -1.33 22.07 8.92
C PAZ J . -0.84 23.38 9.51
O PAZ J . -0.53 23.46 10.73
OXT PAZ J . -0.74 24.34 8.71
O8 PAZ K . 11.29 -14.71 13.28
P1 PAZ K . 10.83 -14.39 11.87
O6 PAZ K . 10.21 -15.57 11.12
O7 PAZ K . 9.99 -13.10 11.90
O2 PAZ K . 12.24 -14.07 11.10
C2 PAZ K . 13.22 -14.92 10.45
C1 PAZ K . 14.23 -14.09 9.56
C4 PAZ K . 14.69 -15.27 8.74
C3 PAZ K . 13.11 -13.20 9.07
C5 PAZ K . 15.12 -13.66 10.69
O5' PAZ K . 15.95 -14.72 11.21
C6 PAZ K . 16.06 -12.67 10.07
O6' PAZ K . 15.66 -11.41 9.89
N PAZ K . 17.25 -13.03 9.73
C8 PAZ K . 18.29 -12.14 9.13
C9 PAZ K . 18.93 -12.83 7.92
C PAZ K . 19.73 -14.07 8.23
O PAZ K . 20.65 -14.35 7.41
OXT PAZ K . 19.46 -14.75 9.25
O8 PAZ L . -0.11 -16.48 -15.66
P1 PAZ L . -0.01 -16.26 -14.14
O6 PAZ L . 1.21 -16.86 -13.46
O7 PAZ L . -0.23 -14.77 -13.90
O2 PAZ L . -1.32 -17.13 -13.62
C2 PAZ L . -1.50 -18.37 -12.87
C1 PAZ L . -2.75 -18.39 -11.94
C4 PAZ L . -2.38 -19.70 -11.30
C3 PAZ L . -2.31 -17.07 -11.36
C5 PAZ L . -3.81 -18.46 -13.04
O5' PAZ L . -3.85 -19.71 -13.74
C6 PAZ L . -5.13 -18.31 -12.33
O6' PAZ L . -5.51 -17.09 -11.96
N PAZ L . -5.89 -19.34 -12.09
C8 PAZ L . -7.21 -19.35 -11.46
C9 PAZ L . -7.28 -20.44 -10.39
C PAZ L . -7.15 -21.87 -10.88
O PAZ L . -7.62 -22.79 -10.14
OXT PAZ L . -6.58 -22.13 -11.97
O8 PAZ M . -19.80 -6.69 9.02
P1 PAZ M . -19.22 -6.11 7.74
O6 PAZ M . -19.92 -4.81 7.26
O7 PAZ M . -17.70 -6.03 7.94
O2 PAZ M . -19.68 -7.27 6.64
C2 PAZ M . -20.54 -7.20 5.48
C1 PAZ M . -20.16 -8.15 4.29
C4 PAZ M . -21.25 -7.77 3.38
C3 PAZ M . -18.96 -7.53 3.78
C5 PAZ M . -20.30 -9.49 4.91
O5' PAZ M . -21.67 -9.85 5.12
C6 PAZ M . -19.73 -10.52 3.94
O6' PAZ M . -18.42 -10.68 3.85
N PAZ M . -20.50 -11.22 3.19
C8 PAZ M . -20.10 -12.27 2.25
C9 PAZ M . -20.85 -12.17 0.92
C PAZ M . -22.35 -12.28 0.94
O PAZ M . -22.92 -12.49 -0.15
OXT PAZ M . -22.99 -12.11 2.00
O8 PAZ N . -12.27 13.26 -13.69
P1 PAZ N . -12.26 12.49 -12.37
O6 PAZ N . -13.47 11.57 -12.20
O7 PAZ N . -10.89 11.82 -12.24
O2 PAZ N . -12.49 13.73 -11.31
C2 PAZ N . -13.66 14.16 -10.56
C1 PAZ N . -13.28 14.95 -9.25
C4 PAZ N . -14.63 15.04 -8.66
C3 PAZ N . -12.16 14.09 -8.60
C5 PAZ N . -12.66 16.17 -9.84
O5' PAZ N . -13.60 17.10 -10.38
C6 PAZ N . -11.97 16.92 -8.69
O6' PAZ N . -10.77 16.57 -8.28
N PAZ N . -12.54 17.93 -8.14
C8 PAZ N . -11.98 18.79 -7.08
C9 PAZ N . -13.02 19.04 -5.99
C PAZ N . -14.28 19.74 -6.41
O PAZ N . -14.98 20.22 -5.46
OXT PAZ N . -14.61 19.80 -7.62
#